data_5R4I
# 
_entry.id   5R4I 
# 
_audit_conform.dict_name       mmcif_pdbx.dic 
_audit_conform.dict_version    5.387 
_audit_conform.dict_location   http://mmcif.pdb.org/dictionaries/ascii/mmcif_pdbx.dic 
# 
loop_
_database_2.database_id 
_database_2.database_code 
_database_2.pdbx_database_accession 
_database_2.pdbx_DOI 
PDB   5R4I         pdb_00005r4i 10.2210/pdb5r4i/pdb 
WWPDB D_1001402759 ?            ?                   
# 
loop_
_pdbx_audit_revision_history.ordinal 
_pdbx_audit_revision_history.data_content_type 
_pdbx_audit_revision_history.major_revision 
_pdbx_audit_revision_history.minor_revision 
_pdbx_audit_revision_history.revision_date 
1 'Structure model' 1 0 2020-04-01 
2 'Structure model' 1 1 2024-03-06 
# 
_pdbx_audit_revision_details.ordinal             1 
_pdbx_audit_revision_details.revision_ordinal    1 
_pdbx_audit_revision_details.data_content_type   'Structure model' 
_pdbx_audit_revision_details.provider            repository 
_pdbx_audit_revision_details.type                'Initial release' 
_pdbx_audit_revision_details.description         ? 
_pdbx_audit_revision_details.details             ? 
# 
loop_
_pdbx_audit_revision_group.ordinal 
_pdbx_audit_revision_group.revision_ordinal 
_pdbx_audit_revision_group.data_content_type 
_pdbx_audit_revision_group.group 
1 2 'Structure model' 'Data collection'     
2 2 'Structure model' 'Database references' 
# 
loop_
_pdbx_audit_revision_category.ordinal 
_pdbx_audit_revision_category.revision_ordinal 
_pdbx_audit_revision_category.data_content_type 
_pdbx_audit_revision_category.category 
1 2 'Structure model' chem_comp_atom 
2 2 'Structure model' chem_comp_bond 
3 2 'Structure model' database_2     
# 
loop_
_pdbx_audit_revision_item.ordinal 
_pdbx_audit_revision_item.revision_ordinal 
_pdbx_audit_revision_item.data_content_type 
_pdbx_audit_revision_item.item 
1 2 'Structure model' '_database_2.pdbx_DOI'                
2 2 'Structure model' '_database_2.pdbx_database_accession' 
# 
_pdbx_database_status.entry_id                        5R4I 
_pdbx_database_status.status_code                     REL 
_pdbx_database_status.status_code_sf                  REL 
_pdbx_database_status.status_code_mr                  ? 
_pdbx_database_status.status_code_cs                  ? 
_pdbx_database_status.recvd_initial_deposition_date   2020-02-24 
_pdbx_database_status.deposit_site                    RCSB 
_pdbx_database_status.process_site                    RCSB 
_pdbx_database_status.SG_entry                        ? 
_pdbx_database_status.pdb_format_compatible           Y 
_pdbx_database_status.methods_development_category    ? 
_pdbx_database_status.status_code_nmr_data            ? 
# 
loop_
_audit_author.name 
_audit_author.pdbx_ordinal 
_audit_author.identifier_ORCID 
'Talon, R.'        1  ? 
'Krojer, T.'       2  ? 
'Fairhead, M.'     3  ? 
'Sethi, R.'        4  ? 
'Bradley, A.R.'    5  ? 
'Aimon, A.'        6  ? 
'Collins, P.'      7  ? 
'Brandao-Neto, J.' 8  ? 
'Douangamath, A.'  9  ? 
'Wright, N.'       10 ? 
'MacLean, E.'      11 ? 
'Renjie, Z.'       12 ? 
'Dias, A.'         13 ? 
'Brennan, P.E.'    14 ? 
'Bountra, C.'      15 ? 
'Arrowsmith, C.H.' 16 ? 
'Edwards, A.'      17 ? 
'von Delft, F.'    18 ? 
# 
_citation.id                        primary 
_citation.title                     'PanDDA analysis group deposition' 
_citation.journal_abbrev            'To Be Published' 
_citation.journal_volume            ? 
_citation.page_first                ? 
_citation.page_last                 ? 
_citation.year                      ? 
_citation.journal_id_ASTM           ? 
_citation.country                   ? 
_citation.journal_id_ISSN           ? 
_citation.journal_id_CSD            0353 
_citation.book_publisher            ? 
_citation.pdbx_database_id_PubMed   ? 
_citation.pdbx_database_id_DOI      ? 
# 
loop_
_citation_author.citation_id 
_citation_author.name 
_citation_author.identifier_ORCID 
_citation_author.ordinal 
primary 'Talon, R.'        ? 1  
primary 'Krojer, T.'       ? 2  
primary 'Fairhead, M.'     ? 3  
primary 'Sethi, R.'        ? 4  
primary 'Bradley, A.R.'    ? 5  
primary 'Aimon, A.'        ? 6  
primary 'Collins, P.'      ? 7  
primary 'Brandao-Neto, J.' ? 8  
primary 'Douangamath, A.'  ? 9  
primary 'Wright, N.'       ? 10 
primary 'MacLean, E.'      ? 11 
primary 'Renjie, Z.'       ? 12 
primary 'Dias, A.'         ? 13 
primary 'Brennan, P.E.'    ? 14 
primary 'Bountra, C.'      ? 15 
primary 'Arrowsmith, C.H.' ? 16 
primary 'Edwards, A.'      ? 17 
primary 'von Delft, F.'    ? 18 
# 
loop_
_entity.id 
_entity.type 
_entity.src_method 
_entity.pdbx_description 
_entity.formula_weight 
_entity.pdbx_number_of_molecules 
_entity.pdbx_ec 
_entity.pdbx_mutation 
_entity.pdbx_fragment 
_entity.details 
1 polymer     man 'Nucleosome-remodeling factor subunit BPTF'          14455.415 1   ? ? ? ? 
2 non-polymer syn 'DIMETHYL SULFOXIDE'                                 78.133    1   ? ? ? ? 
3 non-polymer syn 2-AMINO-2-HYDROXYMETHYL-PROPANE-1,3-DIOL             122.143   1   ? ? ? ? 
4 non-polymer syn '4-(acetylamino)-N-(4H-1,2,4-triazol-4-yl)benzamide' 245.237   1   ? ? ? ? 
5 water       nat water                                                18.015    154 ? ? ? ? 
# 
_entity_name_com.entity_id   1 
_entity_name_com.name        
'Bromodomain and PHD finger-containing transcription factor,Fetal Alz-50 clone 1 protein,Fetal Alzheimer antigen' 
# 
_entity_poly.entity_id                      1 
_entity_poly.type                           'polypeptide(L)' 
_entity_poly.nstd_linkage                   no 
_entity_poly.nstd_monomer                   no 
_entity_poly.pdbx_seq_one_letter_code       
;SMSTEDAMTVLTPLTEKDYEGLKRVLRSLQAHKMAWPFLEPVDPNDAPDYYGVIKEPMDLATMEERVQRRYYEKLTEFVA
DMTKIFDNCRYYNPSDSPFYQCAEVLESFFVQKLKGFKASRSH
;
_entity_poly.pdbx_seq_one_letter_code_can   
;SMSTEDAMTVLTPLTEKDYEGLKRVLRSLQAHKMAWPFLEPVDPNDAPDYYGVIKEPMDLATMEERVQRRYYEKLTEFVA
DMTKIFDNCRYYNPSDSPFYQCAEVLESFFVQKLKGFKASRSH
;
_entity_poly.pdbx_strand_id                 A 
_entity_poly.pdbx_target_identifier         ? 
# 
loop_
_pdbx_entity_nonpoly.entity_id 
_pdbx_entity_nonpoly.name 
_pdbx_entity_nonpoly.comp_id 
2 'DIMETHYL SULFOXIDE'                                 DMS 
3 2-AMINO-2-HYDROXYMETHYL-PROPANE-1,3-DIOL             TRS 
4 '4-(acetylamino)-N-(4H-1,2,4-triazol-4-yl)benzamide' RUV 
5 water                                                HOH 
# 
loop_
_entity_poly_seq.entity_id 
_entity_poly_seq.num 
_entity_poly_seq.mon_id 
_entity_poly_seq.hetero 
1 1   SER n 
1 2   MET n 
1 3   SER n 
1 4   THR n 
1 5   GLU n 
1 6   ASP n 
1 7   ALA n 
1 8   MET n 
1 9   THR n 
1 10  VAL n 
1 11  LEU n 
1 12  THR n 
1 13  PRO n 
1 14  LEU n 
1 15  THR n 
1 16  GLU n 
1 17  LYS n 
1 18  ASP n 
1 19  TYR n 
1 20  GLU n 
1 21  GLY n 
1 22  LEU n 
1 23  LYS n 
1 24  ARG n 
1 25  VAL n 
1 26  LEU n 
1 27  ARG n 
1 28  SER n 
1 29  LEU n 
1 30  GLN n 
1 31  ALA n 
1 32  HIS n 
1 33  LYS n 
1 34  MET n 
1 35  ALA n 
1 36  TRP n 
1 37  PRO n 
1 38  PHE n 
1 39  LEU n 
1 40  GLU n 
1 41  PRO n 
1 42  VAL n 
1 43  ASP n 
1 44  PRO n 
1 45  ASN n 
1 46  ASP n 
1 47  ALA n 
1 48  PRO n 
1 49  ASP n 
1 50  TYR n 
1 51  TYR n 
1 52  GLY n 
1 53  VAL n 
1 54  ILE n 
1 55  LYS n 
1 56  GLU n 
1 57  PRO n 
1 58  MET n 
1 59  ASP n 
1 60  LEU n 
1 61  ALA n 
1 62  THR n 
1 63  MET n 
1 64  GLU n 
1 65  GLU n 
1 66  ARG n 
1 67  VAL n 
1 68  GLN n 
1 69  ARG n 
1 70  ARG n 
1 71  TYR n 
1 72  TYR n 
1 73  GLU n 
1 74  LYS n 
1 75  LEU n 
1 76  THR n 
1 77  GLU n 
1 78  PHE n 
1 79  VAL n 
1 80  ALA n 
1 81  ASP n 
1 82  MET n 
1 83  THR n 
1 84  LYS n 
1 85  ILE n 
1 86  PHE n 
1 87  ASP n 
1 88  ASN n 
1 89  CYS n 
1 90  ARG n 
1 91  TYR n 
1 92  TYR n 
1 93  ASN n 
1 94  PRO n 
1 95  SER n 
1 96  ASP n 
1 97  SER n 
1 98  PRO n 
1 99  PHE n 
1 100 TYR n 
1 101 GLN n 
1 102 CYS n 
1 103 ALA n 
1 104 GLU n 
1 105 VAL n 
1 106 LEU n 
1 107 GLU n 
1 108 SER n 
1 109 PHE n 
1 110 PHE n 
1 111 VAL n 
1 112 GLN n 
1 113 LYS n 
1 114 LEU n 
1 115 LYS n 
1 116 GLY n 
1 117 PHE n 
1 118 LYS n 
1 119 ALA n 
1 120 SER n 
1 121 ARG n 
1 122 SER n 
1 123 HIS n 
# 
_entity_src_gen.entity_id                          1 
_entity_src_gen.pdbx_src_id                        1 
_entity_src_gen.pdbx_alt_source_flag               sample 
_entity_src_gen.pdbx_seq_type                      'Biological sequence' 
_entity_src_gen.pdbx_beg_seq_num                   1 
_entity_src_gen.pdbx_end_seq_num                   123 
_entity_src_gen.gene_src_common_name               Human 
_entity_src_gen.gene_src_genus                     ? 
_entity_src_gen.pdbx_gene_src_gene                 'BPTF, FAC1, FALZ' 
_entity_src_gen.gene_src_species                   ? 
_entity_src_gen.gene_src_strain                    ? 
_entity_src_gen.gene_src_tissue                    ? 
_entity_src_gen.gene_src_tissue_fraction           ? 
_entity_src_gen.gene_src_details                   ? 
_entity_src_gen.pdbx_gene_src_fragment             ? 
_entity_src_gen.pdbx_gene_src_scientific_name      'Homo sapiens' 
_entity_src_gen.pdbx_gene_src_ncbi_taxonomy_id     9606 
_entity_src_gen.pdbx_gene_src_variant              ? 
_entity_src_gen.pdbx_gene_src_cell_line            ? 
_entity_src_gen.pdbx_gene_src_atcc                 ? 
_entity_src_gen.pdbx_gene_src_organ                ? 
_entity_src_gen.pdbx_gene_src_organelle            ? 
_entity_src_gen.pdbx_gene_src_cell                 ? 
_entity_src_gen.pdbx_gene_src_cellular_location    ? 
_entity_src_gen.host_org_common_name               ? 
_entity_src_gen.pdbx_host_org_scientific_name      'Escherichia coli' 
_entity_src_gen.pdbx_host_org_ncbi_taxonomy_id     562 
_entity_src_gen.host_org_genus                     ? 
_entity_src_gen.pdbx_host_org_gene                 ? 
_entity_src_gen.pdbx_host_org_organ                ? 
_entity_src_gen.host_org_species                   ? 
_entity_src_gen.pdbx_host_org_tissue               ? 
_entity_src_gen.pdbx_host_org_tissue_fraction      ? 
_entity_src_gen.pdbx_host_org_strain               ? 
_entity_src_gen.pdbx_host_org_variant              ? 
_entity_src_gen.pdbx_host_org_cell_line            ? 
_entity_src_gen.pdbx_host_org_atcc                 ? 
_entity_src_gen.pdbx_host_org_culture_collection   ? 
_entity_src_gen.pdbx_host_org_cell                 ? 
_entity_src_gen.pdbx_host_org_organelle            ? 
_entity_src_gen.pdbx_host_org_cellular_location    ? 
_entity_src_gen.pdbx_host_org_vector_type          ? 
_entity_src_gen.pdbx_host_org_vector               ? 
_entity_src_gen.host_org_details                   ? 
_entity_src_gen.expression_system_id               ? 
_entity_src_gen.plasmid_name                       ? 
_entity_src_gen.plasmid_details                    ? 
_entity_src_gen.pdbx_description                   ? 
# 
loop_
_chem_comp.id 
_chem_comp.type 
_chem_comp.mon_nstd_flag 
_chem_comp.name 
_chem_comp.pdbx_synonyms 
_chem_comp.formula 
_chem_comp.formula_weight 
ALA 'L-peptide linking' y ALANINE                                              ?             'C3 H7 N O2'     89.093  
ARG 'L-peptide linking' y ARGININE                                             ?             'C6 H15 N4 O2 1' 175.209 
ASN 'L-peptide linking' y ASPARAGINE                                           ?             'C4 H8 N2 O3'    132.118 
ASP 'L-peptide linking' y 'ASPARTIC ACID'                                      ?             'C4 H7 N O4'     133.103 
CYS 'L-peptide linking' y CYSTEINE                                             ?             'C3 H7 N O2 S'   121.158 
DMS non-polymer         . 'DIMETHYL SULFOXIDE'                                 ?             'C2 H6 O S'      78.133  
GLN 'L-peptide linking' y GLUTAMINE                                            ?             'C5 H10 N2 O3'   146.144 
GLU 'L-peptide linking' y 'GLUTAMIC ACID'                                      ?             'C5 H9 N O4'     147.129 
GLY 'peptide linking'   y GLYCINE                                              ?             'C2 H5 N O2'     75.067  
HIS 'L-peptide linking' y HISTIDINE                                            ?             'C6 H10 N3 O2 1' 156.162 
HOH non-polymer         . WATER                                                ?             'H2 O'           18.015  
ILE 'L-peptide linking' y ISOLEUCINE                                           ?             'C6 H13 N O2'    131.173 
LEU 'L-peptide linking' y LEUCINE                                              ?             'C6 H13 N O2'    131.173 
LYS 'L-peptide linking' y LYSINE                                               ?             'C6 H15 N2 O2 1' 147.195 
MET 'L-peptide linking' y METHIONINE                                           ?             'C5 H11 N O2 S'  149.211 
PHE 'L-peptide linking' y PHENYLALANINE                                        ?             'C9 H11 N O2'    165.189 
PRO 'L-peptide linking' y PROLINE                                              ?             'C5 H9 N O2'     115.130 
RUV non-polymer         . '4-(acetylamino)-N-(4H-1,2,4-triazol-4-yl)benzamide' ?             'C11 H11 N5 O2'  245.237 
SER 'L-peptide linking' y SERINE                                               ?             'C3 H7 N O3'     105.093 
THR 'L-peptide linking' y THREONINE                                            ?             'C4 H9 N O3'     119.119 
TRP 'L-peptide linking' y TRYPTOPHAN                                           ?             'C11 H12 N2 O2'  204.225 
TRS non-polymer         . 2-AMINO-2-HYDROXYMETHYL-PROPANE-1,3-DIOL             'TRIS BUFFER' 'C4 H12 N O3 1'  122.143 
TYR 'L-peptide linking' y TYROSINE                                             ?             'C9 H11 N O3'    181.189 
VAL 'L-peptide linking' y VALINE                                               ?             'C5 H11 N O2'    117.146 
# 
loop_
_pdbx_poly_seq_scheme.asym_id 
_pdbx_poly_seq_scheme.entity_id 
_pdbx_poly_seq_scheme.seq_id 
_pdbx_poly_seq_scheme.mon_id 
_pdbx_poly_seq_scheme.ndb_seq_num 
_pdbx_poly_seq_scheme.pdb_seq_num 
_pdbx_poly_seq_scheme.auth_seq_num 
_pdbx_poly_seq_scheme.pdb_mon_id 
_pdbx_poly_seq_scheme.auth_mon_id 
_pdbx_poly_seq_scheme.pdb_strand_id 
_pdbx_poly_seq_scheme.pdb_ins_code 
_pdbx_poly_seq_scheme.hetero 
A 1 1   SER 1   2789 ?    ?   ?   A . n 
A 1 2   MET 2   2790 ?    ?   ?   A . n 
A 1 3   SER 3   2791 ?    ?   ?   A . n 
A 1 4   THR 4   2792 ?    ?   ?   A . n 
A 1 5   GLU 5   2793 2793 GLU GLU A . n 
A 1 6   ASP 6   2794 2794 ASP ASP A . n 
A 1 7   ALA 7   2795 2795 ALA ALA A . n 
A 1 8   MET 8   2796 2796 MET MET A . n 
A 1 9   THR 9   2797 2797 THR THR A . n 
A 1 10  VAL 10  2798 2798 VAL VAL A . n 
A 1 11  LEU 11  2799 2799 LEU LEU A . n 
A 1 12  THR 12  2800 2800 THR THR A . n 
A 1 13  PRO 13  2801 2801 PRO PRO A . n 
A 1 14  LEU 14  2802 2802 LEU LEU A . n 
A 1 15  THR 15  2803 2803 THR THR A . n 
A 1 16  GLU 16  2804 2804 GLU GLU A . n 
A 1 17  LYS 17  2805 2805 LYS LYS A . n 
A 1 18  ASP 18  2806 2806 ASP ASP A . n 
A 1 19  TYR 19  2807 2807 TYR TYR A . n 
A 1 20  GLU 20  2808 2808 GLU GLU A . n 
A 1 21  GLY 21  2809 2809 GLY GLY A . n 
A 1 22  LEU 22  2810 2810 LEU LEU A . n 
A 1 23  LYS 23  2811 2811 LYS LYS A . n 
A 1 24  ARG 24  2812 2812 ARG ARG A . n 
A 1 25  VAL 25  2813 2813 VAL VAL A . n 
A 1 26  LEU 26  2814 2814 LEU LEU A . n 
A 1 27  ARG 27  2815 2815 ARG ARG A . n 
A 1 28  SER 28  2816 2816 SER SER A . n 
A 1 29  LEU 29  2817 2817 LEU LEU A . n 
A 1 30  GLN 30  2818 2818 GLN GLN A . n 
A 1 31  ALA 31  2819 2819 ALA ALA A . n 
A 1 32  HIS 32  2820 2820 HIS HIS A . n 
A 1 33  LYS 33  2821 2821 LYS LYS A . n 
A 1 34  MET 34  2822 2822 MET MET A . n 
A 1 35  ALA 35  2823 2823 ALA ALA A . n 
A 1 36  TRP 36  2824 2824 TRP TRP A . n 
A 1 37  PRO 37  2825 2825 PRO PRO A . n 
A 1 38  PHE 38  2826 2826 PHE PHE A . n 
A 1 39  LEU 39  2827 2827 LEU LEU A . n 
A 1 40  GLU 40  2828 2828 GLU GLU A . n 
A 1 41  PRO 41  2829 2829 PRO PRO A . n 
A 1 42  VAL 42  2830 2830 VAL VAL A . n 
A 1 43  ASP 43  2831 2831 ASP ASP A . n 
A 1 44  PRO 44  2832 2832 PRO PRO A . n 
A 1 45  ASN 45  2833 2833 ASN ASN A . n 
A 1 46  ASP 46  2834 2834 ASP ASP A . n 
A 1 47  ALA 47  2835 2835 ALA ALA A . n 
A 1 48  PRO 48  2836 2836 PRO PRO A . n 
A 1 49  ASP 49  2837 2837 ASP ASP A . n 
A 1 50  TYR 50  2838 2838 TYR TYR A . n 
A 1 51  TYR 51  2839 2839 TYR TYR A . n 
A 1 52  GLY 52  2840 2840 GLY GLY A . n 
A 1 53  VAL 53  2841 2841 VAL VAL A . n 
A 1 54  ILE 54  2842 2842 ILE ILE A . n 
A 1 55  LYS 55  2843 2843 LYS LYS A . n 
A 1 56  GLU 56  2844 2844 GLU GLU A . n 
A 1 57  PRO 57  2845 2845 PRO PRO A . n 
A 1 58  MET 58  2846 2846 MET MET A . n 
A 1 59  ASP 59  2847 2847 ASP ASP A . n 
A 1 60  LEU 60  2848 2848 LEU LEU A . n 
A 1 61  ALA 61  2849 2849 ALA ALA A . n 
A 1 62  THR 62  2850 2850 THR THR A . n 
A 1 63  MET 63  2851 2851 MET MET A . n 
A 1 64  GLU 64  2852 2852 GLU GLU A . n 
A 1 65  GLU 65  2853 2853 GLU GLU A . n 
A 1 66  ARG 66  2854 2854 ARG ARG A . n 
A 1 67  VAL 67  2855 2855 VAL VAL A . n 
A 1 68  GLN 68  2856 2856 GLN GLN A . n 
A 1 69  ARG 69  2857 2857 ARG ARG A . n 
A 1 70  ARG 70  2858 2858 ARG ARG A . n 
A 1 71  TYR 71  2859 2859 TYR TYR A . n 
A 1 72  TYR 72  2860 2860 TYR TYR A . n 
A 1 73  GLU 73  2861 2861 GLU GLU A . n 
A 1 74  LYS 74  2862 2862 LYS LYS A . n 
A 1 75  LEU 75  2863 2863 LEU LEU A . n 
A 1 76  THR 76  2864 2864 THR THR A . n 
A 1 77  GLU 77  2865 2865 GLU GLU A . n 
A 1 78  PHE 78  2866 2866 PHE PHE A . n 
A 1 79  VAL 79  2867 2867 VAL VAL A . n 
A 1 80  ALA 80  2868 2868 ALA ALA A . n 
A 1 81  ASP 81  2869 2869 ASP ASP A . n 
A 1 82  MET 82  2870 2870 MET MET A . n 
A 1 83  THR 83  2871 2871 THR THR A . n 
A 1 84  LYS 84  2872 2872 LYS LYS A . n 
A 1 85  ILE 85  2873 2873 ILE ILE A . n 
A 1 86  PHE 86  2874 2874 PHE PHE A . n 
A 1 87  ASP 87  2875 2875 ASP ASP A . n 
A 1 88  ASN 88  2876 2876 ASN ASN A . n 
A 1 89  CYS 89  2877 2877 CYS CYS A . n 
A 1 90  ARG 90  2878 2878 ARG ARG A . n 
A 1 91  TYR 91  2879 2879 TYR TYR A . n 
A 1 92  TYR 92  2880 2880 TYR TYR A . n 
A 1 93  ASN 93  2881 2881 ASN ASN A . n 
A 1 94  PRO 94  2882 2882 PRO PRO A . n 
A 1 95  SER 95  2883 2883 SER SER A . n 
A 1 96  ASP 96  2884 2884 ASP ASP A . n 
A 1 97  SER 97  2885 2885 SER SER A . n 
A 1 98  PRO 98  2886 2886 PRO PRO A . n 
A 1 99  PHE 99  2887 2887 PHE PHE A . n 
A 1 100 TYR 100 2888 2888 TYR TYR A . n 
A 1 101 GLN 101 2889 2889 GLN GLN A . n 
A 1 102 CYS 102 2890 2890 CYS CYS A . n 
A 1 103 ALA 103 2891 2891 ALA ALA A . n 
A 1 104 GLU 104 2892 2892 GLU GLU A . n 
A 1 105 VAL 105 2893 2893 VAL VAL A . n 
A 1 106 LEU 106 2894 2894 LEU LEU A . n 
A 1 107 GLU 107 2895 2895 GLU GLU A . n 
A 1 108 SER 108 2896 2896 SER SER A . n 
A 1 109 PHE 109 2897 2897 PHE PHE A . n 
A 1 110 PHE 110 2898 2898 PHE PHE A . n 
A 1 111 VAL 111 2899 2899 VAL VAL A . n 
A 1 112 GLN 112 2900 2900 GLN GLN A . n 
A 1 113 LYS 113 2901 2901 LYS LYS A . n 
A 1 114 LEU 114 2902 2902 LEU LEU A . n 
A 1 115 LYS 115 2903 2903 LYS LYS A . n 
A 1 116 GLY 116 2904 2904 GLY GLY A . n 
A 1 117 PHE 117 2905 2905 PHE PHE A . n 
A 1 118 LYS 118 2906 2906 LYS LYS A . n 
A 1 119 ALA 119 2907 2907 ALA ALA A . n 
A 1 120 SER 120 2908 2908 SER SER A . n 
A 1 121 ARG 121 2909 2909 ARG ARG A . n 
A 1 122 SER 122 2910 2910 SER SER A . n 
A 1 123 HIS 123 2911 2911 HIS HIS A . n 
# 
loop_
_pdbx_nonpoly_scheme.asym_id 
_pdbx_nonpoly_scheme.entity_id 
_pdbx_nonpoly_scheme.mon_id 
_pdbx_nonpoly_scheme.ndb_seq_num 
_pdbx_nonpoly_scheme.pdb_seq_num 
_pdbx_nonpoly_scheme.auth_seq_num 
_pdbx_nonpoly_scheme.pdb_mon_id 
_pdbx_nonpoly_scheme.auth_mon_id 
_pdbx_nonpoly_scheme.pdb_strand_id 
_pdbx_nonpoly_scheme.pdb_ins_code 
B 2 DMS 1   3001 2   DMS DMS A . 
C 3 TRS 1   3002 1   TRS TRS A . 
D 4 RUV 1   3003 1   RUV LIG A . 
E 5 HOH 1   3101 40  HOH HOH A . 
E 5 HOH 2   3102 147 HOH HOH A . 
E 5 HOH 3   3103 101 HOH HOH A . 
E 5 HOH 4   3104 37  HOH HOH A . 
E 5 HOH 5   3105 153 HOH HOH A . 
E 5 HOH 6   3106 103 HOH HOH A . 
E 5 HOH 7   3107 1   HOH HOH A . 
E 5 HOH 8   3108 170 HOH HOH A . 
E 5 HOH 9   3109 77  HOH HOH A . 
E 5 HOH 10  3110 33  HOH HOH A . 
E 5 HOH 11  3111 23  HOH HOH A . 
E 5 HOH 12  3112 81  HOH HOH A . 
E 5 HOH 13  3113 166 HOH HOH A . 
E 5 HOH 14  3114 25  HOH HOH A . 
E 5 HOH 15  3115 122 HOH HOH A . 
E 5 HOH 16  3116 34  HOH HOH A . 
E 5 HOH 17  3117 21  HOH HOH A . 
E 5 HOH 18  3118 80  HOH HOH A . 
E 5 HOH 19  3119 98  HOH HOH A . 
E 5 HOH 20  3120 92  HOH HOH A . 
E 5 HOH 21  3121 68  HOH HOH A . 
E 5 HOH 22  3122 19  HOH HOH A . 
E 5 HOH 23  3123 52  HOH HOH A . 
E 5 HOH 24  3124 78  HOH HOH A . 
E 5 HOH 25  3125 102 HOH HOH A . 
E 5 HOH 26  3126 20  HOH HOH A . 
E 5 HOH 27  3127 8   HOH HOH A . 
E 5 HOH 28  3128 38  HOH HOH A . 
E 5 HOH 29  3129 44  HOH HOH A . 
E 5 HOH 30  3130 53  HOH HOH A . 
E 5 HOH 31  3131 126 HOH HOH A . 
E 5 HOH 32  3132 29  HOH HOH A . 
E 5 HOH 33  3133 54  HOH HOH A . 
E 5 HOH 34  3134 116 HOH HOH A . 
E 5 HOH 35  3135 162 HOH HOH A . 
E 5 HOH 36  3136 117 HOH HOH A . 
E 5 HOH 37  3137 125 HOH HOH A . 
E 5 HOH 38  3138 66  HOH HOH A . 
E 5 HOH 39  3139 59  HOH HOH A . 
E 5 HOH 40  3140 71  HOH HOH A . 
E 5 HOH 41  3141 12  HOH HOH A . 
E 5 HOH 42  3142 113 HOH HOH A . 
E 5 HOH 43  3143 111 HOH HOH A . 
E 5 HOH 44  3144 69  HOH HOH A . 
E 5 HOH 45  3145 91  HOH HOH A . 
E 5 HOH 46  3146 4   HOH HOH A . 
E 5 HOH 47  3147 46  HOH HOH A . 
E 5 HOH 48  3148 62  HOH HOH A . 
E 5 HOH 49  3149 141 HOH HOH A . 
E 5 HOH 50  3150 36  HOH HOH A . 
E 5 HOH 51  3151 134 HOH HOH A . 
E 5 HOH 52  3152 39  HOH HOH A . 
E 5 HOH 53  3153 50  HOH HOH A . 
E 5 HOH 54  3154 160 HOH HOH A . 
E 5 HOH 55  3155 9   HOH HOH A . 
E 5 HOH 56  3156 45  HOH HOH A . 
E 5 HOH 57  3157 106 HOH HOH A . 
E 5 HOH 58  3158 64  HOH HOH A . 
E 5 HOH 59  3159 13  HOH HOH A . 
E 5 HOH 60  3160 104 HOH HOH A . 
E 5 HOH 61  3161 135 HOH HOH A . 
E 5 HOH 62  3162 82  HOH HOH A . 
E 5 HOH 63  3163 128 HOH HOH A . 
E 5 HOH 64  3164 150 HOH HOH A . 
E 5 HOH 65  3165 94  HOH HOH A . 
E 5 HOH 66  3166 26  HOH HOH A . 
E 5 HOH 67  3167 16  HOH HOH A . 
E 5 HOH 68  3168 163 HOH HOH A . 
E 5 HOH 69  3169 72  HOH HOH A . 
E 5 HOH 70  3170 31  HOH HOH A . 
E 5 HOH 71  3171 18  HOH HOH A . 
E 5 HOH 72  3172 151 HOH HOH A . 
E 5 HOH 73  3173 60  HOH HOH A . 
E 5 HOH 74  3174 131 HOH HOH A . 
E 5 HOH 75  3175 17  HOH HOH A . 
E 5 HOH 76  3176 22  HOH HOH A . 
E 5 HOH 77  3177 65  HOH HOH A . 
E 5 HOH 78  3178 118 HOH HOH A . 
E 5 HOH 79  3179 11  HOH HOH A . 
E 5 HOH 80  3180 61  HOH HOH A . 
E 5 HOH 81  3181 95  HOH HOH A . 
E 5 HOH 82  3182 145 HOH HOH A . 
E 5 HOH 83  3183 24  HOH HOH A . 
E 5 HOH 84  3184 142 HOH HOH A . 
E 5 HOH 85  3185 48  HOH HOH A . 
E 5 HOH 86  3186 5   HOH HOH A . 
E 5 HOH 87  3187 79  HOH HOH A . 
E 5 HOH 88  3188 146 HOH HOH A . 
E 5 HOH 89  3189 124 HOH HOH A . 
E 5 HOH 90  3190 27  HOH HOH A . 
E 5 HOH 91  3191 149 HOH HOH A . 
E 5 HOH 92  3192 14  HOH HOH A . 
E 5 HOH 93  3193 144 HOH HOH A . 
E 5 HOH 94  3194 32  HOH HOH A . 
E 5 HOH 95  3195 15  HOH HOH A . 
E 5 HOH 96  3196 3   HOH HOH A . 
E 5 HOH 97  3197 42  HOH HOH A . 
E 5 HOH 98  3198 6   HOH HOH A . 
E 5 HOH 99  3199 156 HOH HOH A . 
E 5 HOH 100 3200 51  HOH HOH A . 
E 5 HOH 101 3201 161 HOH HOH A . 
E 5 HOH 102 3202 120 HOH HOH A . 
E 5 HOH 103 3203 47  HOH HOH A . 
E 5 HOH 104 3204 96  HOH HOH A . 
E 5 HOH 105 3205 133 HOH HOH A . 
E 5 HOH 106 3206 7   HOH HOH A . 
E 5 HOH 107 3207 115 HOH HOH A . 
E 5 HOH 108 3208 63  HOH HOH A . 
E 5 HOH 109 3209 2   HOH HOH A . 
E 5 HOH 110 3210 89  HOH HOH A . 
E 5 HOH 111 3211 155 HOH HOH A . 
E 5 HOH 112 3212 112 HOH HOH A . 
E 5 HOH 113 3213 109 HOH HOH A . 
E 5 HOH 114 3214 148 HOH HOH A . 
E 5 HOH 115 3215 108 HOH HOH A . 
E 5 HOH 116 3216 49  HOH HOH A . 
E 5 HOH 117 3217 130 HOH HOH A . 
E 5 HOH 118 3218 35  HOH HOH A . 
E 5 HOH 119 3219 83  HOH HOH A . 
E 5 HOH 120 3220 43  HOH HOH A . 
E 5 HOH 121 3221 90  HOH HOH A . 
E 5 HOH 122 3222 171 HOH HOH A . 
E 5 HOH 123 3223 67  HOH HOH A . 
E 5 HOH 124 3224 76  HOH HOH A . 
E 5 HOH 125 3225 30  HOH HOH A . 
E 5 HOH 126 3226 114 HOH HOH A . 
E 5 HOH 127 3227 73  HOH HOH A . 
E 5 HOH 128 3228 70  HOH HOH A . 
E 5 HOH 129 3229 87  HOH HOH A . 
E 5 HOH 130 3230 168 HOH HOH A . 
E 5 HOH 131 3231 157 HOH HOH A . 
E 5 HOH 132 3232 129 HOH HOH A . 
E 5 HOH 133 3233 10  HOH HOH A . 
E 5 HOH 134 3234 165 HOH HOH A . 
E 5 HOH 135 3235 107 HOH HOH A . 
E 5 HOH 136 3236 97  HOH HOH A . 
E 5 HOH 137 3237 88  HOH HOH A . 
E 5 HOH 138 3238 100 HOH HOH A . 
E 5 HOH 139 3239 57  HOH HOH A . 
E 5 HOH 140 3240 167 HOH HOH A . 
E 5 HOH 141 3241 138 HOH HOH A . 
E 5 HOH 142 3242 132 HOH HOH A . 
E 5 HOH 143 3243 136 HOH HOH A . 
E 5 HOH 144 3244 56  HOH HOH A . 
E 5 HOH 145 3245 75  HOH HOH A . 
E 5 HOH 146 3246 86  HOH HOH A . 
E 5 HOH 147 3247 152 HOH HOH A . 
E 5 HOH 148 3248 85  HOH HOH A . 
E 5 HOH 149 3249 58  HOH HOH A . 
E 5 HOH 150 3250 169 HOH HOH A . 
E 5 HOH 151 3251 139 HOH HOH A . 
E 5 HOH 152 3252 28  HOH HOH A . 
E 5 HOH 153 3253 84  HOH HOH A . 
E 5 HOH 154 3254 140 HOH HOH A . 
# 
loop_
_pdbx_unobs_or_zero_occ_atoms.id 
_pdbx_unobs_or_zero_occ_atoms.PDB_model_num 
_pdbx_unobs_or_zero_occ_atoms.polymer_flag 
_pdbx_unobs_or_zero_occ_atoms.occupancy_flag 
_pdbx_unobs_or_zero_occ_atoms.auth_asym_id 
_pdbx_unobs_or_zero_occ_atoms.auth_comp_id 
_pdbx_unobs_or_zero_occ_atoms.auth_seq_id 
_pdbx_unobs_or_zero_occ_atoms.PDB_ins_code 
_pdbx_unobs_or_zero_occ_atoms.auth_atom_id 
_pdbx_unobs_or_zero_occ_atoms.label_alt_id 
_pdbx_unobs_or_zero_occ_atoms.label_asym_id 
_pdbx_unobs_or_zero_occ_atoms.label_comp_id 
_pdbx_unobs_or_zero_occ_atoms.label_seq_id 
_pdbx_unobs_or_zero_occ_atoms.label_atom_id 
1 1 Y 1 A LYS 2843 ? CD ? A LYS 55 CD 
2 1 Y 1 A LYS 2843 ? CE ? A LYS 55 CE 
3 1 Y 1 A LYS 2843 ? NZ ? A LYS 55 NZ 
# 
loop_
_software.pdbx_ordinal 
_software.name 
_software.version 
_software.date 
_software.type 
_software.contact_author 
_software.contact_author_email 
_software.classification 
_software.location 
_software.language 
_software.citation_id 
1 REFMAC      5.8.0158 ?               program 'Garib N. Murshudov' garib@ysbl.york.ac.uk    refinement        
http://www.ccp4.ac.uk/dist/html/refmac5.html        Fortran_77 ? 
2 Aimless     0.5.31   12/12/16        program 'Phil Evans'         ?                        'data scaling'    
http://www.mrc-lmb.cam.ac.uk/harry/pre/aimless.html ?          ? 
3 PDB_EXTRACT 3.23     'SEP. 23, 2016' package PDB                  deposit@deposit.rcsb.org 'data extraction' 
http://sw-tools.pdb.org/apps/PDB_EXTRACT/           C++        ? 
4 XDS         .        ?               program ?                    ?                        'data reduction'  ? ?          ? 
5 REFMAC      .        ?               program ?                    ?                        phasing           ? ?          ? 
# 
_cell.entry_id           5R4I 
_cell.length_a           112.400 
_cell.length_b           27.440 
_cell.length_c           38.360 
_cell.angle_alpha        90.000 
_cell.angle_beta         96.450 
_cell.angle_gamma        90.000 
_cell.Z_PDB              4 
_cell.pdbx_unique_axis   ? 
# 
_symmetry.entry_id                         5R4I 
_symmetry.Int_Tables_number                5 
_symmetry.space_group_name_H-M             'C 1 2 1' 
_symmetry.pdbx_full_space_group_name_H-M   ? 
_symmetry.cell_setting                     ? 
# 
_exptl.crystals_number   1 
_exptl.entry_id          5R4I 
_exptl.method            'X-RAY DIFFRACTION' 
# 
_exptl_crystal.id                    1 
_exptl_crystal.pdbx_mosaicity        0.000 
_exptl_crystal.pdbx_mosaicity_esd    ? 
_exptl_crystal.density_Matthews      2.03 
_exptl_crystal.density_diffrn        ? 
_exptl_crystal.density_meas          ? 
_exptl_crystal.density_meas_temp     ? 
_exptl_crystal.density_percent_sol   39.50 
_exptl_crystal.size_max              ? 
_exptl_crystal.size_mid              ? 
_exptl_crystal.size_min              ? 
_exptl_crystal.size_rad              ? 
_exptl_crystal.description           ? 
# 
_exptl_crystal_grow.crystal_id      1 
_exptl_crystal_grow.method          'VAPOR DIFFUSION, SITTING DROP' 
_exptl_crystal_grow.pH              8.5 
_exptl_crystal_grow.temp            293 
_exptl_crystal_grow.pdbx_details    '30% PEG4000, 0.1M Tris pH 8.5, 0.2M MgCl2' 
_exptl_crystal_grow.temp_details    ? 
_exptl_crystal_grow.pdbx_pH_range   ? 
# 
_diffrn.id                     1 
_diffrn.ambient_temp           100 
_diffrn.crystal_id             1 
_diffrn.ambient_temp_details   ? 
# 
_diffrn_detector.detector               PIXEL 
_diffrn_detector.type                   'DECTRIS PILATUS 6M' 
_diffrn_detector.pdbx_collection_date   2017-03-08 
_diffrn_detector.diffrn_id              1 
_diffrn_detector.details                ? 
# 
_diffrn_radiation.diffrn_id                        1 
_diffrn_radiation.wavelength_id                    1 
_diffrn_radiation.pdbx_diffrn_protocol             'SINGLE WAVELENGTH' 
_diffrn_radiation.pdbx_monochromatic_or_laue_m_l   ? 
_diffrn_radiation.monochromator                    ? 
_diffrn_radiation.pdbx_scattering_type             x-ray 
# 
_diffrn_radiation_wavelength.id           1 
_diffrn_radiation_wavelength.wavelength   0.92819 
_diffrn_radiation_wavelength.wt           1.0 
# 
_diffrn_source.diffrn_id                   1 
_diffrn_source.source                      SYNCHROTRON 
_diffrn_source.type                        'DIAMOND BEAMLINE I04-1' 
_diffrn_source.pdbx_wavelength_list        0.92819 
_diffrn_source.pdbx_synchrotron_site       Diamond 
_diffrn_source.pdbx_synchrotron_beamline   I04-1 
_diffrn_source.pdbx_wavelength             ? 
# 
_reflns.entry_id                     5R4I 
_reflns.pdbx_diffrn_id               1 
_reflns.pdbx_ordinal                 1 
_reflns.observed_criterion_sigma_I   ? 
_reflns.observed_criterion_sigma_F   ? 
_reflns.d_resolution_low             38.120 
_reflns.d_resolution_high            1.280 
_reflns.number_obs                   29940 
_reflns.number_all                   ? 
_reflns.percent_possible_obs         98.700 
_reflns.pdbx_Rmerge_I_obs            0.073 
_reflns.pdbx_Rsym_value              ? 
_reflns.pdbx_netI_over_sigmaI        8.700 
_reflns.B_iso_Wilson_estimate        ? 
_reflns.pdbx_redundancy              2.900 
_reflns.pdbx_Rrim_I_all              0.088 
_reflns.pdbx_Rpim_I_all              0.049 
_reflns.pdbx_CC_half                 0.997 
_reflns.pdbx_netI_over_av_sigmaI     ? 
_reflns.pdbx_number_measured_all     87681 
_reflns.pdbx_scaling_rejects         0 
_reflns.pdbx_chi_squared             ? 
_reflns.Rmerge_F_all                 ? 
_reflns.Rmerge_F_obs                 ? 
_reflns.observed_criterion_F_max     ? 
_reflns.observed_criterion_F_min     ? 
_reflns.observed_criterion_I_max     ? 
_reflns.observed_criterion_I_min     ? 
_reflns.pdbx_d_res_high_opt          ? 
_reflns.pdbx_d_res_low_opt           ? 
_reflns.details                      ? 
# 
loop_
_reflns_shell.pdbx_diffrn_id 
_reflns_shell.pdbx_ordinal 
_reflns_shell.d_res_high 
_reflns_shell.d_res_low 
_reflns_shell.number_measured_obs 
_reflns_shell.number_measured_all 
_reflns_shell.number_unique_obs 
_reflns_shell.pdbx_rejects 
_reflns_shell.Rmerge_I_obs 
_reflns_shell.meanI_over_sigI_obs 
_reflns_shell.pdbx_Rsym_value 
_reflns_shell.pdbx_chi_squared 
_reflns_shell.pdbx_redundancy 
_reflns_shell.percent_possible_obs 
_reflns_shell.pdbx_netI_over_sigmaI_obs 
_reflns_shell.number_possible 
_reflns_shell.number_unique_all 
_reflns_shell.Rmerge_F_all 
_reflns_shell.Rmerge_F_obs 
_reflns_shell.Rmerge_I_all 
_reflns_shell.meanI_over_sigI_all 
_reflns_shell.percent_possible_all 
_reflns_shell.pdbx_Rrim_I_all 
_reflns_shell.pdbx_Rpim_I_all 
_reflns_shell.pdbx_CC_half 
1 1 1.280 1.310  ? 4643 ? ? 0.773 ? ? ? 2.100 ? 1.000  ? 2174 ? ? ? ? 97.200 1.005 0.636 0.518 
1 2 5.720 38.120 ? 1074 ? ? 0.034 ? ? ? 3.000 ? 29.400 ? 360  ? ? ? ? 94.400 0.041 0.024 0.997 
# 
_refine.entry_id                                 5R4I 
_refine.pdbx_refine_id                           'X-RAY DIFFRACTION' 
_refine.ls_d_res_high                            1.2800 
_refine.ls_d_res_low                             55.8800 
_refine.pdbx_ls_sigma_F                          0.000 
_refine.pdbx_data_cutoff_high_absF               ? 
_refine.pdbx_data_cutoff_low_absF                ? 
_refine.ls_percent_reflns_obs                    98.5000 
_refine.ls_number_reflns_obs                     28471 
_refine.ls_number_reflns_all                     ? 
_refine.pdbx_ls_cross_valid_method               THROUGHOUT 
_refine.ls_matrix_type                           ? 
_refine.pdbx_R_Free_selection_details            RANDOM 
_refine.details                                  
'HYDROGENS HAVE BEEN ADDED IN THE RIDING POSITIONS U VALUES      : REFINED INDIVIDUALLY' 
_refine.ls_R_factor_all                          ? 
_refine.ls_R_factor_obs                          0.2113 
_refine.ls_R_factor_R_work                       0.2101 
_refine.ls_wR_factor_R_work                      ? 
_refine.ls_R_factor_R_free                       0.2326 
_refine.ls_wR_factor_R_free                      ? 
_refine.ls_percent_reflns_R_free                 4.9000 
_refine.ls_number_reflns_R_free                  1469 
_refine.ls_number_reflns_R_work                  ? 
_refine.ls_R_factor_R_free_error                 ? 
_refine.B_iso_mean                               16.5430 
_refine.solvent_model_param_bsol                 ? 
_refine.solvent_model_param_ksol                 ? 
_refine.pdbx_isotropic_thermal_model             ? 
_refine.aniso_B[1][1]                            0.0700 
_refine.aniso_B[2][2]                            -0.6800 
_refine.aniso_B[3][3]                            0.7600 
_refine.aniso_B[1][2]                            0.0000 
_refine.aniso_B[1][3]                            -0.7700 
_refine.aniso_B[2][3]                            -0.0000 
_refine.correlation_coeff_Fo_to_Fc               0.9580 
_refine.correlation_coeff_Fo_to_Fc_free          0.9480 
_refine.overall_SU_R_Cruickshank_DPI             ? 
_refine.pdbx_overall_SU_R_free_Cruickshank_DPI   ? 
_refine.pdbx_overall_SU_R_Blow_DPI               ? 
_refine.pdbx_overall_SU_R_free_Blow_DPI          ? 
_refine.overall_SU_R_free                        ? 
_refine.pdbx_overall_ESU_R                       0.0700 
_refine.pdbx_overall_ESU_R_Free                  0.0690 
_refine.overall_SU_ML                            0.0620 
_refine.overall_SU_B                             1.5440 
_refine.solvent_model_details                    MASK 
_refine.pdbx_solvent_vdw_probe_radii             1.2000 
_refine.pdbx_solvent_ion_probe_radii             0.8000 
_refine.pdbx_solvent_shrinkage_radii             0.8000 
_refine.ls_number_parameters                     ? 
_refine.ls_number_restraints                     ? 
_refine.pdbx_starting_model                      3UV2 
_refine.pdbx_method_to_determine_struct          'FOURIER SYNTHESIS' 
_refine.pdbx_stereochemistry_target_values       'MAXIMUM LIKELIHOOD' 
_refine.pdbx_stereochem_target_val_spec_case     ? 
_refine.overall_FOM_work_R_set                   ? 
_refine.B_iso_max                                77.540 
_refine.B_iso_min                                7.830 
_refine.pdbx_overall_phase_error                 ? 
_refine.occupancy_max                            ? 
_refine.occupancy_min                            ? 
_refine.pdbx_diffrn_id                           1 
_refine.pdbx_TLS_residual_ADP_flag               ? 
_refine.pdbx_ls_sigma_I                          ? 
_refine.pdbx_data_cutoff_high_rms_absF           ? 
_refine.ls_R_factor_R_free_error_details         ? 
# 
_refine_hist.cycle_id                         final 
_refine_hist.pdbx_refine_id                   'X-RAY DIFFRACTION' 
_refine_hist.d_res_high                       1.2800 
_refine_hist.d_res_low                        55.8800 
_refine_hist.pdbx_number_atoms_ligand         30 
_refine_hist.number_atoms_solvent             154 
_refine_hist.number_atoms_total               1167 
_refine_hist.pdbx_number_residues_total       119 
_refine_hist.pdbx_B_iso_mean_ligand           37.37 
_refine_hist.pdbx_B_iso_mean_solvent          27.75 
_refine_hist.pdbx_number_atoms_protein        983 
_refine_hist.pdbx_number_atoms_nucleic_acid   0 
# 
loop_
_refine_ls_restr.pdbx_refine_id 
_refine_ls_restr.type 
_refine_ls_restr.number 
_refine_ls_restr.dev_ideal 
_refine_ls_restr.dev_ideal_target 
_refine_ls_restr.weight 
_refine_ls_restr.pdbx_restraint_function 
'X-RAY DIFFRACTION' r_bond_refined_d       1524 0.008  0.019  ? ? 
'X-RAY DIFFRACTION' r_bond_other_d         1177 0.001  0.020  ? ? 
'X-RAY DIFFRACTION' r_angle_refined_deg    1832 1.445  1.987  ? ? 
'X-RAY DIFFRACTION' r_angle_other_deg      2750 0.894  2.979  ? ? 
'X-RAY DIFFRACTION' r_dihedral_angle_1_deg 172  4.249  5.000  ? ? 
'X-RAY DIFFRACTION' r_dihedral_angle_2_deg 69   34.664 23.913 ? ? 
'X-RAY DIFFRACTION' r_dihedral_angle_3_deg 229  13.087 15.000 ? ? 
'X-RAY DIFFRACTION' r_dihedral_angle_4_deg 10   17.190 15.000 ? ? 
'X-RAY DIFFRACTION' r_chiral_restr         182  0.069  0.200  ? ? 
'X-RAY DIFFRACTION' r_gen_planes_refined   1612 0.005  0.021  ? ? 
'X-RAY DIFFRACTION' r_gen_planes_other     294  0.001  0.020  ? ? 
'X-RAY DIFFRACTION' r_mcbond_it            711  0.771  1.512  ? ? 
'X-RAY DIFFRACTION' r_mcbond_other         698  0.777  1.507  ? ? 
'X-RAY DIFFRACTION' r_mcangle_it           814  1.442  2.269  ? ? 
# 
_refine_ls_shell.d_res_high                       1.2800 
_refine_ls_shell.d_res_low                        1.3130 
_refine_ls_shell.pdbx_total_number_of_bins_used   20 
_refine_ls_shell.percent_reflns_obs               96.7900 
_refine_ls_shell.number_reflns_R_work             2085 
_refine_ls_shell.R_factor_all                     ? 
_refine_ls_shell.R_factor_R_work                  0.3040 
_refine_ls_shell.R_factor_R_free                  0.3020 
_refine_ls_shell.percent_reflns_R_free            ? 
_refine_ls_shell.number_reflns_R_free             86 
_refine_ls_shell.R_factor_R_free_error            ? 
_refine_ls_shell.number_reflns_all                2171 
_refine_ls_shell.number_reflns_obs                ? 
_refine_ls_shell.pdbx_refine_id                   'X-RAY DIFFRACTION' 
_refine_ls_shell.R_factor_obs                     ? 
# 
_struct.entry_id                  5R4I 
_struct.title                     
;PanDDA analysis group deposition -- CRYSTAL STRUCTURE OF THE BROMODOMAIN OF HUMAN NUCLEOSOME-REMODELING FACTOR SUBUNIT BPTF in complex with FMOPL000443a
;
_struct.pdbx_model_details        ? 
_struct.pdbx_CASP_flag            ? 
_struct.pdbx_model_type_details   ? 
# 
_struct_keywords.entry_id        5R4I 
_struct_keywords.text            
;PanDDA, SGC - Diamond I04-1 fragment screening, XChemExplorer, BROMODOMAIN, BPTF, FALZ, FAC1, BROMODOMAIN AND PHD FINGER-CONTAINING TRANSCRIPTION FACTOR, FETAL ALZ-50 CLONE 1 PROTEIN, TRANSCRIPTION
;
_struct_keywords.pdbx_keywords   TRANSCRIPTION 
# 
loop_
_struct_asym.id 
_struct_asym.pdbx_blank_PDB_chainid_flag 
_struct_asym.pdbx_modified 
_struct_asym.entity_id 
_struct_asym.details 
A N N 1 ? 
B N N 2 ? 
C N N 3 ? 
D N N 4 ? 
E N N 5 ? 
# 
_struct_ref.id                         1 
_struct_ref.db_name                    UNP 
_struct_ref.db_code                    BPTF_HUMAN 
_struct_ref.pdbx_db_accession          Q12830 
_struct_ref.pdbx_db_isoform            ? 
_struct_ref.entity_id                  1 
_struct_ref.pdbx_seq_one_letter_code   
;STEDAMTVLTPLTEKDYEGLKRVLRSLQAHKMAWPFLEPVDPNDAPDYYGVIKEPMDLATMEERVQRRYYEKLTEFVADM
TKIFDNCRYYNPSDSPFYQCAEVLESFFVQKLKGFKASRSH
;
_struct_ref.pdbx_align_begin           2917 
# 
_struct_ref_seq.align_id                      1 
_struct_ref_seq.ref_id                        1 
_struct_ref_seq.pdbx_PDB_id_code              5R4I 
_struct_ref_seq.pdbx_strand_id                A 
_struct_ref_seq.seq_align_beg                 3 
_struct_ref_seq.pdbx_seq_align_beg_ins_code   ? 
_struct_ref_seq.seq_align_end                 123 
_struct_ref_seq.pdbx_seq_align_end_ins_code   ? 
_struct_ref_seq.pdbx_db_accession             Q12830 
_struct_ref_seq.db_align_beg                  2917 
_struct_ref_seq.pdbx_db_align_beg_ins_code    ? 
_struct_ref_seq.db_align_end                  3037 
_struct_ref_seq.pdbx_db_align_end_ins_code    ? 
_struct_ref_seq.pdbx_auth_seq_align_beg       2791 
_struct_ref_seq.pdbx_auth_seq_align_end       2911 
# 
loop_
_struct_ref_seq_dif.align_id 
_struct_ref_seq_dif.pdbx_pdb_id_code 
_struct_ref_seq_dif.mon_id 
_struct_ref_seq_dif.pdbx_pdb_strand_id 
_struct_ref_seq_dif.seq_num 
_struct_ref_seq_dif.pdbx_pdb_ins_code 
_struct_ref_seq_dif.pdbx_seq_db_name 
_struct_ref_seq_dif.pdbx_seq_db_accession_code 
_struct_ref_seq_dif.db_mon_id 
_struct_ref_seq_dif.pdbx_seq_db_seq_num 
_struct_ref_seq_dif.details 
_struct_ref_seq_dif.pdbx_auth_seq_num 
_struct_ref_seq_dif.pdbx_ordinal 
1 5R4I SER A 1 ? UNP Q12830 ? ? 'expression tag' 2789 1 
1 5R4I MET A 2 ? UNP Q12830 ? ? 'expression tag' 2790 2 
# 
_pdbx_struct_assembly.id                   1 
_pdbx_struct_assembly.details              author_and_software_defined_assembly 
_pdbx_struct_assembly.method_details       PISA 
_pdbx_struct_assembly.oligomeric_details   monomeric 
_pdbx_struct_assembly.oligomeric_count     1 
# 
_pdbx_struct_assembly_gen.assembly_id       1 
_pdbx_struct_assembly_gen.oper_expression   1 
_pdbx_struct_assembly_gen.asym_id_list      A,B,C,D,E 
# 
_pdbx_struct_oper_list.id                   1 
_pdbx_struct_oper_list.type                 'identity operation' 
_pdbx_struct_oper_list.name                 1_555 
_pdbx_struct_oper_list.symmetry_operation   x,y,z 
_pdbx_struct_oper_list.matrix[1][1]         1.0000000000 
_pdbx_struct_oper_list.matrix[1][2]         0.0000000000 
_pdbx_struct_oper_list.matrix[1][3]         0.0000000000 
_pdbx_struct_oper_list.vector[1]            0.0000000000 
_pdbx_struct_oper_list.matrix[2][1]         0.0000000000 
_pdbx_struct_oper_list.matrix[2][2]         1.0000000000 
_pdbx_struct_oper_list.matrix[2][3]         0.0000000000 
_pdbx_struct_oper_list.vector[2]            0.0000000000 
_pdbx_struct_oper_list.matrix[3][1]         0.0000000000 
_pdbx_struct_oper_list.matrix[3][2]         0.0000000000 
_pdbx_struct_oper_list.matrix[3][3]         1.0000000000 
_pdbx_struct_oper_list.vector[3]            0.0000000000 
# 
loop_
_struct_conf.conf_type_id 
_struct_conf.id 
_struct_conf.pdbx_PDB_helix_id 
_struct_conf.beg_label_comp_id 
_struct_conf.beg_label_asym_id 
_struct_conf.beg_label_seq_id 
_struct_conf.pdbx_beg_PDB_ins_code 
_struct_conf.end_label_comp_id 
_struct_conf.end_label_asym_id 
_struct_conf.end_label_seq_id 
_struct_conf.pdbx_end_PDB_ins_code 
_struct_conf.beg_auth_comp_id 
_struct_conf.beg_auth_asym_id 
_struct_conf.beg_auth_seq_id 
_struct_conf.end_auth_comp_id 
_struct_conf.end_auth_asym_id 
_struct_conf.end_auth_seq_id 
_struct_conf.pdbx_PDB_helix_class 
_struct_conf.details 
_struct_conf.pdbx_PDB_helix_length 
HELX_P HELX_P1 AA1 ASP A 6  ? THR A 12  ? ASP A 2794 THR A 2800 1 ? 7  
HELX_P HELX_P2 AA2 THR A 15 ? ALA A 31  ? THR A 2803 ALA A 2819 1 ? 17 
HELX_P HELX_P3 AA3 ALA A 35 ? LEU A 39  ? ALA A 2823 LEU A 2827 5 ? 5  
HELX_P HELX_P4 AA4 ASP A 49 ? ILE A 54  ? ASP A 2837 ILE A 2842 1 ? 6  
HELX_P HELX_P5 AA5 ASP A 59 ? ARG A 69  ? ASP A 2847 ARG A 2857 1 ? 11 
HELX_P HELX_P6 AA6 LYS A 74 ? ASN A 93  ? LYS A 2862 ASN A 2881 1 ? 20 
HELX_P HELX_P7 AA7 SER A 97 ? HIS A 123 ? SER A 2885 HIS A 2911 1 ? 27 
# 
_struct_conf_type.id          HELX_P 
_struct_conf_type.criteria    ? 
_struct_conf_type.reference   ? 
# 
loop_
_struct_site.id 
_struct_site.pdbx_evidence_code 
_struct_site.pdbx_auth_asym_id 
_struct_site.pdbx_auth_comp_id 
_struct_site.pdbx_auth_seq_id 
_struct_site.pdbx_auth_ins_code 
_struct_site.pdbx_num_residues 
_struct_site.details 
AC1 Software A DMS 3001 ? 5  'binding site for residue DMS A 3001' 
AC2 Software A TRS 3002 ? 10 'binding site for residue TRS A 3002' 
AC3 Software A RUV 3003 ? 6  'binding site for residue RUV A 3003' 
# 
loop_
_struct_site_gen.id 
_struct_site_gen.site_id 
_struct_site_gen.pdbx_num_res 
_struct_site_gen.label_comp_id 
_struct_site_gen.label_asym_id 
_struct_site_gen.label_seq_id 
_struct_site_gen.pdbx_auth_ins_code 
_struct_site_gen.auth_comp_id 
_struct_site_gen.auth_asym_id 
_struct_site_gen.auth_seq_id 
_struct_site_gen.label_atom_id 
_struct_site_gen.label_alt_id 
_struct_site_gen.symmetry 
_struct_site_gen.details 
1  AC1 5  GLN A 30  ? GLN A 2818 . ? 1_555 ? 
2  AC1 5  ALA A 31  ? ALA A 2819 . ? 1_555 ? 
3  AC1 5  HIS A 32  ? HIS A 2820 . ? 1_555 ? 
4  AC1 5  TRP A 36  ? TRP A 2824 . ? 1_555 ? 
5  AC1 5  HOH E .   ? HOH A 3174 . ? 1_555 ? 
6  AC2 10 LYS A 23  ? LYS A 2811 . ? 4_455 ? 
7  AC2 10 ARG A 27  ? ARG A 2815 . ? 4_455 ? 
8  AC2 10 SER A 28  ? SER A 2816 . ? 1_555 ? 
9  AC2 10 GLN A 68  ? GLN A 2856 . ? 4_455 ? 
10 AC2 10 PHE A 109 ? PHE A 2897 . ? 1_555 ? 
11 AC2 10 LYS A 113 ? LYS A 2901 . ? 1_555 ? 
12 AC2 10 HOH E .   ? HOH A 3101 . ? 1_555 ? 
13 AC2 10 HOH E .   ? HOH A 3116 . ? 4_455 ? 
14 AC2 10 HOH E .   ? HOH A 3131 . ? 1_555 ? 
15 AC2 10 HOH E .   ? HOH A 3208 . ? 1_555 ? 
16 AC3 6  PRO A 37  ? PRO A 2825 . ? 1_555 ? 
17 AC3 6  ASP A 46  ? ASP A 2834 . ? 1_555 ? 
18 AC3 6  ASN A 93  ? ASN A 2881 . ? 1_555 ? 
19 AC3 6  PHE A 99  ? PHE A 2887 . ? 1_555 ? 
20 AC3 6  HOH E .   ? HOH A 3117 . ? 1_555 ? 
21 AC3 6  HOH E .   ? HOH A 3184 . ? 1_555 ? 
# 
_phasing.method   MR 
# 
_pdbx_entry_details.entry_id                 5R4I 
_pdbx_entry_details.has_ligand_of_interest   Y 
_pdbx_entry_details.compound_details         ? 
_pdbx_entry_details.source_details           ? 
_pdbx_entry_details.nonpolymer_details       ? 
_pdbx_entry_details.sequence_details         ? 
# 
loop_
_pdbx_unobs_or_zero_occ_residues.id 
_pdbx_unobs_or_zero_occ_residues.PDB_model_num 
_pdbx_unobs_or_zero_occ_residues.polymer_flag 
_pdbx_unobs_or_zero_occ_residues.occupancy_flag 
_pdbx_unobs_or_zero_occ_residues.auth_asym_id 
_pdbx_unobs_or_zero_occ_residues.auth_comp_id 
_pdbx_unobs_or_zero_occ_residues.auth_seq_id 
_pdbx_unobs_or_zero_occ_residues.PDB_ins_code 
_pdbx_unobs_or_zero_occ_residues.label_asym_id 
_pdbx_unobs_or_zero_occ_residues.label_comp_id 
_pdbx_unobs_or_zero_occ_residues.label_seq_id 
1 1 Y 1 A SER 2789 ? A SER 1 
2 1 Y 1 A MET 2790 ? A MET 2 
3 1 Y 1 A SER 2791 ? A SER 3 
4 1 Y 1 A THR 2792 ? A THR 4 
# 
loop_
_chem_comp_atom.comp_id 
_chem_comp_atom.atom_id 
_chem_comp_atom.type_symbol 
_chem_comp_atom.pdbx_aromatic_flag 
_chem_comp_atom.pdbx_stereo_config 
_chem_comp_atom.pdbx_ordinal 
ALA N    N N N 1   
ALA CA   C N S 2   
ALA C    C N N 3   
ALA O    O N N 4   
ALA CB   C N N 5   
ALA OXT  O N N 6   
ALA H    H N N 7   
ALA H2   H N N 8   
ALA HA   H N N 9   
ALA HB1  H N N 10  
ALA HB2  H N N 11  
ALA HB3  H N N 12  
ALA HXT  H N N 13  
ARG N    N N N 14  
ARG CA   C N S 15  
ARG C    C N N 16  
ARG O    O N N 17  
ARG CB   C N N 18  
ARG CG   C N N 19  
ARG CD   C N N 20  
ARG NE   N N N 21  
ARG CZ   C N N 22  
ARG NH1  N N N 23  
ARG NH2  N N N 24  
ARG OXT  O N N 25  
ARG H    H N N 26  
ARG H2   H N N 27  
ARG HA   H N N 28  
ARG HB2  H N N 29  
ARG HB3  H N N 30  
ARG HG2  H N N 31  
ARG HG3  H N N 32  
ARG HD2  H N N 33  
ARG HD3  H N N 34  
ARG HE   H N N 35  
ARG HH11 H N N 36  
ARG HH12 H N N 37  
ARG HH21 H N N 38  
ARG HH22 H N N 39  
ARG HXT  H N N 40  
ASN N    N N N 41  
ASN CA   C N S 42  
ASN C    C N N 43  
ASN O    O N N 44  
ASN CB   C N N 45  
ASN CG   C N N 46  
ASN OD1  O N N 47  
ASN ND2  N N N 48  
ASN OXT  O N N 49  
ASN H    H N N 50  
ASN H2   H N N 51  
ASN HA   H N N 52  
ASN HB2  H N N 53  
ASN HB3  H N N 54  
ASN HD21 H N N 55  
ASN HD22 H N N 56  
ASN HXT  H N N 57  
ASP N    N N N 58  
ASP CA   C N S 59  
ASP C    C N N 60  
ASP O    O N N 61  
ASP CB   C N N 62  
ASP CG   C N N 63  
ASP OD1  O N N 64  
ASP OD2  O N N 65  
ASP OXT  O N N 66  
ASP H    H N N 67  
ASP H2   H N N 68  
ASP HA   H N N 69  
ASP HB2  H N N 70  
ASP HB3  H N N 71  
ASP HD2  H N N 72  
ASP HXT  H N N 73  
CYS N    N N N 74  
CYS CA   C N R 75  
CYS C    C N N 76  
CYS O    O N N 77  
CYS CB   C N N 78  
CYS SG   S N N 79  
CYS OXT  O N N 80  
CYS H    H N N 81  
CYS H2   H N N 82  
CYS HA   H N N 83  
CYS HB2  H N N 84  
CYS HB3  H N N 85  
CYS HG   H N N 86  
CYS HXT  H N N 87  
DMS S    S N N 88  
DMS O    O N N 89  
DMS C1   C N N 90  
DMS C2   C N N 91  
DMS H11  H N N 92  
DMS H12  H N N 93  
DMS H13  H N N 94  
DMS H21  H N N 95  
DMS H22  H N N 96  
DMS H23  H N N 97  
GLN N    N N N 98  
GLN CA   C N S 99  
GLN C    C N N 100 
GLN O    O N N 101 
GLN CB   C N N 102 
GLN CG   C N N 103 
GLN CD   C N N 104 
GLN OE1  O N N 105 
GLN NE2  N N N 106 
GLN OXT  O N N 107 
GLN H    H N N 108 
GLN H2   H N N 109 
GLN HA   H N N 110 
GLN HB2  H N N 111 
GLN HB3  H N N 112 
GLN HG2  H N N 113 
GLN HG3  H N N 114 
GLN HE21 H N N 115 
GLN HE22 H N N 116 
GLN HXT  H N N 117 
GLU N    N N N 118 
GLU CA   C N S 119 
GLU C    C N N 120 
GLU O    O N N 121 
GLU CB   C N N 122 
GLU CG   C N N 123 
GLU CD   C N N 124 
GLU OE1  O N N 125 
GLU OE2  O N N 126 
GLU OXT  O N N 127 
GLU H    H N N 128 
GLU H2   H N N 129 
GLU HA   H N N 130 
GLU HB2  H N N 131 
GLU HB3  H N N 132 
GLU HG2  H N N 133 
GLU HG3  H N N 134 
GLU HE2  H N N 135 
GLU HXT  H N N 136 
GLY N    N N N 137 
GLY CA   C N N 138 
GLY C    C N N 139 
GLY O    O N N 140 
GLY OXT  O N N 141 
GLY H    H N N 142 
GLY H2   H N N 143 
GLY HA2  H N N 144 
GLY HA3  H N N 145 
GLY HXT  H N N 146 
HIS N    N N N 147 
HIS CA   C N S 148 
HIS C    C N N 149 
HIS O    O N N 150 
HIS CB   C N N 151 
HIS CG   C Y N 152 
HIS ND1  N Y N 153 
HIS CD2  C Y N 154 
HIS CE1  C Y N 155 
HIS NE2  N Y N 156 
HIS OXT  O N N 157 
HIS H    H N N 158 
HIS H2   H N N 159 
HIS HA   H N N 160 
HIS HB2  H N N 161 
HIS HB3  H N N 162 
HIS HD1  H N N 163 
HIS HD2  H N N 164 
HIS HE1  H N N 165 
HIS HE2  H N N 166 
HIS HXT  H N N 167 
HOH O    O N N 168 
HOH H1   H N N 169 
HOH H2   H N N 170 
ILE N    N N N 171 
ILE CA   C N S 172 
ILE C    C N N 173 
ILE O    O N N 174 
ILE CB   C N S 175 
ILE CG1  C N N 176 
ILE CG2  C N N 177 
ILE CD1  C N N 178 
ILE OXT  O N N 179 
ILE H    H N N 180 
ILE H2   H N N 181 
ILE HA   H N N 182 
ILE HB   H N N 183 
ILE HG12 H N N 184 
ILE HG13 H N N 185 
ILE HG21 H N N 186 
ILE HG22 H N N 187 
ILE HG23 H N N 188 
ILE HD11 H N N 189 
ILE HD12 H N N 190 
ILE HD13 H N N 191 
ILE HXT  H N N 192 
LEU N    N N N 193 
LEU CA   C N S 194 
LEU C    C N N 195 
LEU O    O N N 196 
LEU CB   C N N 197 
LEU CG   C N N 198 
LEU CD1  C N N 199 
LEU CD2  C N N 200 
LEU OXT  O N N 201 
LEU H    H N N 202 
LEU H2   H N N 203 
LEU HA   H N N 204 
LEU HB2  H N N 205 
LEU HB3  H N N 206 
LEU HG   H N N 207 
LEU HD11 H N N 208 
LEU HD12 H N N 209 
LEU HD13 H N N 210 
LEU HD21 H N N 211 
LEU HD22 H N N 212 
LEU HD23 H N N 213 
LEU HXT  H N N 214 
LYS N    N N N 215 
LYS CA   C N S 216 
LYS C    C N N 217 
LYS O    O N N 218 
LYS CB   C N N 219 
LYS CG   C N N 220 
LYS CD   C N N 221 
LYS CE   C N N 222 
LYS NZ   N N N 223 
LYS OXT  O N N 224 
LYS H    H N N 225 
LYS H2   H N N 226 
LYS HA   H N N 227 
LYS HB2  H N N 228 
LYS HB3  H N N 229 
LYS HG2  H N N 230 
LYS HG3  H N N 231 
LYS HD2  H N N 232 
LYS HD3  H N N 233 
LYS HE2  H N N 234 
LYS HE3  H N N 235 
LYS HZ1  H N N 236 
LYS HZ2  H N N 237 
LYS HZ3  H N N 238 
LYS HXT  H N N 239 
MET N    N N N 240 
MET CA   C N S 241 
MET C    C N N 242 
MET O    O N N 243 
MET CB   C N N 244 
MET CG   C N N 245 
MET SD   S N N 246 
MET CE   C N N 247 
MET OXT  O N N 248 
MET H    H N N 249 
MET H2   H N N 250 
MET HA   H N N 251 
MET HB2  H N N 252 
MET HB3  H N N 253 
MET HG2  H N N 254 
MET HG3  H N N 255 
MET HE1  H N N 256 
MET HE2  H N N 257 
MET HE3  H N N 258 
MET HXT  H N N 259 
PHE N    N N N 260 
PHE CA   C N S 261 
PHE C    C N N 262 
PHE O    O N N 263 
PHE CB   C N N 264 
PHE CG   C Y N 265 
PHE CD1  C Y N 266 
PHE CD2  C Y N 267 
PHE CE1  C Y N 268 
PHE CE2  C Y N 269 
PHE CZ   C Y N 270 
PHE OXT  O N N 271 
PHE H    H N N 272 
PHE H2   H N N 273 
PHE HA   H N N 274 
PHE HB2  H N N 275 
PHE HB3  H N N 276 
PHE HD1  H N N 277 
PHE HD2  H N N 278 
PHE HE1  H N N 279 
PHE HE2  H N N 280 
PHE HZ   H N N 281 
PHE HXT  H N N 282 
PRO N    N N N 283 
PRO CA   C N S 284 
PRO C    C N N 285 
PRO O    O N N 286 
PRO CB   C N N 287 
PRO CG   C N N 288 
PRO CD   C N N 289 
PRO OXT  O N N 290 
PRO H    H N N 291 
PRO HA   H N N 292 
PRO HB2  H N N 293 
PRO HB3  H N N 294 
PRO HG2  H N N 295 
PRO HG3  H N N 296 
PRO HD2  H N N 297 
PRO HD3  H N N 298 
PRO HXT  H N N 299 
RUV N1   N N N 300 
RUV N3   N Y N 301 
RUV C4   C Y N 302 
RUV C5   C Y N 303 
RUV C6   C Y N 304 
RUV C7   C Y N 305 
RUV C8   C Y N 306 
RUV C10  C Y N 307 
RUV C1   C N N 308 
RUV C11  C Y N 309 
RUV C2   C N N 310 
RUV C3   C Y N 311 
RUV C9   C N N 312 
RUV N2   N N N 313 
RUV N4   N Y N 314 
RUV N5   N Y N 315 
RUV O1   O N N 316 
RUV O2   O N N 317 
RUV H1   H N N 318 
RUV H2   H N N 319 
RUV H3   H N N 320 
RUV H4   H N N 321 
RUV H5   H N N 322 
RUV H6   H N N 323 
RUV H7   H N N 324 
RUV H8   H N N 325 
RUV H9   H N N 326 
RUV H10  H N N 327 
RUV H11  H N N 328 
SER N    N N N 329 
SER CA   C N S 330 
SER C    C N N 331 
SER O    O N N 332 
SER CB   C N N 333 
SER OG   O N N 334 
SER OXT  O N N 335 
SER H    H N N 336 
SER H2   H N N 337 
SER HA   H N N 338 
SER HB2  H N N 339 
SER HB3  H N N 340 
SER HG   H N N 341 
SER HXT  H N N 342 
THR N    N N N 343 
THR CA   C N S 344 
THR C    C N N 345 
THR O    O N N 346 
THR CB   C N R 347 
THR OG1  O N N 348 
THR CG2  C N N 349 
THR OXT  O N N 350 
THR H    H N N 351 
THR H2   H N N 352 
THR HA   H N N 353 
THR HB   H N N 354 
THR HG1  H N N 355 
THR HG21 H N N 356 
THR HG22 H N N 357 
THR HG23 H N N 358 
THR HXT  H N N 359 
TRP N    N N N 360 
TRP CA   C N S 361 
TRP C    C N N 362 
TRP O    O N N 363 
TRP CB   C N N 364 
TRP CG   C Y N 365 
TRP CD1  C Y N 366 
TRP CD2  C Y N 367 
TRP NE1  N Y N 368 
TRP CE2  C Y N 369 
TRP CE3  C Y N 370 
TRP CZ2  C Y N 371 
TRP CZ3  C Y N 372 
TRP CH2  C Y N 373 
TRP OXT  O N N 374 
TRP H    H N N 375 
TRP H2   H N N 376 
TRP HA   H N N 377 
TRP HB2  H N N 378 
TRP HB3  H N N 379 
TRP HD1  H N N 380 
TRP HE1  H N N 381 
TRP HE3  H N N 382 
TRP HZ2  H N N 383 
TRP HZ3  H N N 384 
TRP HH2  H N N 385 
TRP HXT  H N N 386 
TRS C    C N N 387 
TRS C1   C N N 388 
TRS C2   C N N 389 
TRS C3   C N N 390 
TRS N    N N N 391 
TRS O1   O N N 392 
TRS O2   O N N 393 
TRS O3   O N N 394 
TRS H11  H N N 395 
TRS H12  H N N 396 
TRS H21  H N N 397 
TRS H22  H N N 398 
TRS H31  H N N 399 
TRS H32  H N N 400 
TRS HN1  H N N 401 
TRS HN2  H N N 402 
TRS HN3  H N N 403 
TRS HO1  H N N 404 
TRS HO2  H N N 405 
TRS HO3  H N N 406 
TYR N    N N N 407 
TYR CA   C N S 408 
TYR C    C N N 409 
TYR O    O N N 410 
TYR CB   C N N 411 
TYR CG   C Y N 412 
TYR CD1  C Y N 413 
TYR CD2  C Y N 414 
TYR CE1  C Y N 415 
TYR CE2  C Y N 416 
TYR CZ   C Y N 417 
TYR OH   O N N 418 
TYR OXT  O N N 419 
TYR H    H N N 420 
TYR H2   H N N 421 
TYR HA   H N N 422 
TYR HB2  H N N 423 
TYR HB3  H N N 424 
TYR HD1  H N N 425 
TYR HD2  H N N 426 
TYR HE1  H N N 427 
TYR HE2  H N N 428 
TYR HH   H N N 429 
TYR HXT  H N N 430 
VAL N    N N N 431 
VAL CA   C N S 432 
VAL C    C N N 433 
VAL O    O N N 434 
VAL CB   C N N 435 
VAL CG1  C N N 436 
VAL CG2  C N N 437 
VAL OXT  O N N 438 
VAL H    H N N 439 
VAL H2   H N N 440 
VAL HA   H N N 441 
VAL HB   H N N 442 
VAL HG11 H N N 443 
VAL HG12 H N N 444 
VAL HG13 H N N 445 
VAL HG21 H N N 446 
VAL HG22 H N N 447 
VAL HG23 H N N 448 
VAL HXT  H N N 449 
# 
loop_
_chem_comp_bond.comp_id 
_chem_comp_bond.atom_id_1 
_chem_comp_bond.atom_id_2 
_chem_comp_bond.value_order 
_chem_comp_bond.pdbx_aromatic_flag 
_chem_comp_bond.pdbx_stereo_config 
_chem_comp_bond.pdbx_ordinal 
ALA N   CA   sing N N 1   
ALA N   H    sing N N 2   
ALA N   H2   sing N N 3   
ALA CA  C    sing N N 4   
ALA CA  CB   sing N N 5   
ALA CA  HA   sing N N 6   
ALA C   O    doub N N 7   
ALA C   OXT  sing N N 8   
ALA CB  HB1  sing N N 9   
ALA CB  HB2  sing N N 10  
ALA CB  HB3  sing N N 11  
ALA OXT HXT  sing N N 12  
ARG N   CA   sing N N 13  
ARG N   H    sing N N 14  
ARG N   H2   sing N N 15  
ARG CA  C    sing N N 16  
ARG CA  CB   sing N N 17  
ARG CA  HA   sing N N 18  
ARG C   O    doub N N 19  
ARG C   OXT  sing N N 20  
ARG CB  CG   sing N N 21  
ARG CB  HB2  sing N N 22  
ARG CB  HB3  sing N N 23  
ARG CG  CD   sing N N 24  
ARG CG  HG2  sing N N 25  
ARG CG  HG3  sing N N 26  
ARG CD  NE   sing N N 27  
ARG CD  HD2  sing N N 28  
ARG CD  HD3  sing N N 29  
ARG NE  CZ   sing N N 30  
ARG NE  HE   sing N N 31  
ARG CZ  NH1  sing N N 32  
ARG CZ  NH2  doub N N 33  
ARG NH1 HH11 sing N N 34  
ARG NH1 HH12 sing N N 35  
ARG NH2 HH21 sing N N 36  
ARG NH2 HH22 sing N N 37  
ARG OXT HXT  sing N N 38  
ASN N   CA   sing N N 39  
ASN N   H    sing N N 40  
ASN N   H2   sing N N 41  
ASN CA  C    sing N N 42  
ASN CA  CB   sing N N 43  
ASN CA  HA   sing N N 44  
ASN C   O    doub N N 45  
ASN C   OXT  sing N N 46  
ASN CB  CG   sing N N 47  
ASN CB  HB2  sing N N 48  
ASN CB  HB3  sing N N 49  
ASN CG  OD1  doub N N 50  
ASN CG  ND2  sing N N 51  
ASN ND2 HD21 sing N N 52  
ASN ND2 HD22 sing N N 53  
ASN OXT HXT  sing N N 54  
ASP N   CA   sing N N 55  
ASP N   H    sing N N 56  
ASP N   H2   sing N N 57  
ASP CA  C    sing N N 58  
ASP CA  CB   sing N N 59  
ASP CA  HA   sing N N 60  
ASP C   O    doub N N 61  
ASP C   OXT  sing N N 62  
ASP CB  CG   sing N N 63  
ASP CB  HB2  sing N N 64  
ASP CB  HB3  sing N N 65  
ASP CG  OD1  doub N N 66  
ASP CG  OD2  sing N N 67  
ASP OD2 HD2  sing N N 68  
ASP OXT HXT  sing N N 69  
CYS N   CA   sing N N 70  
CYS N   H    sing N N 71  
CYS N   H2   sing N N 72  
CYS CA  C    sing N N 73  
CYS CA  CB   sing N N 74  
CYS CA  HA   sing N N 75  
CYS C   O    doub N N 76  
CYS C   OXT  sing N N 77  
CYS CB  SG   sing N N 78  
CYS CB  HB2  sing N N 79  
CYS CB  HB3  sing N N 80  
CYS SG  HG   sing N N 81  
CYS OXT HXT  sing N N 82  
DMS S   O    doub N N 83  
DMS S   C1   sing N N 84  
DMS S   C2   sing N N 85  
DMS C1  H11  sing N N 86  
DMS C1  H12  sing N N 87  
DMS C1  H13  sing N N 88  
DMS C2  H21  sing N N 89  
DMS C2  H22  sing N N 90  
DMS C2  H23  sing N N 91  
GLN N   CA   sing N N 92  
GLN N   H    sing N N 93  
GLN N   H2   sing N N 94  
GLN CA  C    sing N N 95  
GLN CA  CB   sing N N 96  
GLN CA  HA   sing N N 97  
GLN C   O    doub N N 98  
GLN C   OXT  sing N N 99  
GLN CB  CG   sing N N 100 
GLN CB  HB2  sing N N 101 
GLN CB  HB3  sing N N 102 
GLN CG  CD   sing N N 103 
GLN CG  HG2  sing N N 104 
GLN CG  HG3  sing N N 105 
GLN CD  OE1  doub N N 106 
GLN CD  NE2  sing N N 107 
GLN NE2 HE21 sing N N 108 
GLN NE2 HE22 sing N N 109 
GLN OXT HXT  sing N N 110 
GLU N   CA   sing N N 111 
GLU N   H    sing N N 112 
GLU N   H2   sing N N 113 
GLU CA  C    sing N N 114 
GLU CA  CB   sing N N 115 
GLU CA  HA   sing N N 116 
GLU C   O    doub N N 117 
GLU C   OXT  sing N N 118 
GLU CB  CG   sing N N 119 
GLU CB  HB2  sing N N 120 
GLU CB  HB3  sing N N 121 
GLU CG  CD   sing N N 122 
GLU CG  HG2  sing N N 123 
GLU CG  HG3  sing N N 124 
GLU CD  OE1  doub N N 125 
GLU CD  OE2  sing N N 126 
GLU OE2 HE2  sing N N 127 
GLU OXT HXT  sing N N 128 
GLY N   CA   sing N N 129 
GLY N   H    sing N N 130 
GLY N   H2   sing N N 131 
GLY CA  C    sing N N 132 
GLY CA  HA2  sing N N 133 
GLY CA  HA3  sing N N 134 
GLY C   O    doub N N 135 
GLY C   OXT  sing N N 136 
GLY OXT HXT  sing N N 137 
HIS N   CA   sing N N 138 
HIS N   H    sing N N 139 
HIS N   H2   sing N N 140 
HIS CA  C    sing N N 141 
HIS CA  CB   sing N N 142 
HIS CA  HA   sing N N 143 
HIS C   O    doub N N 144 
HIS C   OXT  sing N N 145 
HIS CB  CG   sing N N 146 
HIS CB  HB2  sing N N 147 
HIS CB  HB3  sing N N 148 
HIS CG  ND1  sing Y N 149 
HIS CG  CD2  doub Y N 150 
HIS ND1 CE1  doub Y N 151 
HIS ND1 HD1  sing N N 152 
HIS CD2 NE2  sing Y N 153 
HIS CD2 HD2  sing N N 154 
HIS CE1 NE2  sing Y N 155 
HIS CE1 HE1  sing N N 156 
HIS NE2 HE2  sing N N 157 
HIS OXT HXT  sing N N 158 
HOH O   H1   sing N N 159 
HOH O   H2   sing N N 160 
ILE N   CA   sing N N 161 
ILE N   H    sing N N 162 
ILE N   H2   sing N N 163 
ILE CA  C    sing N N 164 
ILE CA  CB   sing N N 165 
ILE CA  HA   sing N N 166 
ILE C   O    doub N N 167 
ILE C   OXT  sing N N 168 
ILE CB  CG1  sing N N 169 
ILE CB  CG2  sing N N 170 
ILE CB  HB   sing N N 171 
ILE CG1 CD1  sing N N 172 
ILE CG1 HG12 sing N N 173 
ILE CG1 HG13 sing N N 174 
ILE CG2 HG21 sing N N 175 
ILE CG2 HG22 sing N N 176 
ILE CG2 HG23 sing N N 177 
ILE CD1 HD11 sing N N 178 
ILE CD1 HD12 sing N N 179 
ILE CD1 HD13 sing N N 180 
ILE OXT HXT  sing N N 181 
LEU N   CA   sing N N 182 
LEU N   H    sing N N 183 
LEU N   H2   sing N N 184 
LEU CA  C    sing N N 185 
LEU CA  CB   sing N N 186 
LEU CA  HA   sing N N 187 
LEU C   O    doub N N 188 
LEU C   OXT  sing N N 189 
LEU CB  CG   sing N N 190 
LEU CB  HB2  sing N N 191 
LEU CB  HB3  sing N N 192 
LEU CG  CD1  sing N N 193 
LEU CG  CD2  sing N N 194 
LEU CG  HG   sing N N 195 
LEU CD1 HD11 sing N N 196 
LEU CD1 HD12 sing N N 197 
LEU CD1 HD13 sing N N 198 
LEU CD2 HD21 sing N N 199 
LEU CD2 HD22 sing N N 200 
LEU CD2 HD23 sing N N 201 
LEU OXT HXT  sing N N 202 
LYS N   CA   sing N N 203 
LYS N   H    sing N N 204 
LYS N   H2   sing N N 205 
LYS CA  C    sing N N 206 
LYS CA  CB   sing N N 207 
LYS CA  HA   sing N N 208 
LYS C   O    doub N N 209 
LYS C   OXT  sing N N 210 
LYS CB  CG   sing N N 211 
LYS CB  HB2  sing N N 212 
LYS CB  HB3  sing N N 213 
LYS CG  CD   sing N N 214 
LYS CG  HG2  sing N N 215 
LYS CG  HG3  sing N N 216 
LYS CD  CE   sing N N 217 
LYS CD  HD2  sing N N 218 
LYS CD  HD3  sing N N 219 
LYS CE  NZ   sing N N 220 
LYS CE  HE2  sing N N 221 
LYS CE  HE3  sing N N 222 
LYS NZ  HZ1  sing N N 223 
LYS NZ  HZ2  sing N N 224 
LYS NZ  HZ3  sing N N 225 
LYS OXT HXT  sing N N 226 
MET N   CA   sing N N 227 
MET N   H    sing N N 228 
MET N   H2   sing N N 229 
MET CA  C    sing N N 230 
MET CA  CB   sing N N 231 
MET CA  HA   sing N N 232 
MET C   O    doub N N 233 
MET C   OXT  sing N N 234 
MET CB  CG   sing N N 235 
MET CB  HB2  sing N N 236 
MET CB  HB3  sing N N 237 
MET CG  SD   sing N N 238 
MET CG  HG2  sing N N 239 
MET CG  HG3  sing N N 240 
MET SD  CE   sing N N 241 
MET CE  HE1  sing N N 242 
MET CE  HE2  sing N N 243 
MET CE  HE3  sing N N 244 
MET OXT HXT  sing N N 245 
PHE N   CA   sing N N 246 
PHE N   H    sing N N 247 
PHE N   H2   sing N N 248 
PHE CA  C    sing N N 249 
PHE CA  CB   sing N N 250 
PHE CA  HA   sing N N 251 
PHE C   O    doub N N 252 
PHE C   OXT  sing N N 253 
PHE CB  CG   sing N N 254 
PHE CB  HB2  sing N N 255 
PHE CB  HB3  sing N N 256 
PHE CG  CD1  doub Y N 257 
PHE CG  CD2  sing Y N 258 
PHE CD1 CE1  sing Y N 259 
PHE CD1 HD1  sing N N 260 
PHE CD2 CE2  doub Y N 261 
PHE CD2 HD2  sing N N 262 
PHE CE1 CZ   doub Y N 263 
PHE CE1 HE1  sing N N 264 
PHE CE2 CZ   sing Y N 265 
PHE CE2 HE2  sing N N 266 
PHE CZ  HZ   sing N N 267 
PHE OXT HXT  sing N N 268 
PRO N   CA   sing N N 269 
PRO N   CD   sing N N 270 
PRO N   H    sing N N 271 
PRO CA  C    sing N N 272 
PRO CA  CB   sing N N 273 
PRO CA  HA   sing N N 274 
PRO C   O    doub N N 275 
PRO C   OXT  sing N N 276 
PRO CB  CG   sing N N 277 
PRO CB  HB2  sing N N 278 
PRO CB  HB3  sing N N 279 
PRO CG  CD   sing N N 280 
PRO CG  HG2  sing N N 281 
PRO CG  HG3  sing N N 282 
PRO CD  HD2  sing N N 283 
PRO CD  HD3  sing N N 284 
PRO OXT HXT  sing N N 285 
RUV N5  N4   sing Y N 286 
RUV N5  C11  doub Y N 287 
RUV N4  C10  doub Y N 288 
RUV C11 N3   sing Y N 289 
RUV C10 N3   sing Y N 290 
RUV N3  N2   sing N N 291 
RUV N2  C9   sing N N 292 
RUV C9  O2   doub N N 293 
RUV C9  C6   sing N N 294 
RUV C6  C5   doub Y N 295 
RUV C6  C7   sing Y N 296 
RUV C5  C4   sing Y N 297 
RUV C7  C8   doub Y N 298 
RUV C4  C3   doub Y N 299 
RUV C8  C3   sing Y N 300 
RUV C3  N1   sing N N 301 
RUV N1  C2   sing N N 302 
RUV C2  O1   doub N N 303 
RUV C2  C1   sing N N 304 
RUV N1  H1   sing N N 305 
RUV C4  H2   sing N N 306 
RUV C5  H3   sing N N 307 
RUV C7  H4   sing N N 308 
RUV C8  H5   sing N N 309 
RUV C10 H6   sing N N 310 
RUV C1  H7   sing N N 311 
RUV C1  H8   sing N N 312 
RUV C1  H9   sing N N 313 
RUV C11 H10  sing N N 314 
RUV N2  H11  sing N N 315 
SER N   CA   sing N N 316 
SER N   H    sing N N 317 
SER N   H2   sing N N 318 
SER CA  C    sing N N 319 
SER CA  CB   sing N N 320 
SER CA  HA   sing N N 321 
SER C   O    doub N N 322 
SER C   OXT  sing N N 323 
SER CB  OG   sing N N 324 
SER CB  HB2  sing N N 325 
SER CB  HB3  sing N N 326 
SER OG  HG   sing N N 327 
SER OXT HXT  sing N N 328 
THR N   CA   sing N N 329 
THR N   H    sing N N 330 
THR N   H2   sing N N 331 
THR CA  C    sing N N 332 
THR CA  CB   sing N N 333 
THR CA  HA   sing N N 334 
THR C   O    doub N N 335 
THR C   OXT  sing N N 336 
THR CB  OG1  sing N N 337 
THR CB  CG2  sing N N 338 
THR CB  HB   sing N N 339 
THR OG1 HG1  sing N N 340 
THR CG2 HG21 sing N N 341 
THR CG2 HG22 sing N N 342 
THR CG2 HG23 sing N N 343 
THR OXT HXT  sing N N 344 
TRP N   CA   sing N N 345 
TRP N   H    sing N N 346 
TRP N   H2   sing N N 347 
TRP CA  C    sing N N 348 
TRP CA  CB   sing N N 349 
TRP CA  HA   sing N N 350 
TRP C   O    doub N N 351 
TRP C   OXT  sing N N 352 
TRP CB  CG   sing N N 353 
TRP CB  HB2  sing N N 354 
TRP CB  HB3  sing N N 355 
TRP CG  CD1  doub Y N 356 
TRP CG  CD2  sing Y N 357 
TRP CD1 NE1  sing Y N 358 
TRP CD1 HD1  sing N N 359 
TRP CD2 CE2  doub Y N 360 
TRP CD2 CE3  sing Y N 361 
TRP NE1 CE2  sing Y N 362 
TRP NE1 HE1  sing N N 363 
TRP CE2 CZ2  sing Y N 364 
TRP CE3 CZ3  doub Y N 365 
TRP CE3 HE3  sing N N 366 
TRP CZ2 CH2  doub Y N 367 
TRP CZ2 HZ2  sing N N 368 
TRP CZ3 CH2  sing Y N 369 
TRP CZ3 HZ3  sing N N 370 
TRP CH2 HH2  sing N N 371 
TRP OXT HXT  sing N N 372 
TRS C   C1   sing N N 373 
TRS C   C2   sing N N 374 
TRS C   C3   sing N N 375 
TRS C   N    sing N N 376 
TRS C1  O1   sing N N 377 
TRS C1  H11  sing N N 378 
TRS C1  H12  sing N N 379 
TRS C2  O2   sing N N 380 
TRS C2  H21  sing N N 381 
TRS C2  H22  sing N N 382 
TRS C3  O3   sing N N 383 
TRS C3  H31  sing N N 384 
TRS C3  H32  sing N N 385 
TRS N   HN1  sing N N 386 
TRS N   HN2  sing N N 387 
TRS N   HN3  sing N N 388 
TRS O1  HO1  sing N N 389 
TRS O2  HO2  sing N N 390 
TRS O3  HO3  sing N N 391 
TYR N   CA   sing N N 392 
TYR N   H    sing N N 393 
TYR N   H2   sing N N 394 
TYR CA  C    sing N N 395 
TYR CA  CB   sing N N 396 
TYR CA  HA   sing N N 397 
TYR C   O    doub N N 398 
TYR C   OXT  sing N N 399 
TYR CB  CG   sing N N 400 
TYR CB  HB2  sing N N 401 
TYR CB  HB3  sing N N 402 
TYR CG  CD1  doub Y N 403 
TYR CG  CD2  sing Y N 404 
TYR CD1 CE1  sing Y N 405 
TYR CD1 HD1  sing N N 406 
TYR CD2 CE2  doub Y N 407 
TYR CD2 HD2  sing N N 408 
TYR CE1 CZ   doub Y N 409 
TYR CE1 HE1  sing N N 410 
TYR CE2 CZ   sing Y N 411 
TYR CE2 HE2  sing N N 412 
TYR CZ  OH   sing N N 413 
TYR OH  HH   sing N N 414 
TYR OXT HXT  sing N N 415 
VAL N   CA   sing N N 416 
VAL N   H    sing N N 417 
VAL N   H2   sing N N 418 
VAL CA  C    sing N N 419 
VAL CA  CB   sing N N 420 
VAL CA  HA   sing N N 421 
VAL C   O    doub N N 422 
VAL C   OXT  sing N N 423 
VAL CB  CG1  sing N N 424 
VAL CB  CG2  sing N N 425 
VAL CB  HB   sing N N 426 
VAL CG1 HG11 sing N N 427 
VAL CG1 HG12 sing N N 428 
VAL CG1 HG13 sing N N 429 
VAL CG2 HG21 sing N N 430 
VAL CG2 HG22 sing N N 431 
VAL CG2 HG23 sing N N 432 
VAL OXT HXT  sing N N 433 
# 
_pdbx_deposit_group.group_id            G_1002123 
_pdbx_deposit_group.group_description   
;BROMODOMAIN OF HUMAN NUCLEOSOME-REMODELING FACTOR SUBUNIT BPTF screened against the 3D-Fragment Consortium Library by
X-ray Crystallography at the XChem facility of Diamond Light Source beamline I04-1
;
_pdbx_deposit_group.group_title         
;PanDDA analysis group deposition of the bromodomain of human nucleosome-remodeling factor subunit BPTF fragment
screening
;
_pdbx_deposit_group.group_type          'changed state' 
# 
_pdbx_entity_instance_feature.ordinal        1 
_pdbx_entity_instance_feature.comp_id        RUV 
_pdbx_entity_instance_feature.asym_id        ? 
_pdbx_entity_instance_feature.seq_num        ? 
_pdbx_entity_instance_feature.auth_comp_id   RUV 
_pdbx_entity_instance_feature.auth_asym_id   ? 
_pdbx_entity_instance_feature.auth_seq_num   ? 
_pdbx_entity_instance_feature.feature_type   'SUBJECT OF INVESTIGATION' 
_pdbx_entity_instance_feature.details        ? 
# 
_atom_sites.entry_id                    5R4I 
_atom_sites.fract_transf_matrix[1][1]   0.00531332 
_atom_sites.fract_transf_matrix[1][2]   -0.00580327 
_atom_sites.fract_transf_matrix[1][3]   0.00427310 
_atom_sites.fract_transf_matrix[2][1]   -0.00342291 
_atom_sites.fract_transf_matrix[2][2]   -0.02349266 
_atom_sites.fract_transf_matrix[2][3]   -0.02764907 
_atom_sites.fract_transf_matrix[3][1]   0.02258847 
_atom_sites.fract_transf_matrix[3][2]   0.00865784 
_atom_sites.fract_transf_matrix[3][3]   -0.01015275 
_atom_sites.fract_transf_vector[1]      -0.129863 
_atom_sites.fract_transf_vector[2]      0.445570 
_atom_sites.fract_transf_vector[3]      0.040225 
# 
loop_
_atom_type.symbol 
C 
N 
O 
S 
# 
loop_
_atom_site.group_PDB 
_atom_site.id 
_atom_site.type_symbol 
_atom_site.label_atom_id 
_atom_site.label_alt_id 
_atom_site.label_comp_id 
_atom_site.label_asym_id 
_atom_site.label_entity_id 
_atom_site.label_seq_id 
_atom_site.pdbx_PDB_ins_code 
_atom_site.Cartn_x 
_atom_site.Cartn_y 
_atom_site.Cartn_z 
_atom_site.occupancy 
_atom_site.B_iso_or_equiv 
_atom_site.pdbx_formal_charge 
_atom_site.auth_seq_id 
_atom_site.auth_comp_id 
_atom_site.auth_asym_id 
_atom_site.auth_atom_id 
_atom_site.pdbx_PDB_model_num 
ATOM   1    N N   . GLU A 1 5   ? 14.844  -3.642  -7.094  1.00 28.26 ? 2793 GLU A N   1 
ATOM   2    C CA  . GLU A 1 5   ? 14.276  -2.512  -7.891  1.00 27.46 ? 2793 GLU A CA  1 
ATOM   3    C C   . GLU A 1 5   ? 15.328  -1.965  -8.866  1.00 27.60 ? 2793 GLU A C   1 
ATOM   4    O O   . GLU A 1 5   ? 16.507  -1.838  -8.499  1.00 28.60 ? 2793 GLU A O   1 
ATOM   5    C CB  . GLU A 1 5   ? 13.809  -1.386  -6.961  1.00 26.47 ? 2793 GLU A CB  1 
ATOM   6    C CG  . GLU A 1 5   ? 12.739  -1.796  -5.950  1.00 25.74 ? 2793 GLU A CG  1 
ATOM   7    C CD  . GLU A 1 5   ? 12.313  -0.659  -5.026  1.00 25.41 ? 2793 GLU A CD  1 
ATOM   8    O OE1 . GLU A 1 5   ? 13.167  0.181   -4.664  1.00 24.99 ? 2793 GLU A OE1 1 
ATOM   9    O OE2 . GLU A 1 5   ? 11.120  -0.605  -4.650  1.00 23.26 ? 2793 GLU A OE2 1 
ATOM   10   N N   A ASP A 1 6   ? 14.906  -1.643  -10.089 0.25 27.53 ? 2794 ASP A N   1 
ATOM   11   N N   B ASP A 1 6   ? 14.898  -1.638  -10.086 0.25 27.87 ? 2794 ASP A N   1 
ATOM   12   C CA  A ASP A 1 6   ? 15.807  -1.099  -11.105 0.25 27.28 ? 2794 ASP A CA  1 
ATOM   13   C CA  B ASP A 1 6   ? 15.785  -1.087  -11.112 0.25 27.82 ? 2794 ASP A CA  1 
ATOM   14   C C   A ASP A 1 6   ? 16.051  0.390   -10.865 0.25 27.09 ? 2794 ASP A C   1 
ATOM   15   C C   B ASP A 1 6   ? 16.062  0.392   -10.850 0.25 27.41 ? 2794 ASP A C   1 
ATOM   16   O O   A ASP A 1 6   ? 15.381  1.013   -10.034 0.25 26.64 ? 2794 ASP A O   1 
ATOM   17   O O   B ASP A 1 6   ? 15.420  1.011   -9.996  0.25 26.94 ? 2794 ASP A O   1 
ATOM   18   C CB  A ASP A 1 6   ? 15.246  -1.341  -12.510 0.25 27.36 ? 2794 ASP A CB  1 
ATOM   19   C CB  B ASP A 1 6   ? 15.177  -1.266  -12.506 0.25 28.31 ? 2794 ASP A CB  1 
ATOM   20   C CG  A ASP A 1 6   ? 14.008  -0.518  -12.800 0.25 27.53 ? 2794 ASP A CG  1 
ATOM   21   C CG  B ASP A 1 6   ? 14.000  -0.343  -12.755 0.25 28.85 ? 2794 ASP A CG  1 
ATOM   22   O OD1 A ASP A 1 6   ? 13.787  0.495   -12.105 0.25 27.25 ? 2794 ASP A OD1 1 
ATOM   23   O OD1 B ASP A 1 6   ? 13.281  -0.022  -11.789 0.25 29.23 ? 2794 ASP A OD1 1 
ATOM   24   O OD2 A ASP A 1 6   ? 13.262  -0.883  -13.736 0.25 27.47 ? 2794 ASP A OD2 1 
ATOM   25   O OD2 B ASP A 1 6   ? 13.789  0.055   -13.922 0.25 29.43 ? 2794 ASP A OD2 1 
ATOM   26   N N   . ALA A 1 7   ? 17.016  0.946   -11.595 1.00 26.83 ? 2795 ALA A N   1 
ATOM   27   C CA  . ALA A 1 7   ? 17.441  2.356   -11.424 1.00 26.22 ? 2795 ALA A CA  1 
ATOM   28   C C   . ALA A 1 7   ? 16.353  3.417   -11.642 1.00 25.33 ? 2795 ALA A C   1 
ATOM   29   O O   . ALA A 1 7   ? 16.337  4.441   -10.946 1.00 24.93 ? 2795 ALA A O   1 
ATOM   30   C CB  . ALA A 1 7   ? 18.640  2.649   -12.319 1.00 26.53 ? 2795 ALA A CB  1 
ATOM   31   N N   . MET A 1 8   ? 15.433  3.160   -12.572 1.00 23.48 ? 2796 MET A N   1 
ATOM   32   C CA  . MET A 1 8   ? 14.315  4.083   -12.797 1.00 22.75 ? 2796 MET A CA  1 
ATOM   33   C C   . MET A 1 8   ? 13.428  4.189   -11.546 1.00 20.65 ? 2796 MET A C   1 
ATOM   34   O O   . MET A 1 8   ? 13.076  5.287   -11.124 1.00 18.48 ? 2796 MET A O   1 
ATOM   35   C CB  . MET A 1 8   ? 13.477  3.669   -14.018 1.00 24.30 ? 2796 MET A CB  1 
ATOM   36   C CG  . MET A 1 8   ? 12.648  4.814   -14.590 1.00 25.88 ? 2796 MET A CG  1 
ATOM   37   S SD  . MET A 1 8   ? 11.472  4.342   -15.879 1.00 28.51 ? 2796 MET A SD  1 
ATOM   38   C CE  . MET A 1 8   ? 10.910  5.955   -16.415 1.00 28.16 ? 2796 MET A CE  1 
ATOM   39   N N   . THR A 1 9   ? 13.102  3.045   -10.944 1.00 19.84 ? 2797 THR A N   1 
ATOM   40   C CA  . THR A 1 9   ? 12.261  3.005   -9.734  1.00 19.12 ? 2797 THR A CA  1 
ATOM   41   C C   . THR A 1 9   ? 12.906  3.777   -8.574  1.00 18.98 ? 2797 THR A C   1 
ATOM   42   O O   . THR A 1 9   ? 12.228  4.540   -7.867  1.00 16.93 ? 2797 THR A O   1 
ATOM   43   C CB  . THR A 1 9   ? 11.951  1.537   -9.343  1.00 19.13 ? 2797 THR A CB  1 
ATOM   44   O OG1 . THR A 1 9   ? 11.217  0.916   -10.412 1.00 19.90 ? 2797 THR A OG1 1 
ATOM   45   C CG2 . THR A 1 9   ? 11.138  1.447   -8.047  1.00 19.35 ? 2797 THR A CG2 1 
ATOM   46   N N   . VAL A 1 10  ? 14.220  3.622   -8.413  1.00 19.39 ? 2798 VAL A N   1 
ATOM   47   C CA  . VAL A 1 10  ? 14.932  4.237   -7.296  1.00 19.90 ? 2798 VAL A CA  1 
ATOM   48   C C   . VAL A 1 10  ? 15.193  5.739   -7.536  1.00 20.06 ? 2798 VAL A C   1 
ATOM   49   O O   . VAL A 1 10  ? 14.990  6.541   -6.622  1.00 20.71 ? 2798 VAL A O   1 
ATOM   50   C CB  . VAL A 1 10  ? 16.255  3.482   -6.977  1.00 19.96 ? 2798 VAL A CB  1 
ATOM   51   C CG1 . VAL A 1 10  ? 16.966  4.113   -5.790  1.00 20.33 ? 2798 VAL A CG1 1 
ATOM   52   C CG2 . VAL A 1 10  ? 15.990  2.003   -6.678  1.00 19.97 ? 2798 VAL A CG2 1 
ATOM   53   N N   . LEU A 1 11  ? 15.615  6.108   -8.753  1.00 21.30 ? 2799 LEU A N   1 
ATOM   54   C CA  . LEU A 1 11  ? 16.257  7.429   -9.003  1.00 21.47 ? 2799 LEU A CA  1 
ATOM   55   C C   . LEU A 1 11  ? 15.537  8.425   -9.922  1.00 21.42 ? 2799 LEU A C   1 
ATOM   56   O O   . LEU A 1 11  ? 15.895  9.603   -9.918  1.00 21.19 ? 2799 LEU A O   1 
ATOM   57   C CB  . LEU A 1 11  ? 17.682  7.212   -9.542  1.00 22.70 ? 2799 LEU A CB  1 
ATOM   58   C CG  . LEU A 1 11  ? 18.610  6.368   -8.667  1.00 23.18 ? 2799 LEU A CG  1 
ATOM   59   C CD1 . LEU A 1 11  ? 19.925  6.074   -9.379  1.00 23.75 ? 2799 LEU A CD1 1 
ATOM   60   C CD2 . LEU A 1 11  ? 18.861  7.048   -7.329  1.00 23.68 ? 2799 LEU A CD2 1 
ATOM   61   N N   . THR A 1 12  ? 14.546  7.991   -10.704 1.00 20.36 ? 2800 THR A N   1 
ATOM   62   C CA  . THR A 1 12  ? 13.893  8.903   -11.647 1.00 19.72 ? 2800 THR A CA  1 
ATOM   63   C C   . THR A 1 12  ? 12.767  9.631   -10.910 1.00 19.31 ? 2800 THR A C   1 
ATOM   64   O O   . THR A 1 12  ? 11.842  8.973   -10.422 1.00 19.36 ? 2800 THR A O   1 
ATOM   65   C CB  . THR A 1 12  ? 13.368  8.167   -12.889 1.00 20.63 ? 2800 THR A CB  1 
ATOM   66   O OG1 . THR A 1 12  ? 14.473  7.555   -13.565 1.00 21.50 ? 2800 THR A OG1 1 
ATOM   67   C CG2 . THR A 1 12  ? 12.688  9.129   -13.856 1.00 20.74 ? 2800 THR A CG2 1 
ATOM   68   N N   . PRO A 1 13  ? 12.836  10.980  -10.820 1.00 18.35 ? 2801 PRO A N   1 
ATOM   69   C CA  . PRO A 1 13  ? 11.766  11.702  -10.127 1.00 17.99 ? 2801 PRO A CA  1 
ATOM   70   C C   . PRO A 1 13  ? 10.376  11.409  -10.685 1.00 17.32 ? 2801 PRO A C   1 
ATOM   71   O O   . PRO A 1 13  ? 10.217  11.166  -11.887 1.00 17.67 ? 2801 PRO A O   1 
ATOM   72   C CB  . PRO A 1 13  ? 12.137  13.172  -10.349 1.00 18.03 ? 2801 PRO A CB  1 
ATOM   73   C CG  . PRO A 1 13  ? 13.622  13.154  -10.461 1.00 18.64 ? 2801 PRO A CG  1 
ATOM   74   C CD  . PRO A 1 13  ? 13.921  11.902  -11.228 1.00 18.86 ? 2801 PRO A CD  1 
ATOM   75   N N   . LEU A 1 14  ? 9.380   11.420  -9.803  1.00 16.31 ? 2802 LEU A N   1 
ATOM   76   C CA  . LEU A 1 14  ? 7.996   11.236  -10.213 1.00 16.22 ? 2802 LEU A CA  1 
ATOM   77   C C   . LEU A 1 14  ? 7.492   12.503  -10.898 1.00 16.44 ? 2802 LEU A C   1 
ATOM   78   O O   . LEU A 1 14  ? 7.485   13.573  -10.286 1.00 17.39 ? 2802 LEU A O   1 
ATOM   79   C CB  . LEU A 1 14  ? 7.108   10.916  -9.009  1.00 15.73 ? 2802 LEU A CB  1 
ATOM   80   C CG  . LEU A 1 14  ? 7.359   9.550   -8.358  1.00 15.67 ? 2802 LEU A CG  1 
ATOM   81   C CD1 . LEU A 1 14  ? 6.692   9.498   -6.992  1.00 15.54 ? 2802 LEU A CD1 1 
ATOM   82   C CD2 . LEU A 1 14  ? 6.885   8.399   -9.235  1.00 16.01 ? 2802 LEU A CD2 1 
ATOM   83   N N   . THR A 1 15  ? 7.089   12.369  -12.155 1.00 16.94 ? 2803 THR A N   1 
ATOM   84   C CA  . THR A 1 15  ? 6.522   13.476  -12.939 1.00 17.35 ? 2803 THR A CA  1 
ATOM   85   C C   . THR A 1 15  ? 5.024   13.606  -12.693 1.00 18.03 ? 2803 THR A C   1 
ATOM   86   O O   . THR A 1 15  ? 4.430   12.774  -12.022 1.00 16.68 ? 2803 THR A O   1 
ATOM   87   C CB  . THR A 1 15  ? 6.736   13.229  -14.440 1.00 17.55 ? 2803 THR A CB  1 
ATOM   88   O OG1 . THR A 1 15  ? 5.984   12.083  -14.858 1.00 17.03 ? 2803 THR A OG1 1 
ATOM   89   C CG2 . THR A 1 15  ? 8.215   13.011  -14.751 1.00 17.89 ? 2803 THR A CG2 1 
ATOM   90   N N   . GLU A 1 16  ? 4.394   14.634  -13.263 1.00 19.06 ? 2804 GLU A N   1 
ATOM   91   C CA  . GLU A 1 16  ? 2.931   14.737  -13.158 1.00 20.02 ? 2804 GLU A CA  1 
ATOM   92   C C   . GLU A 1 16  ? 2.190   13.572  -13.840 1.00 19.16 ? 2804 GLU A C   1 
ATOM   93   O O   . GLU A 1 16  ? 1.168   13.123  -13.330 1.00 17.91 ? 2804 GLU A O   1 
ATOM   94   C CB  . GLU A 1 16  ? 2.420   16.107  -13.633 1.00 22.29 ? 2804 GLU A CB  1 
ATOM   95   C CG  . GLU A 1 16  ? 2.613   17.207  -12.588 1.00 24.71 ? 2804 GLU A CG  1 
ATOM   96   C CD  . GLU A 1 16  ? 1.790   16.992  -11.315 1.00 26.68 ? 2804 GLU A CD  1 
ATOM   97   O OE1 . GLU A 1 16  ? 0.563   16.783  -11.422 1.00 29.37 ? 2804 GLU A OE1 1 
ATOM   98   O OE2 . GLU A 1 16  ? 2.366   17.029  -10.201 1.00 28.41 ? 2804 GLU A OE2 1 
ATOM   99   N N   . LYS A 1 17  ? 2.711   13.071  -14.961 1.00 19.48 ? 2805 LYS A N   1 
ATOM   100  C CA  . LYS A 1 17  ? 2.135   11.887  -15.609 1.00 20.11 ? 2805 LYS A CA  1 
ATOM   101  C C   . LYS A 1 17  ? 2.295   10.637  -14.742 1.00 18.21 ? 2805 LYS A C   1 
ATOM   102  O O   . LYS A 1 17  ? 1.378   9.826   -14.660 1.00 17.78 ? 2805 LYS A O   1 
ATOM   103  C CB  . LYS A 1 17  ? 2.752   11.637  -16.989 1.00 22.31 ? 2805 LYS A CB  1 
ATOM   104  C CG  . LYS A 1 17  ? 1.966   10.651  -17.845 1.00 24.73 ? 2805 LYS A CG  1 
ATOM   105  C CD  . LYS A 1 17  ? 2.767   10.115  -19.029 1.00 26.84 ? 2805 LYS A CD  1 
ATOM   106  C CE  . LYS A 1 17  ? 3.129   11.198  -20.039 1.00 28.16 ? 2805 LYS A CE  1 
ATOM   107  N NZ  . LYS A 1 17  ? 4.503   11.748  -19.848 1.00 29.73 ? 2805 LYS A NZ  1 
ATOM   108  N N   . ASP A 1 18  ? 3.457   10.475  -14.113 1.00 16.46 ? 2806 ASP A N   1 
ATOM   109  C CA  . ASP A 1 18  ? 3.641   9.397   -13.131 1.00 15.86 ? 2806 ASP A CA  1 
ATOM   110  C C   . ASP A 1 18  ? 2.573   9.467   -12.028 1.00 15.18 ? 2806 ASP A C   1 
ATOM   111  O O   . ASP A 1 18  ? 2.037   8.438   -11.633 1.00 14.75 ? 2806 ASP A O   1 
ATOM   112  C CB  . ASP A 1 18  ? 5.027   9.439   -12.472 1.00 15.77 ? 2806 ASP A CB  1 
ATOM   113  C CG  . ASP A 1 18  ? 6.160   9.036   -13.409 1.00 16.40 ? 2806 ASP A CG  1 
ATOM   114  O OD1 . ASP A 1 18  ? 5.954   8.203   -14.316 1.00 17.30 ? 2806 ASP A OD1 1 
ATOM   115  O OD2 . ASP A 1 18  ? 7.278   9.544   -13.195 1.00 16.28 ? 2806 ASP A OD2 1 
ATOM   116  N N   . TYR A 1 19  ? 2.286   10.675  -11.533 1.00 14.74 ? 2807 TYR A N   1 
ATOM   117  C CA  . TYR A 1 19  ? 1.293   10.863  -10.460 1.00 14.47 ? 2807 TYR A CA  1 
ATOM   118  C C   . TYR A 1 19  ? -0.143  10.479  -10.863 1.00 15.20 ? 2807 TYR A C   1 
ATOM   119  O O   . TYR A 1 19  ? -0.885  9.965   -10.034 1.00 15.36 ? 2807 TYR A O   1 
ATOM   120  C CB  . TYR A 1 19  ? 1.360   12.288  -9.853  1.00 14.08 ? 2807 TYR A CB  1 
ATOM   121  C CG  . TYR A 1 19  ? 2.113   12.329  -8.534  1.00 13.57 ? 2807 TYR A CG  1 
ATOM   122  C CD1 . TYR A 1 19  ? 3.485   12.606  -8.482  1.00 12.99 ? 2807 TYR A CD1 1 
ATOM   123  C CD2 . TYR A 1 19  ? 1.459   12.062  -7.341  1.00 13.33 ? 2807 TYR A CD2 1 
ATOM   124  C CE1 . TYR A 1 19  ? 4.177   12.612  -7.273  1.00 12.90 ? 2807 TYR A CE1 1 
ATOM   125  C CE2 . TYR A 1 19  ? 2.137   12.073  -6.133  1.00 13.17 ? 2807 TYR A CE2 1 
ATOM   126  C CZ  . TYR A 1 19  ? 3.493   12.357  -6.099  1.00 12.73 ? 2807 TYR A CZ  1 
ATOM   127  O OH  . TYR A 1 19  ? 4.123   12.364  -4.870  1.00 12.87 ? 2807 TYR A OH  1 
ATOM   128  N N   . GLU A 1 20  ? -0.525  10.697  -12.124 1.00 16.15 ? 2808 GLU A N   1 
ATOM   129  C CA  . GLU A 1 20  ? -1.820  10.193  -12.608 1.00 18.02 ? 2808 GLU A CA  1 
ATOM   130  C C   . GLU A 1 20  ? -1.900  8.660   -12.554 1.00 17.30 ? 2808 GLU A C   1 
ATOM   131  O O   . GLU A 1 20  ? -2.936  8.114   -12.173 1.00 17.53 ? 2808 GLU A O   1 
ATOM   132  C CB  . GLU A 1 20  ? -2.159  10.753  -13.997 1.00 20.06 ? 2808 GLU A CB  1 
ATOM   133  C CG  . GLU A 1 20  ? -2.458  12.258  -14.013 1.00 22.40 ? 2808 GLU A CG  1 
ATOM   134  C CD  . GLU A 1 20  ? -3.503  12.706  -12.989 1.00 24.66 ? 2808 GLU A CD  1 
ATOM   135  O OE1 . GLU A 1 20  ? -4.601  12.103  -12.903 1.00 28.20 ? 2808 GLU A OE1 1 
ATOM   136  O OE2 . GLU A 1 20  ? -3.229  13.679  -12.253 1.00 28.17 ? 2808 GLU A OE2 1 
ATOM   137  N N   . GLY A 1 21  ? -0.798  7.982   -12.885 1.00 16.11 ? 2809 GLY A N   1 
ATOM   138  C CA  . GLY A 1 21  ? -0.686  6.532   -12.732 1.00 15.44 ? 2809 GLY A CA  1 
ATOM   139  C C   . GLY A 1 21  ? -0.749  6.038   -11.292 1.00 14.96 ? 2809 GLY A C   1 
ATOM   140  O O   . GLY A 1 21  ? -1.398  5.026   -11.015 1.00 14.72 ? 2809 GLY A O   1 
ATOM   141  N N   . LEU A 1 22  ? -0.087  6.741   -10.372 1.00 14.62 ? 2810 LEU A N   1 
ATOM   142  C CA  . LEU A 1 22  ? -0.145  6.374   -8.944  1.00 14.42 ? 2810 LEU A CA  1 
ATOM   143  C C   . LEU A 1 22  ? -1.555  6.519   -8.380  1.00 14.07 ? 2810 LEU A C   1 
ATOM   144  O O   . LEU A 1 22  ? -1.985  5.687   -7.590  1.00 13.39 ? 2810 LEU A O   1 
ATOM   145  C CB  . LEU A 1 22  ? 0.813   7.208   -8.087  1.00 15.23 ? 2810 LEU A CB  1 
ATOM   146  C CG  . LEU A 1 22  ? 2.313   7.003   -8.311  1.00 15.87 ? 2810 LEU A CG  1 
ATOM   147  C CD1 . LEU A 1 22  ? 3.072   7.818   -7.274  1.00 15.92 ? 2810 LEU A CD1 1 
ATOM   148  C CD2 . LEU A 1 22  ? 2.729   5.540   -8.261  1.00 15.99 ? 2810 LEU A CD2 1 
ATOM   149  N N   . LYS A 1 23  ? -2.259  7.575   -8.786  1.00 14.45 ? 2811 LYS A N   1 
ATOM   150  C CA  . LYS A 1 23  ? -3.658  7.750   -8.357  1.00 14.81 ? 2811 LYS A CA  1 
ATOM   151  C C   . LYS A 1 23  ? -4.533  6.580   -8.791  1.00 14.41 ? 2811 LYS A C   1 
ATOM   152  O O   . LYS A 1 23  ? -5.339  6.089   -8.005  1.00 13.83 ? 2811 LYS A O   1 
ATOM   153  C CB  . LYS A 1 23  ? -4.249  9.049   -8.903  1.00 16.08 ? 2811 LYS A CB  1 
ATOM   154  C CG  . LYS A 1 23  ? -3.671  10.296  -8.268  1.00 17.49 ? 2811 LYS A CG  1 
ATOM   155  C CD  . LYS A 1 23  ? -4.140  11.526  -9.017  1.00 19.83 ? 2811 LYS A CD  1 
ATOM   156  C CE  . LYS A 1 23  ? -3.166  12.670  -8.835  1.00 21.92 ? 2811 LYS A CE  1 
ATOM   157  N NZ  . LYS A 1 23  ? -3.569  13.843  -9.645  1.00 23.90 ? 2811 LYS A NZ  1 
ATOM   158  N N   . ARG A 1 24  ? -4.350  6.145   -10.037 1.00 14.42 ? 2812 ARG A N   1 
ATOM   159  C CA  . ARG A 1 24  ? -5.077  4.995   -10.586 1.00 15.15 ? 2812 ARG A CA  1 
ATOM   160  C C   . ARG A 1 24  ? -4.753  3.701   -9.824  1.00 13.86 ? 2812 ARG A C   1 
ATOM   161  O O   . ARG A 1 24  ? -5.674  2.940   -9.499  1.00 13.26 ? 2812 ARG A O   1 
ATOM   162  C CB  . ARG A 1 24  ? -4.777  4.845   -12.083 1.00 17.16 ? 2812 ARG A CB  1 
ATOM   163  C CG  . ARG A 1 24  ? -5.454  3.673   -12.788 1.00 19.38 ? 2812 ARG A CG  1 
ATOM   164  C CD  . ARG A 1 24  ? -4.728  3.292   -14.085 1.00 21.70 ? 2812 ARG A CD  1 
ATOM   165  N NE  . ARG A 1 24  ? -5.242  4.032   -15.229 1.00 24.47 ? 2812 ARG A NE  1 
ATOM   166  C CZ  . ARG A 1 24  ? -4.792  3.933   -16.481 1.00 24.90 ? 2812 ARG A CZ  1 
ATOM   167  N NH1 . ARG A 1 24  ? -5.382  4.653   -17.432 1.00 25.37 ? 2812 ARG A NH1 1 
ATOM   168  N NH2 . ARG A 1 24  ? -3.751  3.158   -16.795 1.00 26.58 ? 2812 ARG A NH2 1 
ATOM   169  N N   . VAL A 1 25  ? -3.470  3.459   -9.527  1.00 12.79 ? 2813 VAL A N   1 
ATOM   170  C CA  . VAL A 1 25  ? -3.066  2.251   -8.774  1.00 12.47 ? 2813 VAL A CA  1 
ATOM   171  C C   . VAL A 1 25  ? -3.734  2.270   -7.396  1.00 12.05 ? 2813 VAL A C   1 
ATOM   172  O O   . VAL A 1 25  ? -4.311  1.280   -6.964  1.00 12.26 ? 2813 VAL A O   1 
ATOM   173  C CB  . VAL A 1 25  ? -1.518  2.135   -8.639  1.00 12.62 ? 2813 VAL A CB  1 
ATOM   174  C CG1 . VAL A 1 25  ? -1.110  1.018   -7.676  1.00 12.47 ? 2813 VAL A CG1 1 
ATOM   175  C CG2 . VAL A 1 25  ? -0.878  1.898   -10.004 1.00 13.18 ? 2813 VAL A CG2 1 
ATOM   176  N N   . LEU A 1 26  ? -3.660  3.411   -6.722  1.00 11.83 ? 2814 LEU A N   1 
ATOM   177  C CA  . LEU A 1 26  ? -4.238  3.523   -5.393  1.00 11.75 ? 2814 LEU A CA  1 
ATOM   178  C C   . LEU A 1 26  ? -5.763  3.274   -5.381  1.00 11.29 ? 2814 LEU A C   1 
ATOM   179  O O   . LEU A 1 26  ? -6.263  2.546   -4.509  1.00 11.25 ? 2814 LEU A O   1 
ATOM   180  C CB  . LEU A 1 26  ? -3.887  4.873   -4.767  1.00 12.60 ? 2814 LEU A CB  1 
ATOM   181  C CG  . LEU A 1 26  ? -4.305  5.089   -3.315  1.00 12.68 ? 2814 LEU A CG  1 
ATOM   182  C CD1 . LEU A 1 26  ? -3.781  4.022   -2.362  1.00 12.68 ? 2814 LEU A CD1 1 
ATOM   183  C CD2 . LEU A 1 26  ? -3.812  6.454   -2.884  1.00 13.16 ? 2814 LEU A CD2 1 
ATOM   184  N N   A ARG A 1 27  ? -6.483  3.870   -6.334  0.25 11.30 ? 2815 ARG A N   1 
ATOM   185  N N   B ARG A 1 27  ? -6.477  3.866   -6.338  0.25 11.26 ? 2815 ARG A N   1 
ATOM   186  C CA  A ARG A 1 27  ? -7.937  3.692   -6.426  0.25 11.31 ? 2815 ARG A CA  1 
ATOM   187  C CA  B ARG A 1 27  ? -7.923  3.675   -6.447  0.25 11.24 ? 2815 ARG A CA  1 
ATOM   188  C C   A ARG A 1 27  ? -8.324  2.230   -6.695  0.25 11.38 ? 2815 ARG A C   1 
ATOM   189  C C   B ARG A 1 27  ? -8.285  2.216   -6.740  0.25 11.05 ? 2815 ARG A C   1 
ATOM   190  O O   A ARG A 1 27  ? -9.331  1.747   -6.180  0.25 11.14 ? 2815 ARG A O   1 
ATOM   191  O O   B ARG A 1 27  ? -9.306  1.717   -6.272  0.25 10.82 ? 2815 ARG A O   1 
ATOM   192  C CB  A ARG A 1 27  ? -8.534  4.614   -7.497  0.25 11.36 ? 2815 ARG A CB  1 
ATOM   193  C CB  B ARG A 1 27  ? -8.498  4.610   -7.512  0.25 11.51 ? 2815 ARG A CB  1 
ATOM   194  C CG  A ARG A 1 27  ? -8.603  6.082   -7.092  0.25 11.45 ? 2815 ARG A CG  1 
ATOM   195  C CG  B ARG A 1 27  ? -8.498  6.061   -7.060  0.25 11.80 ? 2815 ARG A CG  1 
ATOM   196  C CD  A ARG A 1 27  ? -9.432  6.897   -8.074  0.25 11.52 ? 2815 ARG A CD  1 
ATOM   197  C CD  B ARG A 1 27  ? -8.682  7.052   -8.196  0.25 12.12 ? 2815 ARG A CD  1 
ATOM   198  N NE  A ARG A 1 27  ? -9.057  6.608   -9.454  0.25 11.72 ? 2815 ARG A NE  1 
ATOM   199  N NE  B ARG A 1 27  ? -8.712  8.414   -7.669  0.25 12.36 ? 2815 ARG A NE  1 
ATOM   200  C CZ  A ARG A 1 27  ? -8.402  7.444   -10.256 0.25 11.71 ? 2815 ARG A CZ  1 
ATOM   201  C CZ  B ARG A 1 27  ? -8.484  9.507   -8.387  0.25 12.56 ? 2815 ARG A CZ  1 
ATOM   202  N NH1 A ARG A 1 27  ? -8.055  8.652   -9.835  0.25 11.95 ? 2815 ARG A NH1 1 
ATOM   203  N NH1 B ARG A 1 27  ? -8.194  9.415   -9.676  0.25 12.67 ? 2815 ARG A NH1 1 
ATOM   204  N NH2 A ARG A 1 27  ? -8.103  7.068   -11.492 0.25 11.58 ? 2815 ARG A NH2 1 
ATOM   205  N NH2 B ARG A 1 27  ? -8.536  10.695  -7.802  0.25 12.70 ? 2815 ARG A NH2 1 
ATOM   206  N N   A SER A 1 28  ? -7.514  1.529   -7.486  0.38 11.66 ? 2816 SER A N   1 
ATOM   207  N N   B SER A 1 28  ? -7.424  1.535   -7.492  0.12 11.00 ? 2816 SER A N   1 
ATOM   208  C CA  A SER A 1 28  ? -7.747  0.109   -7.754  0.38 12.09 ? 2816 SER A CA  1 
ATOM   209  C CA  B SER A 1 28  ? -7.618  0.119   -7.790  0.12 11.05 ? 2816 SER A CA  1 
ATOM   210  C C   A SER A 1 28  ? -7.663  -0.714  -6.467  0.38 11.76 ? 2816 SER A C   1 
ATOM   211  C C   B SER A 1 28  ? -7.514  -0.720  -6.512  0.12 11.08 ? 2816 SER A C   1 
ATOM   212  O O   A SER A 1 28  ? -8.485  -1.596  -6.230  0.38 11.84 ? 2816 SER A O   1 
ATOM   213  O O   B SER A 1 28  ? -8.276  -1.667  -6.322  0.12 11.10 ? 2816 SER A O   1 
ATOM   214  C CB  A SER A 1 28  ? -6.732  -0.413  -8.775  0.38 12.61 ? 2816 SER A CB  1 
ATOM   215  C CB  B SER A 1 28  ? -6.603  -0.352  -8.843  0.12 11.02 ? 2816 SER A CB  1 
ATOM   216  O OG  A SER A 1 28  ? -7.015  0.073   -10.072 0.38 13.82 ? 2816 SER A OG  1 
ATOM   217  O OG  B SER A 1 28  ? -5.407  -0.825  -8.254  0.12 10.84 ? 2816 SER A OG  1 
ATOM   218  N N   A LEU A 1 29  ? -6.664  -0.426  -5.637  0.25 11.54 ? 2817 LEU A N   1 
ATOM   219  N N   B LEU A 1 29  ? -6.576  -0.366  -5.635  0.25 11.12 ? 2817 LEU A N   1 
ATOM   220  C CA  A LEU A 1 29  ? -6.540  -1.111  -4.355  0.25 11.49 ? 2817 LEU A CA  1 
ATOM   221  C CA  B LEU A 1 29  ? -6.448  -1.031  -4.335  0.25 11.29 ? 2817 LEU A CA  1 
ATOM   222  C C   A LEU A 1 29  ? -7.688  -0.762  -3.415  0.25 11.34 ? 2817 LEU A C   1 
ATOM   223  C C   B LEU A 1 29  ? -7.658  -0.751  -3.435  0.25 11.23 ? 2817 LEU A C   1 
ATOM   224  O O   A LEU A 1 29  ? -8.244  -1.651  -2.772  0.25 11.28 ? 2817 LEU A O   1 
ATOM   225  O O   B LEU A 1 29  ? -8.220  -1.673  -2.843  0.25 11.19 ? 2817 LEU A O   1 
ATOM   226  C CB  A LEU A 1 29  ? -5.198  -0.815  -3.690  0.25 11.60 ? 2817 LEU A CB  1 
ATOM   227  C CB  B LEU A 1 29  ? -5.155  -0.602  -3.630  0.25 11.53 ? 2817 LEU A CB  1 
ATOM   228  C CG  A LEU A 1 29  ? -4.160  -1.922  -3.879  0.25 11.63 ? 2817 LEU A CG  1 
ATOM   229  C CG  B LEU A 1 29  ? -3.872  -1.365  -3.987  0.25 11.72 ? 2817 LEU A CG  1 
ATOM   230  C CD1 A LEU A 1 29  ? -3.663  -1.984  -5.311  0.25 11.70 ? 2817 LEU A CD1 1 
ATOM   231  C CD1 B LEU A 1 29  ? -3.856  -2.730  -3.321  0.25 11.80 ? 2817 LEU A CD1 1 
ATOM   232  C CD2 A LEU A 1 29  ? -3.004  -1.705  -2.925  0.25 11.66 ? 2817 LEU A CD2 1 
ATOM   233  C CD2 B LEU A 1 29  ? -3.699  -1.497  -5.490  0.25 11.80 ? 2817 LEU A CD2 1 
ATOM   234  N N   . GLN A 1 30  ? -8.056  0.519   -3.347  1.00 11.11 ? 2818 GLN A N   1 
ATOM   235  C CA  . GLN A 1 30  ? -9.218  0.943   -2.509  1.00 11.16 ? 2818 GLN A CA  1 
ATOM   236  C C   . GLN A 1 30  ? -10.571 0.287   -2.906  1.00 11.27 ? 2818 GLN A C   1 
ATOM   237  O O   . GLN A 1 30  ? -11.448 0.102   -2.049  1.00 11.80 ? 2818 GLN A O   1 
ATOM   238  C CB  . GLN A 1 30  ? -9.357  2.470   -2.491  1.00 10.87 ? 2818 GLN A CB  1 
ATOM   239  C CG  . GLN A 1 30  ? -8.236  3.195   -1.749  1.00 10.91 ? 2818 GLN A CG  1 
ATOM   240  C CD  . GLN A 1 30  ? -8.218  4.694   -1.996  1.00 11.23 ? 2818 GLN A CD  1 
ATOM   241  O OE1 . GLN A 1 30  ? -8.356  5.152   -3.135  1.00 11.71 ? 2818 GLN A OE1 1 
ATOM   242  N NE2 . GLN A 1 30  ? -8.025  5.471   -0.928  1.00 11.28 ? 2818 GLN A NE2 1 
ATOM   243  N N   . ALA A 1 31  ? -10.712 -0.069  -4.187  1.00 11.05 ? 2819 ALA A N   1 
ATOM   244  C CA  . ALA A 1 31  ? -11.906 -0.759  -4.725  1.00 11.53 ? 2819 ALA A CA  1 
ATOM   245  C C   . ALA A 1 31  ? -11.942 -2.285  -4.563  1.00 11.97 ? 2819 ALA A C   1 
ATOM   246  O O   . ALA A 1 31  ? -12.983 -2.912  -4.830  1.00 12.44 ? 2819 ALA A O   1 
ATOM   247  C CB  . ALA A 1 31  ? -12.061 -0.421  -6.200  1.00 11.53 ? 2819 ALA A CB  1 
ATOM   248  N N   . HIS A 1 32  ? -10.824 -2.887  -4.162  1.00 11.93 ? 2820 HIS A N   1 
ATOM   249  C CA  . HIS A 1 32  ? -10.695 -4.351  -4.090  1.00 12.86 ? 2820 HIS A CA  1 
ATOM   250  C C   . HIS A 1 32  ? -11.534 -4.904  -2.933  1.00 13.53 ? 2820 HIS A C   1 
ATOM   251  O O   . HIS A 1 32  ? -11.599 -4.311  -1.856  1.00 13.21 ? 2820 HIS A O   1 
ATOM   252  C CB  . HIS A 1 32  ? -9.208  -4.744  -3.934  1.00 12.67 ? 2820 HIS A CB  1 
ATOM   253  C CG  . HIS A 1 32  ? -8.911  -6.184  -4.236  1.00 12.59 ? 2820 HIS A CG  1 
ATOM   254  N ND1 . HIS A 1 32  ? -9.176  -7.200  -3.350  1.00 13.22 ? 2820 HIS A ND1 1 
ATOM   255  C CD2 . HIS A 1 32  ? -8.324  -6.772  -5.306  1.00 12.67 ? 2820 HIS A CD2 1 
ATOM   256  C CE1 . HIS A 1 32  ? -8.807  -8.356  -3.869  1.00 13.08 ? 2820 HIS A CE1 1 
ATOM   257  N NE2 . HIS A 1 32  ? -8.282  -8.125  -5.056  1.00 13.11 ? 2820 HIS A NE2 1 
ATOM   258  N N   . LYS A 1 33  ? -12.160 -6.058  -3.166  1.00 15.14 ? 2821 LYS A N   1 
ATOM   259  C CA  . LYS A 1 33  ? -13.045 -6.720  -2.195  1.00 17.74 ? 2821 LYS A CA  1 
ATOM   260  C C   . LYS A 1 33  ? -12.436 -7.006  -0.803  1.00 17.57 ? 2821 LYS A C   1 
ATOM   261  O O   . LYS A 1 33  ? -13.158 -6.989  0.191   1.00 17.45 ? 2821 LYS A O   1 
ATOM   262  C CB  . LYS A 1 33  ? -13.532 -8.041  -2.819  1.00 20.06 ? 2821 LYS A CB  1 
ATOM   263  C CG  . LYS A 1 33  ? -14.609 -8.816  -2.083  1.00 22.83 ? 2821 LYS A CG  1 
ATOM   264  C CD  . LYS A 1 33  ? -14.752 -10.234 -2.648  1.00 24.63 ? 2821 LYS A CD  1 
ATOM   265  C CE  . LYS A 1 33  ? -15.035 -10.294 -4.146  1.00 26.26 ? 2821 LYS A CE  1 
ATOM   266  N NZ  . LYS A 1 33  ? -15.190 -11.701 -4.622  1.00 26.99 ? 2821 LYS A NZ  1 
ATOM   267  N N   A MET A 1 34  ? -11.131 -7.275  -0.768  0.25 17.73 ? 2822 MET A N   1 
ATOM   268  N N   B MET A 1 34  ? -11.132 -7.274  -0.754  0.25 17.82 ? 2822 MET A N   1 
ATOM   269  C CA  A MET A 1 34  ? -10.395 -7.591  0.460   0.25 18.06 ? 2822 MET A CA  1 
ATOM   270  C CA  B MET A 1 34  ? -10.423 -7.567  0.496   0.25 18.22 ? 2822 MET A CA  1 
ATOM   271  C C   A MET A 1 34  ? -9.587  -6.411  1.018   0.25 17.64 ? 2822 MET A C   1 
ATOM   272  C C   B MET A 1 34  ? -9.595  -6.403  1.033   0.25 17.73 ? 2822 MET A C   1 
ATOM   273  O O   A MET A 1 34  ? -8.691  -6.622  1.840   0.25 17.73 ? 2822 MET A O   1 
ATOM   274  O O   B MET A 1 34  ? -8.694  -6.615  1.849   0.25 17.81 ? 2822 MET A O   1 
ATOM   275  C CB  A MET A 1 34  ? -9.441  -8.758  0.193   0.25 18.65 ? 2822 MET A CB  1 
ATOM   276  C CB  B MET A 1 34  ? -9.489  -8.749  0.291   0.25 18.91 ? 2822 MET A CB  1 
ATOM   277  C CG  A MET A 1 34  ? -10.085 -9.948  -0.504  0.25 19.16 ? 2822 MET A CG  1 
ATOM   278  C CG  B MET A 1 34  ? -10.170 -9.995  -0.231  0.25 19.51 ? 2822 MET A CG  1 
ATOM   279  S SD  A MET A 1 34  ? -11.255 -10.834 0.545   0.25 19.58 ? 2822 MET A SD  1 
ATOM   280  S SD  B MET A 1 34  ? -9.249  -11.441 0.296   0.25 20.07 ? 2822 MET A SD  1 
ATOM   281  C CE  A MET A 1 34  ? -10.171 -11.959 1.420   0.25 19.64 ? 2822 MET A CE  1 
ATOM   282  C CE  B MET A 1 34  ? -10.177 -11.938 1.745   0.25 20.11 ? 2822 MET A CE  1 
ATOM   283  N N   . ALA A 1 35  ? -9.893  -5.183  0.588   1.00 17.07 ? 2823 ALA A N   1 
ATOM   284  C CA  . ALA A 1 35  ? -9.173  -3.980  1.057   1.00 16.39 ? 2823 ALA A CA  1 
ATOM   285  C C   . ALA A 1 35  ? -9.756  -3.401  2.343   1.00 15.96 ? 2823 ALA A C   1 
ATOM   286  O O   . ALA A 1 35  ? -9.111  -2.555  2.962   1.00 13.52 ? 2823 ALA A O   1 
ATOM   287  C CB  . ALA A 1 35  ? -9.147  -2.924  -0.031  1.00 16.49 ? 2823 ALA A CB  1 
ATOM   288  N N   . TRP A 1 36  ? -10.958 -3.840  2.751   1.00 15.76 ? 2824 TRP A N   1 
ATOM   289  C CA  . TRP A 1 36  ? -11.667 -3.243  3.899   1.00 16.85 ? 2824 TRP A CA  1 
ATOM   290  C C   . TRP A 1 36  ? -10.847 -3.036  5.190   1.00 16.05 ? 2824 TRP A C   1 
ATOM   291  O O   . TRP A 1 36  ? -11.006 -1.998  5.826   1.00 16.62 ? 2824 TRP A O   1 
ATOM   292  C CB  . TRP A 1 36  ? -12.966 -4.009  4.248   1.00 18.22 ? 2824 TRP A CB  1 
ATOM   293  C CG  . TRP A 1 36  ? -14.016 -3.977  3.164   1.00 20.21 ? 2824 TRP A CG  1 
ATOM   294  C CD1 . TRP A 1 36  ? -14.356 -5.001  2.343   1.00 21.27 ? 2824 TRP A CD1 1 
ATOM   295  C CD2 . TRP A 1 36  ? -14.860 -2.874  2.800   1.00 21.74 ? 2824 TRP A CD2 1 
ATOM   296  N NE1 . TRP A 1 36  ? -15.349 -4.614  1.478   1.00 22.33 ? 2824 TRP A NE1 1 
ATOM   297  C CE2 . TRP A 1 36  ? -15.681 -3.312  1.738   1.00 21.94 ? 2824 TRP A CE2 1 
ATOM   298  C CE3 . TRP A 1 36  ? -15.005 -1.563  3.267   1.00 22.07 ? 2824 TRP A CE3 1 
ATOM   299  C CZ2 . TRP A 1 36  ? -16.629 -2.481  1.124   1.00 22.74 ? 2824 TRP A CZ2 1 
ATOM   300  C CZ3 . TRP A 1 36  ? -15.944 -0.733  2.654   1.00 22.69 ? 2824 TRP A CZ3 1 
ATOM   301  C CH2 . TRP A 1 36  ? -16.744 -1.201  1.595   1.00 22.52 ? 2824 TRP A CH2 1 
ATOM   302  N N   . PRO A 1 37  ? -9.974  -4.010  5.573   1.00 15.66 ? 2825 PRO A N   1 
ATOM   303  C CA  . PRO A 1 37  ? -9.210  -3.774  6.817   1.00 14.84 ? 2825 PRO A CA  1 
ATOM   304  C C   . PRO A 1 37  ? -8.171  -2.647  6.739   1.00 13.56 ? 2825 PRO A C   1 
ATOM   305  O O   . PRO A 1 37  ? -7.717  -2.175  7.790   1.00 13.00 ? 2825 PRO A O   1 
ATOM   306  C CB  . PRO A 1 37  ? -8.475  -5.100  7.058   1.00 15.31 ? 2825 PRO A CB  1 
ATOM   307  C CG  . PRO A 1 37  ? -9.097  -6.108  6.160   1.00 15.74 ? 2825 PRO A CG  1 
ATOM   308  C CD  . PRO A 1 37  ? -9.714  -5.352  5.018   1.00 15.97 ? 2825 PRO A CD  1 
ATOM   309  N N   . PHE A 1 38  ? -7.801  -2.249  5.515   1.00 12.22 ? 2826 PHE A N   1 
ATOM   310  C CA  . PHE A 1 38  ? -6.686  -1.325  5.246   1.00 11.71 ? 2826 PHE A CA  1 
ATOM   311  C C   . PHE A 1 38  ? -7.102  0.074   4.773   1.00 11.64 ? 2826 PHE A C   1 
ATOM   312  O O   . PHE A 1 38  ? -6.242  0.918   4.541   1.00 10.95 ? 2826 PHE A O   1 
ATOM   313  C CB  . PHE A 1 38  ? -5.762  -1.939  4.171   1.00 11.77 ? 2826 PHE A CB  1 
ATOM   314  C CG  . PHE A 1 38  ? -5.401  -3.381  4.428   1.00 11.92 ? 2826 PHE A CG  1 
ATOM   315  C CD1 . PHE A 1 38  ? -4.714  -3.730  5.587   1.00 11.84 ? 2826 PHE A CD1 1 
ATOM   316  C CD2 . PHE A 1 38  ? -5.741  -4.392  3.520   1.00 12.24 ? 2826 PHE A CD2 1 
ATOM   317  C CE1 . PHE A 1 38  ? -4.397  -5.049  5.862   1.00 12.13 ? 2826 PHE A CE1 1 
ATOM   318  C CE2 . PHE A 1 38  ? -5.403  -5.711  3.778   1.00 12.59 ? 2826 PHE A CE2 1 
ATOM   319  C CZ  . PHE A 1 38  ? -4.733  -6.042  4.947   1.00 12.38 ? 2826 PHE A CZ  1 
ATOM   320  N N   . LEU A 1 39  ? -8.403  0.332   4.652   1.00 11.98 ? 2827 LEU A N   1 
ATOM   321  C CA  . LEU A 1 39  ? -8.881  1.598   4.085   1.00 12.09 ? 2827 LEU A CA  1 
ATOM   322  C C   . LEU A 1 39  ? -8.591  2.803   4.982   1.00 12.29 ? 2827 LEU A C   1 
ATOM   323  O O   . LEU A 1 39  ? -8.322  3.895   4.477   1.00 12.84 ? 2827 LEU A O   1 
ATOM   324  C CB  . LEU A 1 39  ? -10.400 1.533   3.790   1.00 12.40 ? 2827 LEU A CB  1 
ATOM   325  C CG  . LEU A 1 39  ? -10.856 0.575   2.682   1.00 12.65 ? 2827 LEU A CG  1 
ATOM   326  C CD1 . LEU A 1 39  ? -12.378 0.577   2.575   1.00 12.95 ? 2827 LEU A CD1 1 
ATOM   327  C CD2 . LEU A 1 39  ? -10.225 0.884   1.332   1.00 12.96 ? 2827 LEU A CD2 1 
ATOM   328  N N   . GLU A 1 40  ? -8.654  2.591   6.300   1.00 12.79 ? 2828 GLU A N   1 
ATOM   329  C CA  . GLU A 1 40  ? -8.488  3.649   7.304   1.00 13.68 ? 2828 GLU A CA  1 
ATOM   330  C C   . GLU A 1 40  ? -7.540  3.170   8.401   1.00 12.76 ? 2828 GLU A C   1 
ATOM   331  O O   . GLU A 1 40  ? -7.317  1.966   8.524   1.00 11.49 ? 2828 GLU A O   1 
ATOM   332  C CB  . GLU A 1 40  ? -9.850  3.953   7.943   1.00 15.73 ? 2828 GLU A CB  1 
ATOM   333  C CG  . GLU A 1 40  ? -10.926 4.400   6.966   1.00 17.86 ? 2828 GLU A CG  1 
ATOM   334  C CD  . GLU A 1 40  ? -10.641 5.742   6.337   1.00 19.89 ? 2828 GLU A CD  1 
ATOM   335  O OE1 . GLU A 1 40  ? -9.978  6.580   6.979   1.00 22.90 ? 2828 GLU A OE1 1 
ATOM   336  O OE2 . GLU A 1 40  ? -11.091 5.965   5.190   1.00 23.65 ? 2828 GLU A OE2 1 
ATOM   337  N N   . PRO A 1 41  ? -6.995  4.101   9.232   1.00 12.60 ? 2829 PRO A N   1 
ATOM   338  C CA  . PRO A 1 41  ? -6.138  3.673   10.353  1.00 12.61 ? 2829 PRO A CA  1 
ATOM   339  C C   . PRO A 1 41  ? -6.788  2.607   11.246  1.00 13.03 ? 2829 PRO A C   1 
ATOM   340  O O   . PRO A 1 41  ? -8.018  2.621   11.443  1.00 12.81 ? 2829 PRO A O   1 
ATOM   341  C CB  . PRO A 1 41  ? -5.903  4.975   11.136  1.00 12.76 ? 2829 PRO A CB  1 
ATOM   342  C CG  . PRO A 1 41  ? -6.014  6.041   10.113  1.00 12.74 ? 2829 PRO A CG  1 
ATOM   343  C CD  . PRO A 1 41  ? -7.054  5.575   9.131   1.00 12.81 ? 2829 PRO A CD  1 
ATOM   344  N N   . VAL A 1 42  ? -5.980  1.682   11.765  1.00 13.14 ? 2830 VAL A N   1 
ATOM   345  C CA  . VAL A 1 42  ? -6.486  0.646   12.660  1.00 13.95 ? 2830 VAL A CA  1 
ATOM   346  C C   . VAL A 1 42  ? -7.169  1.313   13.861  1.00 14.99 ? 2830 VAL A C   1 
ATOM   347  O O   . VAL A 1 42  ? -6.620  2.243   14.449  1.00 14.43 ? 2830 VAL A O   1 
ATOM   348  C CB  . VAL A 1 42  ? -5.363  -0.315  13.124  1.00 13.78 ? 2830 VAL A CB  1 
ATOM   349  C CG1 . VAL A 1 42  ? -5.852  -1.243  14.240  1.00 13.81 ? 2830 VAL A CG1 1 
ATOM   350  C CG2 . VAL A 1 42  ? -4.815  -1.116  11.945  1.00 13.62 ? 2830 VAL A CG2 1 
ATOM   351  N N   . ASP A 1 43  ? -8.374  0.851   14.190  1.00 16.87 ? 2831 ASP A N   1 
ATOM   352  C CA  . ASP A 1 43  ? -9.130  1.354   15.345  1.00 18.99 ? 2831 ASP A CA  1 
ATOM   353  C C   . ASP A 1 43  ? -8.575  0.711   16.619  1.00 19.84 ? 2831 ASP A C   1 
ATOM   354  O O   . ASP A 1 43  ? -8.619  -0.509  16.756  1.00 20.17 ? 2831 ASP A O   1 
ATOM   355  C CB  . ASP A 1 43  ? -10.621 1.006   15.177  1.00 19.93 ? 2831 ASP A CB  1 
ATOM   356  C CG  . ASP A 1 43  ? -11.529 1.706   16.198  1.00 21.20 ? 2831 ASP A CG  1 
ATOM   357  O OD1 . ASP A 1 43  ? -11.064 2.122   17.283  1.00 22.44 ? 2831 ASP A OD1 1 
ATOM   358  O OD2 . ASP A 1 43  ? -12.737 1.839   15.906  1.00 22.65 ? 2831 ASP A OD2 1 
ATOM   359  N N   . PRO A 1 44  ? -8.050  1.524   17.562  1.00 21.63 ? 2832 PRO A N   1 
ATOM   360  C CA  . PRO A 1 44  ? -7.509  0.920   18.790  1.00 23.98 ? 2832 PRO A CA  1 
ATOM   361  C C   . PRO A 1 44  ? -8.567  0.321   19.739  1.00 26.83 ? 2832 PRO A C   1 
ATOM   362  O O   . PRO A 1 44  ? -8.201  -0.421  20.639  1.00 27.26 ? 2832 PRO A O   1 
ATOM   363  C CB  . PRO A 1 44  ? -6.751  2.075   19.456  1.00 23.36 ? 2832 PRO A CB  1 
ATOM   364  C CG  . PRO A 1 44  ? -7.367  3.307   18.921  1.00 22.76 ? 2832 PRO A CG  1 
ATOM   365  C CD  . PRO A 1 44  ? -7.897  2.989   17.549  1.00 21.77 ? 2832 PRO A CD  1 
ATOM   366  N N   . ASN A 1 45  ? -9.850  0.629   19.543  1.00 30.79 ? 2833 ASN A N   1 
ATOM   367  C CA  . ASN A 1 45  ? -10.929 -0.073  20.262  1.00 33.83 ? 2833 ASN A CA  1 
ATOM   368  C C   . ASN A 1 45  ? -11.082 -1.529  19.788  1.00 35.96 ? 2833 ASN A C   1 
ATOM   369  O O   . ASN A 1 45  ? -11.429 -2.405  20.588  1.00 36.75 ? 2833 ASN A O   1 
ATOM   370  C CB  . ASN A 1 45  ? -12.264 0.677   20.139  1.00 36.09 ? 2833 ASN A CB  1 
ATOM   371  C CG  . ASN A 1 45  ? -12.271 1.999   20.893  1.00 37.78 ? 2833 ASN A CG  1 
ATOM   372  O OD1 . ASN A 1 45  ? -11.870 2.074   22.059  1.00 40.07 ? 2833 ASN A OD1 1 
ATOM   373  N ND2 . ASN A 1 45  ? -12.749 3.047   20.236  1.00 40.29 ? 2833 ASN A ND2 1 
ATOM   374  N N   . ASP A 1 46  ? -10.820 -1.779  18.501  1.00 36.53 ? 2834 ASP A N   1 
ATOM   375  C CA  . ASP A 1 46  ? -10.825 -3.141  17.941  1.00 37.55 ? 2834 ASP A CA  1 
ATOM   376  C C   . ASP A 1 46  ? -9.554  -3.921  18.299  1.00 37.28 ? 2834 ASP A C   1 
ATOM   377  O O   . ASP A 1 46  ? -9.594  -5.146  18.415  1.00 37.06 ? 2834 ASP A O   1 
ATOM   378  C CB  . ASP A 1 46  ? -10.956 -3.124  16.409  1.00 39.22 ? 2834 ASP A CB  1 
ATOM   379  C CG  . ASP A 1 46  ? -12.175 -2.359  15.912  1.00 40.81 ? 2834 ASP A CG  1 
ATOM   380  O OD1 . ASP A 1 46  ? -13.016 -1.930  16.729  1.00 42.74 ? 2834 ASP A OD1 1 
ATOM   381  O OD2 . ASP A 1 46  ? -12.281 -2.189  14.676  1.00 44.11 ? 2834 ASP A OD2 1 
ATOM   382  N N   . ALA A 1 47  ? -8.429  -3.212  18.431  1.00 36.25 ? 2835 ALA A N   1 
ATOM   383  C CA  . ALA A 1 47  ? -7.135  -3.813  18.774  1.00 36.26 ? 2835 ALA A CA  1 
ATOM   384  C C   . ALA A 1 47  ? -6.368  -2.933  19.789  1.00 35.76 ? 2835 ALA A C   1 
ATOM   385  O O   . ALA A 1 47  ? -5.470  -2.186  19.398  1.00 35.47 ? 2835 ALA A O   1 
ATOM   386  C CB  . ALA A 1 47  ? -6.320  -4.020  17.503  1.00 36.27 ? 2835 ALA A CB  1 
ATOM   387  N N   . PRO A 1 48  ? -6.741  -3.008  21.093  1.00 35.18 ? 2836 PRO A N   1 
ATOM   388  C CA  . PRO A 1 48  ? -6.134  -2.221  22.188  1.00 33.90 ? 2836 PRO A CA  1 
ATOM   389  C C   . PRO A 1 48  ? -4.601  -2.169  22.307  1.00 31.87 ? 2836 PRO A C   1 
ATOM   390  O O   . PRO A 1 48  ? -4.073  -1.156  22.775  1.00 33.52 ? 2836 PRO A O   1 
ATOM   391  C CB  . PRO A 1 48  ? -6.735  -2.867  23.437  1.00 34.79 ? 2836 PRO A CB  1 
ATOM   392  C CG  . PRO A 1 48  ? -8.104  -3.262  23.002  1.00 35.14 ? 2836 PRO A CG  1 
ATOM   393  C CD  . PRO A 1 48  ? -8.012  -3.620  21.539  1.00 35.41 ? 2836 PRO A CD  1 
ATOM   394  N N   . ASP A 1 49  ? -3.909  -3.238  21.914  1.00 28.69 ? 2837 ASP A N   1 
ATOM   395  C CA  . ASP A 1 49  ? -2.436  -3.283  21.982  1.00 26.50 ? 2837 ASP A CA  1 
ATOM   396  C C   . ASP A 1 49  ? -1.723  -2.866  20.683  1.00 22.90 ? 2837 ASP A C   1 
ATOM   397  O O   . ASP A 1 49  ? -0.491  -2.815  20.655  1.00 23.19 ? 2837 ASP A O   1 
ATOM   398  C CB  . ASP A 1 49  ? -1.960  -4.687  22.394  1.00 27.97 ? 2837 ASP A CB  1 
ATOM   399  C CG  . ASP A 1 49  ? -2.322  -5.763  21.373  1.00 29.27 ? 2837 ASP A CG  1 
ATOM   400  O OD1 . ASP A 1 49  ? -3.340  -5.598  20.659  1.00 30.15 ? 2837 ASP A OD1 1 
ATOM   401  O OD2 . ASP A 1 49  ? -1.601  -6.783  21.301  1.00 31.04 ? 2837 ASP A OD2 1 
ATOM   402  N N   . TYR A 1 50  ? -2.477  -2.554  19.625  1.00 20.09 ? 2838 TYR A N   1 
ATOM   403  C CA  . TYR A 1 50  ? -1.887  -2.377  18.284  1.00 17.23 ? 2838 TYR A CA  1 
ATOM   404  C C   . TYR A 1 50  ? -0.771  -1.327  18.225  1.00 16.45 ? 2838 TYR A C   1 
ATOM   405  O O   . TYR A 1 50  ? 0.306   -1.597  17.689  1.00 15.93 ? 2838 TYR A O   1 
ATOM   406  C CB  . TYR A 1 50  ? -2.970  -2.035  17.250  1.00 15.94 ? 2838 TYR A CB  1 
ATOM   407  C CG  . TYR A 1 50  ? -2.471  -2.094  15.826  1.00 14.25 ? 2838 TYR A CG  1 
ATOM   408  C CD1 . TYR A 1 50  ? -2.436  -3.304  15.132  1.00 13.66 ? 2838 TYR A CD1 1 
ATOM   409  C CD2 . TYR A 1 50  ? -2.008  -0.944  15.175  1.00 13.67 ? 2838 TYR A CD2 1 
ATOM   410  C CE1 . TYR A 1 50  ? -1.969  -3.362  13.821  1.00 12.84 ? 2838 TYR A CE1 1 
ATOM   411  C CE2 . TYR A 1 50  ? -1.520  -0.997  13.875  1.00 12.95 ? 2838 TYR A CE2 1 
ATOM   412  C CZ  . TYR A 1 50  ? -1.510  -2.197  13.198  1.00 12.61 ? 2838 TYR A CZ  1 
ATOM   413  O OH  . TYR A 1 50  ? -1.022  -2.227  11.898  1.00 11.58 ? 2838 TYR A OH  1 
ATOM   414  N N   . TYR A 1 51  ? -1.025  -0.143  18.782  1.00 15.35 ? 2839 TYR A N   1 
ATOM   415  C CA  . TYR A 1 51  ? -0.088  0.996   18.670  1.00 15.14 ? 2839 TYR A CA  1 
ATOM   416  C C   . TYR A 1 51  ? 1.115   0.913   19.628  1.00 15.92 ? 2839 TYR A C   1 
ATOM   417  O O   . TYR A 1 51  ? 2.097   1.657   19.475  1.00 15.81 ? 2839 TYR A O   1 
ATOM   418  C CB  . TYR A 1 51  ? -0.860  2.323   18.778  1.00 14.34 ? 2839 TYR A CB  1 
ATOM   419  C CG  . TYR A 1 51  ? -1.749  2.552   17.563  1.00 13.43 ? 2839 TYR A CG  1 
ATOM   420  C CD1 . TYR A 1 51  ? -3.060  2.067   17.516  1.00 13.07 ? 2839 TYR A CD1 1 
ATOM   421  C CD2 . TYR A 1 51  ? -1.262  3.213   16.445  1.00 13.03 ? 2839 TYR A CD2 1 
ATOM   422  C CE1 . TYR A 1 51  ? -3.857  2.263   16.388  1.00 12.89 ? 2839 TYR A CE1 1 
ATOM   423  C CE2 . TYR A 1 51  ? -2.042  3.410   15.315  1.00 12.77 ? 2839 TYR A CE2 1 
ATOM   424  C CZ  . TYR A 1 51  ? -3.345  2.937   15.282  1.00 12.66 ? 2839 TYR A CZ  1 
ATOM   425  O OH  . TYR A 1 51  ? -4.120  3.149   14.156  1.00 12.87 ? 2839 TYR A OH  1 
ATOM   426  N N   . GLY A 1 52  ? 1.054   -0.014  20.579  1.00 16.70 ? 2840 GLY A N   1 
ATOM   427  C CA  . GLY A 1 52  ? 2.231   -0.445  21.347  1.00 17.53 ? 2840 GLY A CA  1 
ATOM   428  C C   . GLY A 1 52  ? 3.195   -1.402  20.643  1.00 17.81 ? 2840 GLY A C   1 
ATOM   429  O O   . GLY A 1 52  ? 4.410   -1.378  20.930  1.00 19.49 ? 2840 GLY A O   1 
ATOM   430  N N   A VAL A 1 53  ? 2.691   -2.238  19.737  0.25 17.69 ? 2841 VAL A N   1 
ATOM   431  N N   B VAL A 1 53  ? 2.640   -2.231  19.752  0.25 17.44 ? 2841 VAL A N   1 
ATOM   432  C CA  A VAL A 1 53  ? 3.545   -3.207  19.035  0.25 17.31 ? 2841 VAL A CA  1 
ATOM   433  C CA  B VAL A 1 53  ? 3.371   -3.253  18.996  0.25 16.94 ? 2841 VAL A CA  1 
ATOM   434  C C   A VAL A 1 53  ? 3.926   -2.795  17.607  0.25 16.72 ? 2841 VAL A C   1 
ATOM   435  C C   B VAL A 1 53  ? 3.925   -2.724  17.672  0.25 16.53 ? 2841 VAL A C   1 
ATOM   436  O O   A VAL A 1 53  ? 4.991   -3.192  17.130  0.25 16.37 ? 2841 VAL A O   1 
ATOM   437  O O   B VAL A 1 53  ? 5.088   -2.961  17.338  0.25 16.26 ? 2841 VAL A O   1 
ATOM   438  C CB  A VAL A 1 53  ? 2.923   -4.616  19.040  0.25 17.65 ? 2841 VAL A CB  1 
ATOM   439  C CB  B VAL A 1 53  ? 2.438   -4.436  18.660  0.25 16.93 ? 2841 VAL A CB  1 
ATOM   440  C CG1 A VAL A 1 53  ? 2.833   -5.139  20.466  0.25 17.75 ? 2841 VAL A CG1 1 
ATOM   441  C CG1 B VAL A 1 53  ? 3.134   -5.427  17.738  0.25 16.88 ? 2841 VAL A CG1 1 
ATOM   442  C CG2 A VAL A 1 53  ? 1.556   -4.605  18.384  0.25 17.75 ? 2841 VAL A CG2 1 
ATOM   443  C CG2 B VAL A 1 53  ? 1.958   -5.121  19.931  0.25 16.99 ? 2841 VAL A CG2 1 
ATOM   444  N N   . ILE A 1 54  ? 3.079   -2.012  16.931  1.00 16.10 ? 2842 ILE A N   1 
ATOM   445  C CA  . ILE A 1 54  ? 3.397   -1.497  15.572  1.00 15.68 ? 2842 ILE A CA  1 
ATOM   446  C C   . ILE A 1 54  ? 3.874   -0.044  15.652  1.00 15.93 ? 2842 ILE A C   1 
ATOM   447  O O   . ILE A 1 54  ? 3.069   0.866   15.875  1.00 16.30 ? 2842 ILE A O   1 
ATOM   448  C CB  . ILE A 1 54  ? 2.146   -1.591  14.659  1.00 15.09 ? 2842 ILE A CB  1 
ATOM   449  C CG1 . ILE A 1 54  ? 1.701   -3.052  14.497  1.00 14.97 ? 2842 ILE A CG1 1 
ATOM   450  C CG2 . ILE A 1 54  ? 2.392   -0.967  13.294  1.00 14.70 ? 2842 ILE A CG2 1 
ATOM   451  C CD1 . ILE A 1 54  ? 2.727   -3.982  13.877  1.00 15.18 ? 2842 ILE A CD1 1 
ATOM   452  N N   . LYS A 1 55  ? 5.172   0.165   15.434  1.00 16.25 ? 2843 LYS A N   1 
ATOM   453  C CA  . LYS A 1 55  ? 5.767   1.487   15.647  1.00 17.43 ? 2843 LYS A CA  1 
ATOM   454  C C   . LYS A 1 55  ? 5.527   2.461   14.486  1.00 16.40 ? 2843 LYS A C   1 
ATOM   455  O O   . LYS A 1 55  ? 5.456   3.666   14.727  1.00 17.62 ? 2843 LYS A O   1 
ATOM   456  C CB  . LYS A 1 55  ? 7.255   1.378   15.969  1.00 18.51 ? 2843 LYS A CB  1 
ATOM   457  C CG  . LYS A 1 55  ? 7.768   2.508   16.849  1.00 19.98 ? 2843 LYS A CG  1 
ATOM   458  N N   . GLU A 1 56  ? 5.389   1.953   13.255  1.00 15.47 ? 2844 GLU A N   1 
ATOM   459  C CA  . GLU A 1 56  ? 5.083   2.782   12.076  1.00 15.10 ? 2844 GLU A CA  1 
ATOM   460  C C   . GLU A 1 56  ? 3.801   2.302   11.373  1.00 13.25 ? 2844 GLU A C   1 
ATOM   461  O O   . GLU A 1 56  ? 3.865   1.635   10.326  1.00 12.98 ? 2844 GLU A O   1 
ATOM   462  C CB  . GLU A 1 56  ? 6.232   2.768   11.063  1.00 17.03 ? 2844 GLU A CB  1 
ATOM   463  C CG  . GLU A 1 56  ? 7.477   3.541   11.438  1.00 19.44 ? 2844 GLU A CG  1 
ATOM   464  C CD  . GLU A 1 56  ? 8.500   3.467   10.321  1.00 21.60 ? 2844 GLU A CD  1 
ATOM   465  O OE1 . GLU A 1 56  ? 9.440   2.654   10.438  1.00 25.53 ? 2844 GLU A OE1 1 
ATOM   466  O OE2 . GLU A 1 56  ? 8.329   4.173   9.306   1.00 22.37 ? 2844 GLU A OE2 1 
ATOM   467  N N   . PRO A 1 57  ? 2.625   2.655   11.917  1.00 11.66 ? 2845 PRO A N   1 
ATOM   468  C CA  . PRO A 1 57  ? 1.368   2.279   11.240  1.00 11.18 ? 2845 PRO A CA  1 
ATOM   469  C C   . PRO A 1 57  ? 1.225   2.917   9.846   1.00 10.56 ? 2845 PRO A C   1 
ATOM   470  O O   . PRO A 1 57  ? 1.822   3.953   9.581   1.00 10.88 ? 2845 PRO A O   1 
ATOM   471  C CB  . PRO A 1 57  ? 0.292   2.816   12.187  1.00 11.30 ? 2845 PRO A CB  1 
ATOM   472  C CG  . PRO A 1 57  ? 0.964   3.899   12.966  1.00 12.29 ? 2845 PRO A CG  1 
ATOM   473  C CD  . PRO A 1 57  ? 2.376   3.442   13.145  1.00 12.06 ? 2845 PRO A CD  1 
ATOM   474  N N   . MET A 1 58  ? 0.454   2.281   8.963   1.00 9.87  ? 2846 MET A N   1 
ATOM   475  C CA  . MET A 1 58  ? 0.151   2.848   7.641   1.00 9.67  ? 2846 MET A CA  1 
ATOM   476  C C   . MET A 1 58  ? -1.191  2.295   7.146   1.00 9.29  ? 2846 MET A C   1 
ATOM   477  O O   . MET A 1 58  ? -1.577  1.188   7.510   1.00 9.33  ? 2846 MET A O   1 
ATOM   478  C CB  . MET A 1 58  ? 1.289   2.550   6.648   1.00 9.68  ? 2846 MET A CB  1 
ATOM   479  C CG  . MET A 1 58  ? 1.184   3.262   5.288   1.00 9.79  ? 2846 MET A CG  1 
ATOM   480  S SD  . MET A 1 58  ? 0.899   5.052   5.337   1.00 10.32 ? 2846 MET A SD  1 
ATOM   481  C CE  . MET A 1 58  ? 2.267   5.615   6.361   1.00 10.40 ? 2846 MET A CE  1 
ATOM   482  N N   . ASP A 1 59  ? -1.869  3.081   6.306   1.00 9.30  ? 2847 ASP A N   1 
ATOM   483  C CA  . ASP A 1 59  ? -3.195  2.732   5.768   1.00 9.41  ? 2847 ASP A CA  1 
ATOM   484  C C   . ASP A 1 59  ? -3.420  3.465   4.435   1.00 9.25  ? 2847 ASP A C   1 
ATOM   485  O O   . ASP A 1 59  ? -2.699  4.404   4.121   1.00 8.69  ? 2847 ASP A O   1 
ATOM   486  C CB  . ASP A 1 59  ? -4.272  3.119   6.774   1.00 9.84  ? 2847 ASP A CB  1 
ATOM   487  C CG  . ASP A 1 59  ? -4.355  4.622   6.964   1.00 10.16 ? 2847 ASP A CG  1 
ATOM   488  O OD1 . ASP A 1 59  ? -3.545  5.177   7.752   1.00 10.84 ? 2847 ASP A OD1 1 
ATOM   489  O OD2 . ASP A 1 59  ? -5.186  5.254   6.261   1.00 11.19 ? 2847 ASP A OD2 1 
ATOM   490  N N   . LEU A 1 60  ? -4.424  3.037   3.668   1.00 9.26  ? 2848 LEU A N   1 
ATOM   491  C CA  . LEU A 1 60  ? -4.649  3.600   2.332   1.00 9.30  ? 2848 LEU A CA  1 
ATOM   492  C C   . LEU A 1 60  ? -5.136  5.052   2.314   1.00 9.57  ? 2848 LEU A C   1 
ATOM   493  O O   . LEU A 1 60  ? -4.857  5.765   1.353   1.00 10.09 ? 2848 LEU A O   1 
ATOM   494  C CB  . LEU A 1 60  ? -5.586  2.688   1.527   1.00 9.47  ? 2848 LEU A CB  1 
ATOM   495  C CG  . LEU A 1 60  ? -5.057  1.273   1.236   1.00 9.43  ? 2848 LEU A CG  1 
ATOM   496  C CD1 . LEU A 1 60  ? -6.151  0.354   0.721   1.00 9.70  ? 2848 LEU A CD1 1 
ATOM   497  C CD2 . LEU A 1 60  ? -3.876  1.277   0.261   1.00 9.40  ? 2848 LEU A CD2 1 
ATOM   498  N N   . ALA A 1 61  ? -5.864  5.487   3.349   1.00 9.62  ? 2849 ALA A N   1 
ATOM   499  C CA  . ALA A 1 61  ? -6.298  6.896   3.435   1.00 9.89  ? 2849 ALA A CA  1 
ATOM   500  C C   . ALA A 1 61  ? -5.113  7.840   3.692   1.00 9.96  ? 2849 ALA A C   1 
ATOM   501  O O   . ALA A 1 61  ? -5.044  8.930   3.124   1.00 10.83 ? 2849 ALA A O   1 
ATOM   502  C CB  . ALA A 1 61  ? -7.377  7.066   4.497   1.00 10.02 ? 2849 ALA A CB  1 
ATOM   503  N N   . THR A 1 62  ? -4.179  7.427   4.541   1.00 9.72  ? 2850 THR A N   1 
ATOM   504  C CA  . THR A 1 62  ? -2.942  8.185   4.752   1.00 9.71  ? 2850 THR A CA  1 
ATOM   505  C C   . THR A 1 62  ? -2.140  8.270   3.435   1.00 9.77  ? 2850 THR A C   1 
ATOM   506  O O   . THR A 1 62  ? -1.642  9.330   3.066   1.00 9.83  ? 2850 THR A O   1 
ATOM   507  C CB  . THR A 1 62  ? -2.118  7.559   5.895   1.00 9.73  ? 2850 THR A CB  1 
ATOM   508  O OG1 . THR A 1 62  ? -2.882  7.626   7.107   1.00 10.33 ? 2850 THR A OG1 1 
ATOM   509  C CG2 . THR A 1 62  ? -0.783  8.274   6.095   1.00 9.81  ? 2850 THR A CG2 1 
ATOM   510  N N   . MET A 1 63  ? -2.055  7.160   2.705   1.00 9.63  ? 2851 MET A N   1 
ATOM   511  C CA  . MET A 1 63  ? -1.398  7.178   1.390   1.00 9.81  ? 2851 MET A CA  1 
ATOM   512  C C   . MET A 1 63  ? -2.089  8.109   0.380   1.00 10.14 ? 2851 MET A C   1 
ATOM   513  O O   . MET A 1 63  ? -1.413  8.785   -0.381  1.00 9.93  ? 2851 MET A O   1 
ATOM   514  C CB  . MET A 1 63  ? -1.229  5.771   0.809   1.00 9.67  ? 2851 MET A CB  1 
ATOM   515  C CG  . MET A 1 63  ? -0.235  4.902   1.588   1.00 9.77  ? 2851 MET A CG  1 
ATOM   516  S SD  . MET A 1 63  ? 0.301   3.383   0.759   1.00 10.19 ? 2851 MET A SD  1 
ATOM   517  C CE  . MET A 1 63  ? 1.164   4.063   -0.665  1.00 10.78 ? 2851 MET A CE  1 
ATOM   518  N N   A GLU A 1 64  ? -3.425  8.136   0.381   0.25 10.14 ? 2852 GLU A N   1 
ATOM   519  N N   B GLU A 1 64  ? -3.421  8.124   0.390   0.25 10.23 ? 2852 GLU A N   1 
ATOM   520  C CA  A GLU A 1 64  ? -4.166  9.039   -0.507  0.25 10.38 ? 2852 GLU A CA  1 
ATOM   521  C CA  B GLU A 1 64  ? -4.198  9.024   -0.459  0.25 10.53 ? 2852 GLU A CA  1 
ATOM   522  C C   A GLU A 1 64  ? -3.875  10.510  -0.196  0.25 10.38 ? 2852 GLU A C   1 
ATOM   523  C C   B GLU A 1 64  ? -3.877  10.493  -0.189  0.25 10.47 ? 2852 GLU A C   1 
ATOM   524  O O   A GLU A 1 64  ? -3.660  11.301  -1.112  0.25 10.35 ? 2852 GLU A O   1 
ATOM   525  O O   B GLU A 1 64  ? -3.646  11.264  -1.119  0.25 10.44 ? 2852 GLU A O   1 
ATOM   526  C CB  A GLU A 1 64  ? -5.677  8.769   -0.446  0.25 10.58 ? 2852 GLU A CB  1 
ATOM   527  C CB  B GLU A 1 64  ? -5.687  8.764   -0.240  0.25 10.84 ? 2852 GLU A CB  1 
ATOM   528  C CG  A GLU A 1 64  ? -6.487  9.609   -1.428  0.25 10.79 ? 2852 GLU A CG  1 
ATOM   529  C CG  B GLU A 1 64  ? -6.623  9.657   -1.029  0.25 11.16 ? 2852 GLU A CG  1 
ATOM   530  C CD  A GLU A 1 64  ? -7.930  9.144   -1.578  0.25 11.01 ? 2852 GLU A CD  1 
ATOM   531  C CD  B GLU A 1 64  ? -8.067  9.296   -0.766  0.25 11.44 ? 2852 GLU A CD  1 
ATOM   532  O OE1 A GLU A 1 64  ? -8.461  8.475   -0.664  0.25 11.12 ? 2852 GLU A OE1 1 
ATOM   533  O OE1 B GLU A 1 64  ? -8.604  8.451   -1.512  0.25 11.56 ? 2852 GLU A OE1 1 
ATOM   534  O OE2 A GLU A 1 64  ? -8.545  9.461   -2.618  0.25 11.48 ? 2852 GLU A OE2 1 
ATOM   535  O OE2 B GLU A 1 64  ? -8.649  9.824   0.207   0.25 12.10 ? 2852 GLU A OE2 1 
ATOM   536  N N   . GLU A 1 65  ? -3.861  10.865  1.089   1.00 10.37 ? 2853 GLU A N   1 
ATOM   537  C CA  . GLU A 1 65  ? -3.480  12.226  1.516   1.00 10.68 ? 2853 GLU A CA  1 
ATOM   538  C C   . GLU A 1 65  ? -2.072  12.601  1.005   1.00 10.34 ? 2853 GLU A C   1 
ATOM   539  O O   . GLU A 1 65  ? -1.870  13.676  0.426   1.00 10.65 ? 2853 GLU A O   1 
ATOM   540  C CB  . GLU A 1 65  ? -3.545  12.328  3.042   1.00 11.59 ? 2853 GLU A CB  1 
ATOM   541  C CG  . GLU A 1 65  ? -3.119  13.664  3.646   1.00 12.45 ? 2853 GLU A CG  1 
ATOM   542  C CD  . GLU A 1 65  ? -2.971  13.608  5.152   1.00 13.43 ? 2853 GLU A CD  1 
ATOM   543  O OE1 . GLU A 1 65  ? -3.469  12.647  5.783   1.00 15.01 ? 2853 GLU A OE1 1 
ATOM   544  O OE2 . GLU A 1 65  ? -2.331  14.536  5.680   1.00 14.63 ? 2853 GLU A OE2 1 
ATOM   545  N N   . ARG A 1 66  ? -1.134  11.664  1.171   1.00 9.94  ? 2854 ARG A N   1 
ATOM   546  C CA  . ARG A 1 66  ? 0.247   11.858  0.700   1.00 9.72  ? 2854 ARG A CA  1 
ATOM   547  C C   . ARG A 1 66  ? 0.338   11.998  -0.838  1.00 9.86  ? 2854 ARG A C   1 
ATOM   548  O O   . ARG A 1 66  ? 1.058   12.867  -1.341  1.00 10.00 ? 2854 ARG A O   1 
ATOM   549  C CB  . ARG A 1 66  ? 1.153   10.731  1.243   1.00 9.43  ? 2854 ARG A CB  1 
ATOM   550  C CG  . ARG A 1 66  ? 1.494   10.903  2.718   1.00 9.37  ? 2854 ARG A CG  1 
ATOM   551  C CD  . ARG A 1 66  ? 2.242   9.731   3.326   1.00 9.30  ? 2854 ARG A CD  1 
ATOM   552  N NE  . ARG A 1 66  ? 2.567   10.027  4.730   1.00 9.40  ? 2854 ARG A NE  1 
ATOM   553  C CZ  . ARG A 1 66  ? 3.417   9.347   5.504   1.00 9.49  ? 2854 ARG A CZ  1 
ATOM   554  N NH1 . ARG A 1 66  ? 4.070   8.275   5.054   1.00 9.57  ? 2854 ARG A NH1 1 
ATOM   555  N NH2 . ARG A 1 66  ? 3.609   9.750   6.769   1.00 9.76  ? 2854 ARG A NH2 1 
ATOM   556  N N   . VAL A 1 67  ? -0.411  11.177  -1.576  1.00 9.92  ? 2855 VAL A N   1 
ATOM   557  C CA  . VAL A 1 67  ? -0.447  11.325  -3.042  1.00 10.32 ? 2855 VAL A CA  1 
ATOM   558  C C   . VAL A 1 67  ? -0.994  12.707  -3.466  1.00 10.69 ? 2855 VAL A C   1 
ATOM   559  O O   . VAL A 1 67  ? -0.403  13.391  -4.317  1.00 10.34 ? 2855 VAL A O   1 
ATOM   560  C CB  . VAL A 1 67  ? -1.242  10.169  -3.702  1.00 10.40 ? 2855 VAL A CB  1 
ATOM   561  C CG1 . VAL A 1 67  ? -1.500  10.444  -5.176  1.00 10.80 ? 2855 VAL A CG1 1 
ATOM   562  C CG2 . VAL A 1 67  ? -0.491  8.846   -3.544  1.00 10.55 ? 2855 VAL A CG2 1 
ATOM   563  N N   . GLN A 1 68  ? -2.102  13.126  -2.853  1.00 10.66 ? 2856 GLN A N   1 
ATOM   564  C CA  . GLN A 1 68  ? -2.711  14.423  -3.193  1.00 11.34 ? 2856 GLN A CA  1 
ATOM   565  C C   . GLN A 1 68  ? -1.759  15.599  -2.943  1.00 11.96 ? 2856 GLN A C   1 
ATOM   566  O O   . GLN A 1 68  ? -1.726  16.544  -3.733  1.00 12.46 ? 2856 GLN A O   1 
ATOM   567  C CB  . GLN A 1 68  ? -4.039  14.620  -2.443  1.00 11.74 ? 2856 GLN A CB  1 
ATOM   568  C CG  . GLN A 1 68  ? -5.148  13.718  -2.962  1.00 12.03 ? 2856 GLN A CG  1 
ATOM   569  C CD  . GLN A 1 68  ? -6.456  13.892  -2.212  1.00 12.62 ? 2856 GLN A CD  1 
ATOM   570  O OE1 . GLN A 1 68  ? -6.543  13.627  -1.015  1.00 14.07 ? 2856 GLN A OE1 1 
ATOM   571  N NE2 . GLN A 1 68  ? -7.476  14.375  -2.908  1.00 13.13 ? 2856 GLN A NE2 1 
ATOM   572  N N   . ARG A 1 69  ? -0.989  15.517  -1.859  1.00 12.07 ? 2857 ARG A N   1 
ATOM   573  C CA  . ARG A 1 69  ? -0.033  16.570  -1.466  1.00 13.27 ? 2857 ARG A CA  1 
ATOM   574  C C   . ARG A 1 69  ? 1.345   16.447  -2.147  1.00 12.79 ? 2857 ARG A C   1 
ATOM   575  O O   . ARG A 1 69  ? 2.238   17.245  -1.863  1.00 13.15 ? 2857 ARG A O   1 
ATOM   576  C CB  . ARG A 1 69  ? 0.152   16.554  0.057   1.00 14.74 ? 2857 ARG A CB  1 
ATOM   577  C CG  . ARG A 1 69  ? -1.136  16.750  0.856   1.00 16.79 ? 2857 ARG A CG  1 
ATOM   578  C CD  . ARG A 1 69  ? -1.363  18.187  1.255   1.00 18.97 ? 2857 ARG A CD  1 
ATOM   579  N NE  . ARG A 1 69  ? -2.342  18.297  2.347   1.00 19.92 ? 2857 ARG A NE  1 
ATOM   580  C CZ  . ARG A 1 69  ? -3.484  18.994  2.323   1.00 20.65 ? 2857 ARG A CZ  1 
ATOM   581  N NH1 . ARG A 1 69  ? -3.886  19.683  1.235   1.00 18.63 ? 2857 ARG A NH1 1 
ATOM   582  N NH2 . ARG A 1 69  ? -4.251  18.994  3.419   1.00 21.74 ? 2857 ARG A NH2 1 
ATOM   583  N N   . ARG A 1 70  ? 1.521   15.450  -3.021  1.00 12.81 ? 2858 ARG A N   1 
ATOM   584  C CA  . ARG A 1 70  ? 2.787   15.204  -3.741  1.00 13.63 ? 2858 ARG A CA  1 
ATOM   585  C C   . ARG A 1 70  ? 3.970   14.932  -2.795  1.00 12.96 ? 2858 ARG A C   1 
ATOM   586  O O   . ARG A 1 70  ? 5.106   15.379  -3.031  1.00 12.61 ? 2858 ARG A O   1 
ATOM   587  C CB  . ARG A 1 70  ? 3.095   16.332  -4.750  1.00 15.37 ? 2858 ARG A CB  1 
ATOM   588  C CG  . ARG A 1 70  ? 1.978   16.635  -5.738  1.00 17.52 ? 2858 ARG A CG  1 
ATOM   589  C CD  . ARG A 1 70  ? 1.562   15.428  -6.562  1.00 19.03 ? 2858 ARG A CD  1 
ATOM   590  N NE  . ARG A 1 70  ? 0.736   15.797  -7.717  1.00 20.65 ? 2858 ARG A NE  1 
ATOM   591  C CZ  . ARG A 1 70  ? -0.604  15.793  -7.775  1.00 22.23 ? 2858 ARG A CZ  1 
ATOM   592  N NH1 . ARG A 1 70  ? -1.371  15.445  -6.732  1.00 23.08 ? 2858 ARG A NH1 1 
ATOM   593  N NH2 . ARG A 1 70  ? -1.194  16.158  -8.913  1.00 23.92 ? 2858 ARG A NH2 1 
ATOM   594  N N   . TYR A 1 71  ? 3.684   14.177  -1.732  1.00 11.82 ? 2859 TYR A N   1 
ATOM   595  C CA  . TYR A 1 71  ? 4.684   13.778  -0.737  1.00 11.75 ? 2859 TYR A CA  1 
ATOM   596  C C   . TYR A 1 71  ? 5.831   12.958  -1.335  1.00 11.60 ? 2859 TYR A C   1 
ATOM   597  O O   . TYR A 1 71  ? 6.988   13.153  -0.953  1.00 11.37 ? 2859 TYR A O   1 
ATOM   598  C CB  . TYR A 1 71  ? 3.986   13.013  0.384   1.00 11.75 ? 2859 TYR A CB  1 
ATOM   599  C CG  . TYR A 1 71  ? 4.839   12.253  1.398   1.00 11.78 ? 2859 TYR A CG  1 
ATOM   600  C CD1 . TYR A 1 71  ? 5.244   12.844  2.598   1.00 12.21 ? 2859 TYR A CD1 1 
ATOM   601  C CD2 . TYR A 1 71  ? 5.143   10.899  1.203   1.00 11.94 ? 2859 TYR A CD2 1 
ATOM   602  C CE1 . TYR A 1 71  ? 5.982   12.131  3.550   1.00 12.10 ? 2859 TYR A CE1 1 
ATOM   603  C CE2 . TYR A 1 71  ? 5.876   10.180  2.142   1.00 11.99 ? 2859 TYR A CE2 1 
ATOM   604  C CZ  . TYR A 1 71  ? 6.295   10.800  3.319   1.00 12.19 ? 2859 TYR A CZ  1 
ATOM   605  O OH  . TYR A 1 71  ? 7.015   10.102  4.283   1.00 13.17 ? 2859 TYR A OH  1 
ATOM   606  N N   . TYR A 1 72  ? 5.505   12.042  -2.254  1.00 11.43 ? 2860 TYR A N   1 
ATOM   607  C CA  . TYR A 1 72  ? 6.483   11.094  -2.809  1.00 11.86 ? 2860 TYR A CA  1 
ATOM   608  C C   . TYR A 1 72  ? 7.316   11.755  -3.902  1.00 12.91 ? 2860 TYR A C   1 
ATOM   609  O O   . TYR A 1 72  ? 6.763   12.394  -4.794  1.00 13.16 ? 2860 TYR A O   1 
ATOM   610  C CB  . TYR A 1 72  ? 5.773   9.826   -3.342  1.00 11.25 ? 2860 TYR A CB  1 
ATOM   611  C CG  . TYR A 1 72  ? 4.901   9.138   -2.297  1.00 10.60 ? 2860 TYR A CG  1 
ATOM   612  C CD1 . TYR A 1 72  ? 5.465   8.371   -1.272  1.00 10.48 ? 2860 TYR A CD1 1 
ATOM   613  C CD2 . TYR A 1 72  ? 3.514   9.287   -2.305  1.00 10.47 ? 2860 TYR A CD2 1 
ATOM   614  C CE1 . TYR A 1 72  ? 4.680   7.761   -0.306  1.00 10.21 ? 2860 TYR A CE1 1 
ATOM   615  C CE2 . TYR A 1 72  ? 2.725   8.679   -1.342  1.00 10.08 ? 2860 TYR A CE2 1 
ATOM   616  C CZ  . TYR A 1 72  ? 3.303   7.925   -0.341  1.00 10.17 ? 2860 TYR A CZ  1 
ATOM   617  O OH  . TYR A 1 72  ? 2.490   7.350   0.603   1.00 10.47 ? 2860 TYR A OH  1 
ATOM   618  N N   . GLU A 1 73  ? 8.643   11.621  -3.806  1.00 13.90 ? 2861 GLU A N   1 
ATOM   619  C CA  . GLU A 1 73  ? 9.576   12.088  -4.844  1.00 15.20 ? 2861 GLU A CA  1 
ATOM   620  C C   . GLU A 1 73  ? 10.042  10.973  -5.791  1.00 14.06 ? 2861 GLU A C   1 
ATOM   621  O O   . GLU A 1 73  ? 10.323  11.237  -6.962  1.00 14.28 ? 2861 GLU A O   1 
ATOM   622  C CB  . GLU A 1 73  ? 10.793  12.749  -4.195  1.00 17.26 ? 2861 GLU A CB  1 
ATOM   623  C CG  . GLU A 1 73  ? 10.429  13.961  -3.351  1.00 19.87 ? 2861 GLU A CG  1 
ATOM   624  C CD  . GLU A 1 73  ? 11.632  14.786  -2.936  1.00 22.57 ? 2861 GLU A CD  1 
ATOM   625  O OE1 . GLU A 1 73  ? 12.705  14.203  -2.677  1.00 26.47 ? 2861 GLU A OE1 1 
ATOM   626  O OE2 . GLU A 1 73  ? 11.500  16.024  -2.868  1.00 26.41 ? 2861 GLU A OE2 1 
ATOM   627  N N   . LYS A 1 74  ? 10.102  9.735   -5.292  1.00 13.31 ? 2862 LYS A N   1 
ATOM   628  C CA  . LYS A 1 74  ? 10.587  8.578   -6.053  1.00 13.46 ? 2862 LYS A CA  1 
ATOM   629  C C   . LYS A 1 74  ? 9.603   7.419   -5.881  1.00 12.30 ? 2862 LYS A C   1 
ATOM   630  O O   . LYS A 1 74  ? 8.983   7.289   -4.823  1.00 11.17 ? 2862 LYS A O   1 
ATOM   631  C CB  . LYS A 1 74  ? 11.968  8.136   -5.546  1.00 14.49 ? 2862 LYS A CB  1 
ATOM   632  C CG  . LYS A 1 74  ? 13.037  9.228   -5.549  1.00 15.78 ? 2862 LYS A CG  1 
ATOM   633  C CD  . LYS A 1 74  ? 13.452  9.612   -6.961  1.00 17.26 ? 2862 LYS A CD  1 
ATOM   634  C CE  . LYS A 1 74  ? 14.626  10.586  -6.971  1.00 18.77 ? 2862 LYS A CE  1 
ATOM   635  N NZ  . LYS A 1 74  ? 14.275  11.886  -6.342  1.00 20.03 ? 2862 LYS A NZ  1 
ATOM   636  N N   . LEU A 1 75  ? 9.486   6.568   -6.901  1.00 11.88 ? 2863 LEU A N   1 
ATOM   637  C CA  . LEU A 1 75  ? 8.571   5.409   -6.844  1.00 11.48 ? 2863 LEU A CA  1 
ATOM   638  C C   . LEU A 1 75  ? 8.877   4.480   -5.652  1.00 11.51 ? 2863 LEU A C   1 
ATOM   639  O O   . LEU A 1 75  ? 7.975   3.955   -4.998  1.00 10.73 ? 2863 LEU A O   1 
ATOM   640  C CB  . LEU A 1 75  ? 8.596   4.621   -8.161  1.00 11.36 ? 2863 LEU A CB  1 
ATOM   641  C CG  . LEU A 1 75  ? 7.671   3.403   -8.265  1.00 11.36 ? 2863 LEU A CG  1 
ATOM   642  C CD1 . LEU A 1 75  ? 6.215   3.812   -8.049  1.00 11.41 ? 2863 LEU A CD1 1 
ATOM   643  C CD2 . LEU A 1 75  ? 7.872   2.696   -9.599  1.00 11.86 ? 2863 LEU A CD2 1 
ATOM   644  N N   . THR A 1 76  ? 10.159  4.285   -5.369  1.00 11.91 ? 2864 THR A N   1 
ATOM   645  C CA  . THR A 1 76  ? 10.561  3.463   -4.229  1.00 12.44 ? 2864 THR A CA  1 
ATOM   646  C C   . THR A 1 76  ? 9.901   3.886   -2.886  1.00 11.90 ? 2864 THR A C   1 
ATOM   647  O O   . THR A 1 76  ? 9.588   3.042   -2.048  1.00 11.62 ? 2864 THR A O   1 
ATOM   648  C CB  . THR A 1 76  ? 12.101  3.408   -4.123  1.00 13.75 ? 2864 THR A CB  1 
ATOM   649  O OG1 . THR A 1 76  ? 12.484  2.377   -3.205  1.00 15.95 ? 2864 THR A OG1 1 
ATOM   650  C CG2 . THR A 1 76  ? 12.665  4.748   -3.720  1.00 14.09 ? 2864 THR A CG2 1 
ATOM   651  N N   . GLU A 1 77  ? 9.684   5.190   -2.694  1.00 11.78 ? 2865 GLU A N   1 
ATOM   652  C CA  . GLU A 1 77  ? 9.074   5.708   -1.466  1.00 12.00 ? 2865 GLU A CA  1 
ATOM   653  C C   . GLU A 1 77  ? 7.576   5.320   -1.348  1.00 10.92 ? 2865 GLU A C   1 
ATOM   654  O O   . GLU A 1 77  ? 7.080   5.008   -0.259  1.00 10.47 ? 2865 GLU A O   1 
ATOM   655  C CB  . GLU A 1 77  ? 9.239   7.235   -1.386  1.00 13.63 ? 2865 GLU A CB  1 
ATOM   656  C CG  . GLU A 1 77  ? 10.693  7.723   -1.377  1.00 15.30 ? 2865 GLU A CG  1 
ATOM   657  C CD  . GLU A 1 77  ? 10.879  9.206   -1.703  1.00 17.41 ? 2865 GLU A CD  1 
ATOM   658  O OE1 . GLU A 1 77  ? 9.886   9.944   -1.905  1.00 18.97 ? 2865 GLU A OE1 1 
ATOM   659  O OE2 . GLU A 1 77  ? 12.058  9.644   -1.766  1.00 20.32 ? 2865 GLU A OE2 1 
ATOM   660  N N   . PHE A 1 78  ? 6.867   5.363   -2.474  1.00 10.41 ? 2866 PHE A N   1 
ATOM   661  C CA  . PHE A 1 78  ? 5.452   4.933   -2.560  1.00 9.84  ? 2866 PHE A CA  1 
ATOM   662  C C   . PHE A 1 78  ? 5.336   3.423   -2.298  1.00 9.54  ? 2866 PHE A C   1 
ATOM   663  O O   . PHE A 1 78  ? 4.485   2.979   -1.528  1.00 9.35  ? 2866 PHE A O   1 
ATOM   664  C CB  . PHE A 1 78  ? 4.894   5.319   -3.945  1.00 10.09 ? 2866 PHE A CB  1 
ATOM   665  C CG  . PHE A 1 78  ? 3.477   4.856   -4.221  1.00 10.20 ? 2866 PHE A CG  1 
ATOM   666  C CD1 . PHE A 1 78  ? 3.239   3.637   -4.869  1.00 10.43 ? 2866 PHE A CD1 1 
ATOM   667  C CD2 . PHE A 1 78  ? 2.385   5.645   -3.889  1.00 10.37 ? 2866 PHE A CD2 1 
ATOM   668  C CE1 . PHE A 1 78  ? 1.946   3.207   -5.144  1.00 10.82 ? 2866 PHE A CE1 1 
ATOM   669  C CE2 . PHE A 1 78  ? 1.090   5.230   -4.175  1.00 10.43 ? 2866 PHE A CE2 1 
ATOM   670  C CZ  . PHE A 1 78  ? 0.869   4.011   -4.801  1.00 10.67 ? 2866 PHE A CZ  1 
ATOM   671  N N   . VAL A 1 79  ? 6.219   2.639   -2.921  1.00 9.34  ? 2867 VAL A N   1 
ATOM   672  C CA  . VAL A 1 79  ? 6.234   1.184   -2.701  1.00 9.34  ? 2867 VAL A CA  1 
ATOM   673  C C   . VAL A 1 79  ? 6.523   0.839   -1.224  1.00 9.33  ? 2867 VAL A C   1 
ATOM   674  O O   . VAL A 1 79  ? 5.899   -0.064  -0.670  1.00 9.23  ? 2867 VAL A O   1 
ATOM   675  C CB  . VAL A 1 79  ? 7.218   0.477   -3.674  1.00 9.52  ? 2867 VAL A CB  1 
ATOM   676  C CG1 . VAL A 1 79  ? 7.313   -1.023  -3.393  1.00 9.87  ? 2867 VAL A CG1 1 
ATOM   677  C CG2 . VAL A 1 79  ? 6.792   0.705   -5.120  1.00 9.76  ? 2867 VAL A CG2 1 
ATOM   678  N N   . ALA A 1 80  ? 7.438   1.587   -0.597  1.00 9.45  ? 2868 ALA A N   1 
ATOM   679  C CA  . ALA A 1 80  ? 7.764   1.376   0.824   1.00 9.71  ? 2868 ALA A CA  1 
ATOM   680  C C   . ALA A 1 80  ? 6.553   1.589   1.746   1.00 9.31  ? 2868 ALA A C   1 
ATOM   681  O O   . ALA A 1 80  ? 6.334   0.795   2.649   1.00 9.98  ? 2868 ALA A O   1 
ATOM   682  C CB  . ALA A 1 80  ? 8.919   2.271   1.256   1.00 10.09 ? 2868 ALA A CB  1 
ATOM   683  N N   . ASP A 1 81  ? 5.779   2.660   1.531   1.00 9.24  ? 2869 ASP A N   1 
ATOM   684  C CA  . ASP A 1 81  ? 4.555   2.865   2.340   1.00 9.41  ? 2869 ASP A CA  1 
ATOM   685  C C   . ASP A 1 81  ? 3.537   1.737   2.125   1.00 9.33  ? 2869 ASP A C   1 
ATOM   686  O O   . ASP A 1 81  ? 2.938   1.247   3.086   1.00 9.22  ? 2869 ASP A O   1 
ATOM   687  C CB  . ASP A 1 81  ? 3.894   4.236   2.064   1.00 9.72  ? 2869 ASP A CB  1 
ATOM   688  C CG  . ASP A 1 81  ? 4.464   5.386   2.909   1.00 10.00 ? 2869 ASP A CG  1 
ATOM   689  O OD1 . ASP A 1 81  ? 5.348   5.181   3.780   1.00 10.66 ? 2869 ASP A OD1 1 
ATOM   690  O OD2 . ASP A 1 81  ? 3.963   6.524   2.717   1.00 10.49 ? 2869 ASP A OD2 1 
ATOM   691  N N   . MET A 1 82  ? 3.344   1.319   0.863   1.00 9.27  ? 2870 MET A N   1 
ATOM   692  C CA  . MET A 1 82  ? 2.380   0.239   0.569   1.00 9.85  ? 2870 MET A CA  1 
ATOM   693  C C   . MET A 1 82  ? 2.808   -1.074  1.231   1.00 9.96  ? 2870 MET A C   1 
ATOM   694  O O   . MET A 1 82  ? 2.007   -1.775  1.855   1.00 9.84  ? 2870 MET A O   1 
ATOM   695  C CB  . MET A 1 82  ? 2.205   0.059   -0.947  1.00 10.28 ? 2870 MET A CB  1 
ATOM   696  C CG  . MET A 1 82  ? 1.070   -0.880  -1.338  1.00 10.59 ? 2870 MET A CG  1 
ATOM   697  S SD  . MET A 1 82  ? -0.613  -0.347  -0.914  1.00 11.63 ? 2870 MET A SD  1 
ATOM   698  C CE  . MET A 1 82  ? -0.788  1.042   -2.028  1.00 11.57 ? 2870 MET A CE  1 
ATOM   699  N N   . THR A 1 83  ? 4.097   -1.382  1.124   1.00 10.13 ? 2871 THR A N   1 
ATOM   700  C CA  . THR A 1 83  ? 4.648   -2.606  1.711   1.00 10.97 ? 2871 THR A CA  1 
ATOM   701  C C   . THR A 1 83  ? 4.515   -2.630  3.240   1.00 11.29 ? 2871 THR A C   1 
ATOM   702  O O   . THR A 1 83  ? 4.292   -3.691  3.822   1.00 10.67 ? 2871 THR A O   1 
ATOM   703  C CB  . THR A 1 83  ? 6.115   -2.805  1.253   1.00 11.76 ? 2871 THR A CB  1 
ATOM   704  O OG1 . THR A 1 83  ? 6.141   -2.861  -0.182  1.00 12.61 ? 2871 THR A OG1 1 
ATOM   705  C CG2 . THR A 1 83  ? 6.694   -4.087  1.798   1.00 12.43 ? 2871 THR A CG2 1 
ATOM   706  N N   . LYS A 1 84  ? 4.645   -1.460  3.871   1.00 10.63 ? 2872 LYS A N   1 
ATOM   707  C CA  . LYS A 1 84  ? 4.438   -1.310  5.320   1.00 10.79 ? 2872 LYS A CA  1 
ATOM   708  C C   . LYS A 1 84  ? 3.025   -1.759  5.757   1.00 9.93  ? 2872 LYS A C   1 
ATOM   709  O O   . LYS A 1 84  ? 2.867   -2.401  6.783   1.00 9.38  ? 2872 LYS A O   1 
ATOM   710  C CB  . LYS A 1 84  ? 4.697   0.151   5.735   1.00 12.47 ? 2872 LYS A CB  1 
ATOM   711  C CG  . LYS A 1 84  ? 4.856   0.400   7.218   1.00 13.93 ? 2872 LYS A CG  1 
ATOM   712  C CD  . LYS A 1 84  ? 5.792   1.578   7.496   1.00 15.34 ? 2872 LYS A CD  1 
ATOM   713  C CE  . LYS A 1 84  ? 5.302   2.906   6.924   1.00 16.36 ? 2872 LYS A CE  1 
ATOM   714  N NZ  . LYS A 1 84  ? 6.236   4.041   7.204   1.00 17.21 ? 2872 LYS A NZ  1 
ATOM   715  N N   . ILE A 1 85  ? 2.009   -1.442  4.960   1.00 9.41  ? 2873 ILE A N   1 
ATOM   716  C CA  . ILE A 1 85  ? 0.643   -1.894  5.265   1.00 9.18  ? 2873 ILE A CA  1 
ATOM   717  C C   . ILE A 1 85  ? 0.598   -3.435  5.414   1.00 9.50  ? 2873 ILE A C   1 
ATOM   718  O O   . ILE A 1 85  ? 0.058   -3.956  6.389   1.00 9.95  ? 2873 ILE A O   1 
ATOM   719  C CB  . ILE A 1 85  ? -0.382  -1.415  4.200   1.00 8.87  ? 2873 ILE A CB  1 
ATOM   720  C CG1 . ILE A 1 85  ? -0.487  0.125   4.175   1.00 8.79  ? 2873 ILE A CG1 1 
ATOM   721  C CG2 . ILE A 1 85  ? -1.759  -2.038  4.443   1.00 9.20  ? 2873 ILE A CG2 1 
ATOM   722  C CD1 . ILE A 1 85  ? -1.363  0.669   3.084   1.00 8.78  ? 2873 ILE A CD1 1 
ATOM   723  N N   . PHE A 1 86  ? 1.187   -4.138  4.453   1.00 9.73  ? 2874 PHE A N   1 
ATOM   724  C CA  . PHE A 1 86  ? 1.099   -5.611  4.423   1.00 10.07 ? 2874 PHE A CA  1 
ATOM   725  C C   . PHE A 1 86  ? 2.028   -6.253  5.471   1.00 10.18 ? 2874 PHE A C   1 
ATOM   726  O O   . PHE A 1 86  ? 1.636   -7.214  6.134   1.00 10.10 ? 2874 PHE A O   1 
ATOM   727  C CB  . PHE A 1 86  ? 1.381   -6.160  3.012   1.00 10.74 ? 2874 PHE A CB  1 
ATOM   728  C CG  . PHE A 1 86  ? 0.552   -5.502  1.926   1.00 11.52 ? 2874 PHE A CG  1 
ATOM   729  C CD1 . PHE A 1 86  ? -0.832  -5.395  2.060   1.00 12.27 ? 2874 PHE A CD1 1 
ATOM   730  C CD2 . PHE A 1 86  ? 1.151   -4.987  0.785   1.00 11.93 ? 2874 PHE A CD2 1 
ATOM   731  C CE1 . PHE A 1 86  ? -1.600  -4.786  1.070   1.00 12.93 ? 2874 PHE A CE1 1 
ATOM   732  C CE2 . PHE A 1 86  ? 0.388   -4.385  -0.207  1.00 12.76 ? 2874 PHE A CE2 1 
ATOM   733  C CZ  . PHE A 1 86  ? -0.980  -4.287  -0.058  1.00 12.79 ? 2874 PHE A CZ  1 
ATOM   734  N N   . ASP A 1 87  ? 3.241   -5.710  5.622   1.00 10.36 ? 2875 ASP A N   1 
ATOM   735  C CA  . ASP A 1 87  ? 4.177   -6.240  6.628   1.00 10.69 ? 2875 ASP A CA  1 
ATOM   736  C C   . ASP A 1 87  ? 3.676   -6.044  8.072   1.00 10.12 ? 2875 ASP A C   1 
ATOM   737  O O   . ASP A 1 87  ? 3.830   -6.950  8.909   1.00 9.94  ? 2875 ASP A O   1 
ATOM   738  C CB  . ASP A 1 87  ? 5.567   -5.609  6.482   1.00 11.55 ? 2875 ASP A CB  1 
ATOM   739  C CG  . ASP A 1 87  ? 6.307   -6.049  5.209   1.00 13.00 ? 2875 ASP A CG  1 
ATOM   740  O OD1 . ASP A 1 87  ? 5.844   -6.970  4.494   1.00 15.00 ? 2875 ASP A OD1 1 
ATOM   741  O OD2 . ASP A 1 87  ? 7.377   -5.469  4.930   1.00 14.91 ? 2875 ASP A OD2 1 
ATOM   742  N N   . ASN A 1 88  ? 3.091   -4.876  8.371   1.00 9.80  ? 2876 ASN A N   1 
ATOM   743  C CA  . ASN A 1 88  ? 2.490   -4.616  9.693   1.00 9.75  ? 2876 ASN A CA  1 
ATOM   744  C C   . ASN A 1 88  ? 1.419   -5.691  9.974   1.00 9.97  ? 2876 ASN A C   1 
ATOM   745  O O   . ASN A 1 88  ? 1.350   -6.265  11.071  1.00 10.02 ? 2876 ASN A O   1 
ATOM   746  C CB  . ASN A 1 88  ? 1.851   -3.208  9.763   1.00 9.49  ? 2876 ASN A CB  1 
ATOM   747  C CG  . ASN A 1 88  ? 2.860   -2.063  9.818   1.00 9.65  ? 2876 ASN A CG  1 
ATOM   748  O OD1 . ASN A 1 88  ? 4.074   -2.259  9.943   1.00 10.01 ? 2876 ASN A OD1 1 
ATOM   749  N ND2 . ASN A 1 88  ? 2.341   -0.830  9.675   1.00 9.38  ? 2876 ASN A ND2 1 
ATOM   750  N N   . CYS A 1 89  ? 0.594   -5.969  8.960   1.00 10.00 ? 2877 CYS A N   1 
ATOM   751  C CA  . CYS A 1 89  ? -0.517  -6.934  9.099   1.00 10.58 ? 2877 CYS A CA  1 
ATOM   752  C C   . CYS A 1 89  ? -0.053  -8.372  9.369   1.00 10.69 ? 2877 CYS A C   1 
ATOM   753  O O   . CYS A 1 89  ? -0.587  -9.048  10.245  1.00 11.09 ? 2877 CYS A O   1 
ATOM   754  C CB  . CYS A 1 89  ? -1.422  -6.876  7.855   1.00 10.61 ? 2877 CYS A CB  1 
ATOM   755  S SG  . CYS A 1 89  ? -2.953  -7.842  7.944   1.00 11.65 ? 2877 CYS A SG  1 
ATOM   756  N N   . ARG A 1 90  ? 0.945   -8.813  8.615   1.00 11.10 ? 2878 ARG A N   1 
ATOM   757  C CA  . ARG A 1 90  ? 1.500   -10.157 8.811   1.00 11.94 ? 2878 ARG A CA  1 
ATOM   758  C C   . ARG A 1 90  ? 2.295   -10.324 10.112  1.00 12.05 ? 2878 ARG A C   1 
ATOM   759  O O   . ARG A 1 90  ? 2.386   -11.430 10.614  1.00 12.63 ? 2878 ARG A O   1 
ATOM   760  C CB  . ARG A 1 90  ? 2.330   -10.572 7.604   1.00 12.70 ? 2878 ARG A CB  1 
ATOM   761  C CG  . ARG A 1 90  ? 1.479   -10.880 6.372   1.00 13.31 ? 2878 ARG A CG  1 
ATOM   762  C CD  . ARG A 1 90  ? 2.312   -11.481 5.261   1.00 14.47 ? 2878 ARG A CD  1 
ATOM   763  N NE  . ARG A 1 90  ? 3.184   -10.445 4.730   1.00 15.01 ? 2878 ARG A NE  1 
ATOM   764  C CZ  . ARG A 1 90  ? 3.018   -9.788  3.580   1.00 15.25 ? 2878 ARG A CZ  1 
ATOM   765  N NH1 . ARG A 1 90  ? 2.032   -10.082 2.722   1.00 16.18 ? 2878 ARG A NH1 1 
ATOM   766  N NH2 . ARG A 1 90  ? 3.892   -8.832  3.257   1.00 15.38 ? 2878 ARG A NH2 1 
ATOM   767  N N   . TYR A 1 91  ? 2.842   -9.236  10.658  1.00 12.07 ? 2879 TYR A N   1 
ATOM   768  C CA  . TYR A 1 91  ? 3.547   -9.265  11.953  1.00 12.80 ? 2879 TYR A CA  1 
ATOM   769  C C   . TYR A 1 91  ? 2.577   -9.251  13.135  1.00 13.27 ? 2879 TYR A C   1 
ATOM   770  O O   . TYR A 1 91  ? 2.776   -9.983  14.106  1.00 14.14 ? 2879 TYR A O   1 
ATOM   771  C CB  . TYR A 1 91  ? 4.517   -8.081  12.034  1.00 13.19 ? 2879 TYR A CB  1 
ATOM   772  C CG  . TYR A 1 91  ? 5.279   -7.913  13.344  1.00 13.41 ? 2879 TYR A CG  1 
ATOM   773  C CD1 . TYR A 1 91  ? 6.246   -8.839  13.757  1.00 13.93 ? 2879 TYR A CD1 1 
ATOM   774  C CD2 . TYR A 1 91  ? 5.087   -6.774  14.134  1.00 13.86 ? 2879 TYR A CD2 1 
ATOM   775  C CE1 . TYR A 1 91  ? 6.956   -8.648  14.948  1.00 14.33 ? 2879 TYR A CE1 1 
ATOM   776  C CE2 . TYR A 1 91  ? 5.798   -6.573  15.308  1.00 14.15 ? 2879 TYR A CE2 1 
ATOM   777  C CZ  . TYR A 1 91  ? 6.730   -7.507  15.716  1.00 14.43 ? 2879 TYR A CZ  1 
ATOM   778  O OH  . TYR A 1 91  ? 7.423   -7.275  16.896  1.00 15.53 ? 2879 TYR A OH  1 
ATOM   779  N N   . TYR A 1 92  ? 1.542   -8.420  13.065  1.00 13.12 ? 2880 TYR A N   1 
ATOM   780  C CA  . TYR A 1 92  ? 0.588   -8.284  14.188  1.00 13.56 ? 2880 TYR A CA  1 
ATOM   781  C C   . TYR A 1 92  ? -0.359  -9.488  14.327  1.00 13.77 ? 2880 TYR A C   1 
ATOM   782  O O   . TYR A 1 92  ? -0.640  -9.944  15.447  1.00 14.41 ? 2880 TYR A O   1 
ATOM   783  C CB  . TYR A 1 92  ? -0.214  -6.969  14.085  1.00 14.52 ? 2880 TYR A CB  1 
ATOM   784  C CG  . TYR A 1 92  ? -1.232  -6.792  15.199  1.00 15.75 ? 2880 TYR A CG  1 
ATOM   785  C CD1 . TYR A 1 92  ? -0.837  -6.414  16.487  1.00 16.59 ? 2880 TYR A CD1 1 
ATOM   786  C CD2 . TYR A 1 92  ? -2.589  -7.031  14.974  1.00 16.62 ? 2880 TYR A CD2 1 
ATOM   787  C CE1 . TYR A 1 92  ? -1.772  -6.269  17.508  1.00 17.20 ? 2880 TYR A CE1 1 
ATOM   788  C CE2 . TYR A 1 92  ? -3.527  -6.890  15.984  1.00 17.55 ? 2880 TYR A CE2 1 
ATOM   789  C CZ  . TYR A 1 92  ? -3.116  -6.517  17.250  1.00 17.47 ? 2880 TYR A CZ  1 
ATOM   790  O OH  . TYR A 1 92  ? -4.055  -6.375  18.255  1.00 20.05 ? 2880 TYR A OH  1 
ATOM   791  N N   . ASN A 1 93  ? -0.848  -9.990  13.198  1.00 13.61 ? 2881 ASN A N   1 
ATOM   792  C CA  . ASN A 1 93  ? -1.901  -11.014 13.173  1.00 13.51 ? 2881 ASN A CA  1 
ATOM   793  C C   . ASN A 1 93  ? -1.317  -12.424 12.937  1.00 14.18 ? 2881 ASN A C   1 
ATOM   794  O O   . ASN A 1 93  ? -0.305  -12.566 12.238  1.00 13.61 ? 2881 ASN A O   1 
ATOM   795  C CB  . ASN A 1 93  ? -2.899  -10.681 12.058  1.00 13.69 ? 2881 ASN A CB  1 
ATOM   796  C CG  . ASN A 1 93  ? -3.626  -9.364  12.285  1.00 13.62 ? 2881 ASN A CG  1 
ATOM   797  O OD1 . ASN A 1 93  ? -4.465  -9.250  13.188  1.00 14.10 ? 2881 ASN A OD1 1 
ATOM   798  N ND2 . ASN A 1 93  ? -3.340  -8.369  11.447  1.00 13.42 ? 2881 ASN A ND2 1 
ATOM   799  N N   . PRO A 1 94  ? -1.960  -13.472 13.501  1.00 15.53 ? 2882 PRO A N   1 
ATOM   800  C CA  . PRO A 1 94  ? -1.473  -14.843 13.236  1.00 16.33 ? 2882 PRO A CA  1 
ATOM   801  C C   . PRO A 1 94  ? -1.727  -15.304 11.799  1.00 16.67 ? 2882 PRO A C   1 
ATOM   802  O O   . PRO A 1 94  ? -2.618  -14.771 11.126  1.00 16.06 ? 2882 PRO A O   1 
ATOM   803  C CB  . PRO A 1 94  ? -2.241  -15.702 14.250  1.00 17.33 ? 2882 PRO A CB  1 
ATOM   804  C CG  . PRO A 1 94  ? -3.449  -14.915 14.607  1.00 16.86 ? 2882 PRO A CG  1 
ATOM   805  C CD  . PRO A 1 94  ? -3.155  -13.460 14.367  1.00 16.39 ? 2882 PRO A CD  1 
ATOM   806  N N   . SER A 1 95  ? -0.953  -16.284 11.336  1.00 17.10 ? 2883 SER A N   1 
ATOM   807  C CA  . SER A 1 95  ? -1.021  -16.723 9.934   1.00 18.01 ? 2883 SER A CA  1 
ATOM   808  C C   . SER A 1 95  ? -2.365  -17.332 9.512   1.00 18.35 ? 2883 SER A C   1 
ATOM   809  O O   . SER A 1 95  ? -2.654  -17.383 8.320   1.00 19.48 ? 2883 SER A O   1 
ATOM   810  C CB  . SER A 1 95  ? 0.131   -17.684 9.577   1.00 18.51 ? 2883 SER A CB  1 
ATOM   811  O OG  . SER A 1 95  ? 0.072   -18.886 10.322  1.00 19.72 ? 2883 SER A OG  1 
ATOM   812  N N   . ASP A 1 96  ? -3.176  -17.777 10.474  1.00 18.57 ? 2884 ASP A N   1 
ATOM   813  C CA  . ASP A 1 96  ? -4.533  -18.298 10.179  1.00 18.98 ? 2884 ASP A CA  1 
ATOM   814  C C   . ASP A 1 96  ? -5.728  -17.313 10.313  1.00 18.07 ? 2884 ASP A C   1 
ATOM   815  O O   . ASP A 1 96  ? -6.889  -17.739 10.203  1.00 19.19 ? 2884 ASP A O   1 
ATOM   816  C CB  . ASP A 1 96  ? -4.787  -19.584 11.000  1.00 21.07 ? 2884 ASP A CB  1 
ATOM   817  C CG  . ASP A 1 96  ? -4.872  -19.340 12.507  1.00 22.71 ? 2884 ASP A CG  1 
ATOM   818  O OD1 . ASP A 1 96  ? -4.560  -18.228 12.983  1.00 24.04 ? 2884 ASP A OD1 1 
ATOM   819  O OD2 . ASP A 1 96  ? -5.255  -20.289 13.231  1.00 25.02 ? 2884 ASP A OD2 1 
ATOM   820  N N   A SER A 1 97  ? -5.445  -16.033 10.546  0.25 17.51 ? 2885 SER A N   1 
ATOM   821  N N   B SER A 1 97  ? -5.426  -16.030 10.526  0.25 17.49 ? 2885 SER A N   1 
ATOM   822  C CA  A SER A 1 97  ? -6.491  -15.027 10.707  0.25 16.83 ? 2885 SER A CA  1 
ATOM   823  C CA  B SER A 1 97  ? -6.431  -14.979 10.681  0.25 16.81 ? 2885 SER A CA  1 
ATOM   824  C C   A SER A 1 97  ? -6.942  -14.507 9.343   0.25 16.26 ? 2885 SER A C   1 
ATOM   825  C C   B SER A 1 97  ? -6.933  -14.501 9.318   0.25 16.25 ? 2885 SER A C   1 
ATOM   826  O O   A SER A 1 97  ? -6.154  -14.507 8.395   0.25 16.05 ? 2885 SER A O   1 
ATOM   827  O O   B SER A 1 97  ? -6.177  -14.529 8.345   0.25 16.05 ? 2885 SER A O   1 
ATOM   828  C CB  A SER A 1 97  ? -5.972  -13.862 11.540  0.25 16.83 ? 2885 SER A CB  1 
ATOM   829  C CB  B SER A 1 97  ? -5.808  -13.799 11.433  0.25 16.77 ? 2885 SER A CB  1 
ATOM   830  O OG  A SER A 1 97  ? -4.938  -13.187 10.852  0.25 16.47 ? 2885 SER A OG  1 
ATOM   831  O OG  B SER A 1 97  ? -6.646  -12.656 11.417  0.25 16.42 ? 2885 SER A OG  1 
ATOM   832  N N   . PRO A 1 98  ? -8.205  -14.052 9.237   1.00 15.92 ? 2886 PRO A N   1 
ATOM   833  C CA  . PRO A 1 98  ? -8.679  -13.445 7.969   1.00 15.29 ? 2886 PRO A CA  1 
ATOM   834  C C   . PRO A 1 98  ? -7.939  -12.136 7.586   1.00 14.14 ? 2886 PRO A C   1 
ATOM   835  O O   . PRO A 1 98  ? -7.812  -11.831 6.404   1.00 12.65 ? 2886 PRO A O   1 
ATOM   836  C CB  . PRO A 1 98  ? -10.176 -13.195 8.223   1.00 15.91 ? 2886 PRO A CB  1 
ATOM   837  C CG  . PRO A 1 98  ? -10.321 -13.160 9.697   1.00 16.47 ? 2886 PRO A CG  1 
ATOM   838  C CD  . PRO A 1 98  ? -9.302  -14.114 10.237  1.00 16.33 ? 2886 PRO A CD  1 
ATOM   839  N N   . PHE A 1 99  ? -7.407  -11.414 8.576   1.00 13.14 ? 2887 PHE A N   1 
ATOM   840  C CA  . PHE A 1 99  ? -6.597  -10.220 8.313   1.00 12.98 ? 2887 PHE A CA  1 
ATOM   841  C C   . PHE A 1 99  ? -5.321  -10.582 7.539   1.00 12.14 ? 2887 PHE A C   1 
ATOM   842  O O   . PHE A 1 99  ? -4.986  -9.939  6.566   1.00 11.76 ? 2887 PHE A O   1 
ATOM   843  C CB  . PHE A 1 99  ? -6.202  -9.504  9.617   1.00 13.47 ? 2887 PHE A CB  1 
ATOM   844  C CG  . PHE A 1 99  ? -7.358  -8.852  10.335  1.00 14.74 ? 2887 PHE A CG  1 
ATOM   845  C CD1 . PHE A 1 99  ? -7.856  -7.636  9.901   1.00 15.61 ? 2887 PHE A CD1 1 
ATOM   846  C CD2 . PHE A 1 99  ? -7.923  -9.437  11.466  1.00 15.90 ? 2887 PHE A CD2 1 
ATOM   847  C CE1 . PHE A 1 99  ? -8.918  -7.027  10.553  1.00 16.53 ? 2887 PHE A CE1 1 
ATOM   848  C CE2 . PHE A 1 99  ? -8.985  -8.833  12.127  1.00 16.70 ? 2887 PHE A CE2 1 
ATOM   849  C CZ  . PHE A 1 99  ? -9.473  -7.621  11.677  1.00 16.96 ? 2887 PHE A CZ  1 
ATOM   850  N N   . TYR A 1 100 ? -4.637  -11.631 7.994   1.00 12.34 ? 2888 TYR A N   1 
ATOM   851  C CA  . TYR A 1 100 ? -3.429  -12.148 7.321   1.00 12.73 ? 2888 TYR A CA  1 
ATOM   852  C C   . TYR A 1 100 ? -3.721  -12.572 5.868   1.00 12.89 ? 2888 TYR A C   1 
ATOM   853  O O   . TYR A 1 100 ? -2.948  -12.234 4.965   1.00 12.54 ? 2888 TYR A O   1 
ATOM   854  C CB  . TYR A 1 100 ? -2.821  -13.291 8.155   1.00 13.03 ? 2888 TYR A CB  1 
ATOM   855  C CG  . TYR A 1 100 ? -1.376  -13.680 7.829   1.00 12.99 ? 2888 TYR A CG  1 
ATOM   856  C CD1 . TYR A 1 100 ? -1.068  -14.415 6.678   1.00 13.61 ? 2888 TYR A CD1 1 
ATOM   857  C CD2 . TYR A 1 100 ? -0.326  -13.365 8.706   1.00 13.81 ? 2888 TYR A CD2 1 
ATOM   858  C CE1 . TYR A 1 100 ? 0.239   -14.798 6.396   1.00 14.21 ? 2888 TYR A CE1 1 
ATOM   859  C CE2 . TYR A 1 100 ? 0.988   -13.753 8.429   1.00 13.86 ? 2888 TYR A CE2 1 
ATOM   860  C CZ  . TYR A 1 100 ? 1.261   -14.459 7.272   1.00 14.19 ? 2888 TYR A CZ  1 
ATOM   861  O OH  . TYR A 1 100 ? 2.561   -14.839 6.992   1.00 16.24 ? 2888 TYR A OH  1 
ATOM   862  N N   A GLN A 1 101 ? -4.820  -13.298 5.663   0.38 13.43 ? 2889 GLN A N   1 
ATOM   863  N N   B GLN A 1 101 ? -4.829  -13.289 5.666   0.12 12.60 ? 2889 GLN A N   1 
ATOM   864  C CA  A GLN A 1 101 ? -5.261  -13.719 4.329   0.38 13.89 ? 2889 GLN A CA  1 
ATOM   865  C CA  B GLN A 1 101 ? -5.275  -13.715 4.333   0.12 12.49 ? 2889 GLN A CA  1 
ATOM   866  C C   A GLN A 1 101 ? -5.502  -12.534 3.390   0.38 13.16 ? 2889 GLN A C   1 
ATOM   867  C C   B GLN A 1 101 ? -5.512  -12.538 3.389   0.12 12.45 ? 2889 GLN A C   1 
ATOM   868  O O   A GLN A 1 101 ? -5.100  -12.576 2.227   0.38 13.03 ? 2889 GLN A O   1 
ATOM   869  O O   B GLN A 1 101 ? -5.120  -12.593 2.221   0.12 12.42 ? 2889 GLN A O   1 
ATOM   870  C CB  A GLN A 1 101 ? -6.544  -14.552 4.438   0.38 15.13 ? 2889 GLN A CB  1 
ATOM   871  C CB  B GLN A 1 101 ? -6.566  -14.538 4.432   0.12 12.44 ? 2889 GLN A CB  1 
ATOM   872  C CG  A GLN A 1 101 ? -7.198  -14.889 3.105   0.38 16.25 ? 2889 GLN A CG  1 
ATOM   873  C CG  B GLN A 1 101 ? -7.102  -15.001 3.082   0.12 12.36 ? 2889 GLN A CG  1 
ATOM   874  C CD  A GLN A 1 101 ? -8.619  -15.399 3.268   0.38 17.39 ? 2889 GLN A CD  1 
ATOM   875  C CD  B GLN A 1 101 ? -8.503  -15.583 3.162   0.12 12.27 ? 2889 GLN A CD  1 
ATOM   876  O OE1 A GLN A 1 101 ? -8.986  -15.919 4.324   0.38 19.10 ? 2889 GLN A OE1 1 
ATOM   877  O OE1 B GLN A 1 101 ? -9.448  -14.915 3.591   0.12 11.88 ? 2889 GLN A OE1 1 
ATOM   878  N NE2 A GLN A 1 101 ? -9.428  -15.240 2.228   0.38 17.81 ? 2889 GLN A NE2 1 
ATOM   879  N NE2 B GLN A 1 101 ? -8.646  -16.828 2.735   0.12 12.12 ? 2889 GLN A NE2 1 
ATOM   880  N N   . CYS A 1 102 ? -6.160  -11.486 3.893   1.00 12.37 ? 2890 CYS A N   1 
ATOM   881  C CA  . CYS A 1 102 ? -6.412  -10.253 3.095   1.00 12.56 ? 2890 CYS A CA  1 
ATOM   882  C C   . CYS A 1 102 ? -5.103  -9.578  2.634   1.00 11.83 ? 2890 CYS A C   1 
ATOM   883  O O   . CYS A 1 102 ? -4.995  -9.142  1.493   1.00 11.38 ? 2890 CYS A O   1 
ATOM   884  C CB  . CYS A 1 102 ? -7.270  -9.239  3.869   1.00 13.01 ? 2890 CYS A CB  1 
ATOM   885  S SG  . CYS A 1 102 ? -9.021  -9.670  4.094   1.00 14.81 ? 2890 CYS A SG  1 
ATOM   886  N N   . ALA A 1 103 ? -4.107  -9.558  3.516   1.00 11.31 ? 2891 ALA A N   1 
ATOM   887  C CA  . ALA A 1 103 ? -2.771  -9.051  3.164   1.00 11.40 ? 2891 ALA A CA  1 
ATOM   888  C C   . ALA A 1 103 ? -2.095  -9.826  2.008   1.00 11.62 ? 2891 ALA A C   1 
ATOM   889  O O   . ALA A 1 103 ? -1.521  -9.204  1.096   1.00 11.72 ? 2891 ALA A O   1 
ATOM   890  C CB  . ALA A 1 103 ? -1.867  -9.010  4.397   1.00 11.42 ? 2891 ALA A CB  1 
ATOM   891  N N   A GLU A 1 104 ? -2.170  -11.159 2.067   0.25 11.76 ? 2892 GLU A N   1 
ATOM   892  N N   B GLU A 1 104 ? -2.163  -11.156 2.041   0.25 11.67 ? 2892 GLU A N   1 
ATOM   893  C CA  A GLU A 1 104 ? -1.651  -12.045 1.011   0.25 12.00 ? 2892 GLU A CA  1 
ATOM   894  C CA  B GLU A 1 104 ? -1.579  -11.979 0.975   0.25 11.84 ? 2892 GLU A CA  1 
ATOM   895  C C   A GLU A 1 104 ? -2.281  -11.738 -0.348  0.25 11.82 ? 2892 GLU A C   1 
ATOM   896  C C   B GLU A 1 104 ? -2.277  -11.753 -0.374  0.25 11.73 ? 2892 GLU A C   1 
ATOM   897  O O   A GLU A 1 104 ? -1.578  -11.575 -1.349  0.25 11.74 ? 2892 GLU A O   1 
ATOM   898  O O   B GLU A 1 104 ? -1.607  -11.656 -1.406  0.25 11.67 ? 2892 GLU A O   1 
ATOM   899  C CB  A GLU A 1 104 ? -1.918  -13.516 1.365   0.25 12.42 ? 2892 GLU A CB  1 
ATOM   900  C CB  B GLU A 1 104 ? -1.604  -13.465 1.354   0.25 12.09 ? 2892 GLU A CB  1 
ATOM   901  C CG  A GLU A 1 104 ? -1.123  -14.056 2.545   0.25 12.73 ? 2892 GLU A CG  1 
ATOM   902  C CG  B GLU A 1 104 ? -0.907  -13.799 2.666   0.25 12.35 ? 2892 GLU A CG  1 
ATOM   903  C CD  A GLU A 1 104 ? -1.493  -15.490 2.905   0.25 12.98 ? 2892 GLU A CD  1 
ATOM   904  C CD  B GLU A 1 104 ? 0.591   -14.003 2.522   0.25 12.56 ? 2892 GLU A CD  1 
ATOM   905  O OE1 A GLU A 1 104 ? -2.683  -15.857 2.805   0.25 13.50 ? 2892 GLU A OE1 1 
ATOM   906  O OE1 B GLU A 1 104 ? 1.057   -15.145 2.739   0.25 12.97 ? 2892 GLU A OE1 1 
ATOM   907  O OE2 A GLU A 1 104 ? -0.591  -16.253 3.301   0.25 13.60 ? 2892 GLU A OE2 1 
ATOM   908  O OE2 B GLU A 1 104 ? 1.303   -13.029 2.197   0.25 12.90 ? 2892 GLU A OE2 1 
ATOM   909  N N   . VAL A 1 105 ? -3.610  -11.659 -0.366  1.00 11.64 ? 2893 VAL A N   1 
ATOM   910  C CA  . VAL A 1 105 ? -4.376  -11.391 -1.605  1.00 11.71 ? 2893 VAL A CA  1 
ATOM   911  C C   . VAL A 1 105 ? -4.093  -9.991  -2.168  1.00 11.19 ? 2893 VAL A C   1 
ATOM   912  O O   . VAL A 1 105 ? -3.759  -9.838  -3.358  1.00 10.45 ? 2893 VAL A O   1 
ATOM   913  C CB  . VAL A 1 105 ? -5.908  -11.604 -1.397  1.00 12.23 ? 2893 VAL A CB  1 
ATOM   914  C CG1 . VAL A 1 105 ? -6.682  -11.266 -2.675  1.00 12.86 ? 2893 VAL A CG1 1 
ATOM   915  C CG2 . VAL A 1 105 ? -6.192  -13.055 -1.011  1.00 12.70 ? 2893 VAL A CG2 1 
ATOM   916  N N   . LEU A 1 106 ? -4.176  -8.982  -1.304  1.00 10.98 ? 2894 LEU A N   1 
ATOM   917  C CA  . LEU A 1 106 ? -4.042  -7.601  -1.755  1.00 11.12 ? 2894 LEU A CA  1 
ATOM   918  C C   . LEU A 1 106 ? -2.595  -7.279  -2.178  1.00 10.99 ? 2894 LEU A C   1 
ATOM   919  O O   . LEU A 1 106 ? -2.401  -6.565  -3.162  1.00 10.62 ? 2894 LEU A O   1 
ATOM   920  C CB  . LEU A 1 106 ? -4.570  -6.604  -0.719  1.00 11.84 ? 2894 LEU A CB  1 
ATOM   921  C CG  . LEU A 1 106 ? -4.948  -5.226  -1.275  1.00 12.46 ? 2894 LEU A CG  1 
ATOM   922  C CD1 . LEU A 1 106 ? -6.068  -5.284  -2.309  1.00 12.78 ? 2894 LEU A CD1 1 
ATOM   923  C CD2 . LEU A 1 106 ? -5.306  -4.262  -0.157  1.00 12.58 ? 2894 LEU A CD2 1 
ATOM   924  N N   . GLU A 1 107 ? -1.596  -7.858  -1.508  1.00 11.21 ? 2895 GLU A N   1 
ATOM   925  C CA  . GLU A 1 107 ? -0.206  -7.647  -1.959  1.00 11.89 ? 2895 GLU A CA  1 
ATOM   926  C C   . GLU A 1 107 ? 0.070   -8.236  -3.348  1.00 11.83 ? 2895 GLU A C   1 
ATOM   927  O O   . GLU A 1 107 ? 0.765   -7.609  -4.150  1.00 11.22 ? 2895 GLU A O   1 
ATOM   928  C CB  . GLU A 1 107 ? 0.846   -8.159  -0.965  1.00 12.88 ? 2895 GLU A CB  1 
ATOM   929  C CG  . GLU A 1 107 ? 2.258   -7.699  -1.344  1.00 14.17 ? 2895 GLU A CG  1 
ATOM   930  C CD  . GLU A 1 107 ? 3.276   -7.809  -0.231  1.00 15.43 ? 2895 GLU A CD  1 
ATOM   931  O OE1 . GLU A 1 107 ? 3.132   -8.700  0.618   1.00 17.84 ? 2895 GLU A OE1 1 
ATOM   932  O OE2 . GLU A 1 107 ? 4.251   -7.017  -0.228  1.00 17.67 ? 2895 GLU A OE2 1 
ATOM   933  N N   . SER A 1 108 ? -0.472  -9.433  -3.624  1.00 11.82 ? 2896 SER A N   1 
ATOM   934  C CA  . SER A 1 108 ? -0.360  -10.040 -4.970  1.00 11.93 ? 2896 SER A CA  1 
ATOM   935  C C   . SER A 1 108 ? -0.976  -9.134  -6.053  1.00 11.04 ? 2896 SER A C   1 
ATOM   936  O O   . SER A 1 108 ? -0.415  -8.971  -7.142  1.00 10.35 ? 2896 SER A O   1 
ATOM   937  C CB  . SER A 1 108 ? -0.979  -11.459 -5.024  1.00 12.55 ? 2896 SER A CB  1 
ATOM   938  O OG  . SER A 1 108 ? -2.409  -11.456 -5.120  1.00 15.22 ? 2896 SER A OG  1 
ATOM   939  N N   . PHE A 1 109 ? -2.135  -8.566  -5.733  1.00 10.49 ? 2897 PHE A N   1 
ATOM   940  C CA  . PHE A 1 109 ? -2.829  -7.628  -6.615  1.00 10.50 ? 2897 PHE A CA  1 
ATOM   941  C C   . PHE A 1 109 ? -2.015  -6.331  -6.826  1.00 10.04 ? 2897 PHE A C   1 
ATOM   942  O O   . PHE A 1 109 ? -1.854  -5.866  -7.970  1.00 9.89  ? 2897 PHE A O   1 
ATOM   943  C CB  . PHE A 1 109 ? -4.224  -7.355  -6.033  1.00 11.05 ? 2897 PHE A CB  1 
ATOM   944  C CG  . PHE A 1 109 ? -5.067  -6.425  -6.850  1.00 11.30 ? 2897 PHE A CG  1 
ATOM   945  C CD1 . PHE A 1 109 ? -5.643  -6.844  -8.049  1.00 11.66 ? 2897 PHE A CD1 1 
ATOM   946  C CD2 . PHE A 1 109 ? -5.337  -5.137  -6.393  1.00 11.80 ? 2897 PHE A CD2 1 
ATOM   947  C CE1 . PHE A 1 109 ? -6.431  -5.977  -8.781  1.00 12.07 ? 2897 PHE A CE1 1 
ATOM   948  C CE2 . PHE A 1 109 ? -6.130  -4.275  -7.125  1.00 12.05 ? 2897 PHE A CE2 1 
ATOM   949  C CZ  . PHE A 1 109 ? -6.681  -4.702  -8.305  1.00 12.43 ? 2897 PHE A CZ  1 
ATOM   950  N N   . PHE A 1 110 ? -1.469  -5.776  -5.746  1.00 9.74  ? 2898 PHE A N   1 
ATOM   951  C CA  . PHE A 1 110 ? -0.571  -4.611  -5.830  1.00 9.72  ? 2898 PHE A CA  1 
ATOM   952  C C   . PHE A 1 110 ? 0.623   -4.861  -6.770  1.00 9.87  ? 2898 PHE A C   1 
ATOM   953  O O   . PHE A 1 110 ? 0.949   -4.032  -7.607  1.00 10.03 ? 2898 PHE A O   1 
ATOM   954  C CB  . PHE A 1 110 ? -0.064  -4.199  -4.443  1.00 9.58  ? 2898 PHE A CB  1 
ATOM   955  C CG  . PHE A 1 110 ? 0.931   -3.071  -4.479  1.00 9.54  ? 2898 PHE A CG  1 
ATOM   956  C CD1 . PHE A 1 110 ? 0.577   -1.825  -4.993  1.00 9.38  ? 2898 PHE A CD1 1 
ATOM   957  C CD2 . PHE A 1 110 ? 2.243   -3.253  -4.040  1.00 9.63  ? 2898 PHE A CD2 1 
ATOM   958  C CE1 . PHE A 1 110 ? 1.502   -0.785  -5.041  1.00 9.74  ? 2898 PHE A CE1 1 
ATOM   959  C CE2 . PHE A 1 110 ? 3.166   -2.207  -4.078  1.00 9.61  ? 2898 PHE A CE2 1 
ATOM   960  C CZ  . PHE A 1 110 ? 2.797   -0.980  -4.584  1.00 9.76  ? 2898 PHE A CZ  1 
ATOM   961  N N   . VAL A 1 111 ? 1.267   -6.014  -6.616  1.00 10.16 ? 2899 VAL A N   1 
ATOM   962  C CA  . VAL A 1 111 ? 2.398   -6.371  -7.489  1.00 10.63 ? 2899 VAL A CA  1 
ATOM   963  C C   . VAL A 1 111 ? 1.997   -6.404  -8.974  1.00 10.49 ? 2899 VAL A C   1 
ATOM   964  O O   . VAL A 1 111 ? 2.739   -5.902  -9.817  1.00 10.55 ? 2899 VAL A O   1 
ATOM   965  C CB  . VAL A 1 111 ? 3.078   -7.678  -7.012  1.00 11.13 ? 2899 VAL A CB  1 
ATOM   966  C CG1 . VAL A 1 111 ? 4.056   -8.237  -8.055  1.00 11.55 ? 2899 VAL A CG1 1 
ATOM   967  C CG2 . VAL A 1 111 ? 3.786   -7.425  -5.694  1.00 11.68 ? 2899 VAL A CG2 1 
ATOM   968  N N   . GLN A 1 112 ? 0.833   -6.986  -9.282  1.00 10.24 ? 2900 GLN A N   1 
ATOM   969  C CA  . GLN A 1 112 ? 0.327   -7.005  -10.674 1.00 10.24 ? 2900 GLN A CA  1 
ATOM   970  C C   . GLN A 1 112 ? 0.169   -5.576  -11.215 1.00 10.25 ? 2900 GLN A C   1 
ATOM   971  O O   . GLN A 1 112 ? 0.608   -5.263  -12.336 1.00 10.53 ? 2900 GLN A O   1 
ATOM   972  C CB  . GLN A 1 112 ? -1.014  -7.754  -10.760 1.00 10.20 ? 2900 GLN A CB  1 
ATOM   973  C CG  . GLN A 1 112 ? -0.913  -9.263  -10.553 1.00 10.12 ? 2900 GLN A CG  1 
ATOM   974  C CD  . GLN A 1 112 ? -2.260  -9.968  -10.448 1.00 10.27 ? 2900 GLN A CD  1 
ATOM   975  O OE1 . GLN A 1 112 ? -3.225  -9.422  -9.904  1.00 10.77 ? 2900 GLN A OE1 1 
ATOM   976  N NE2 . GLN A 1 112 ? -2.325  -11.213 -10.928 1.00 10.55 ? 2900 GLN A NE2 1 
ATOM   977  N N   . LYS A 1 113 ? -0.462  -4.714  -10.418 1.00 10.25 ? 2901 LYS A N   1 
ATOM   978  C CA  . LYS A 1 113 ? -0.706  -3.324  -10.821 1.00 10.54 ? 2901 LYS A CA  1 
ATOM   979  C C   . LYS A 1 113 ? 0.581   -2.498  -10.916 1.00 10.26 ? 2901 LYS A C   1 
ATOM   980  O O   . LYS A 1 113 ? 0.732   -1.677  -11.818 1.00 10.48 ? 2901 LYS A O   1 
ATOM   981  C CB  . LYS A 1 113 ? -1.685  -2.646  -9.861  1.00 10.98 ? 2901 LYS A CB  1 
ATOM   982  C CG  . LYS A 1 113 ? -3.108  -3.194  -9.943  1.00 11.67 ? 2901 LYS A CG  1 
ATOM   983  C CD  . LYS A 1 113 ? -3.815  -2.744  -11.216 1.00 12.22 ? 2901 LYS A CD  1 
ATOM   984  C CE  . LYS A 1 113 ? -5.254  -3.238  -11.295 1.00 12.53 ? 2901 LYS A CE  1 
ATOM   985  N NZ  . LYS A 1 113 ? -5.914  -2.777  -12.558 1.00 13.30 ? 2901 LYS A NZ  1 
ATOM   986  N N   . LEU A 1 114 ? 1.500   -2.741  -9.987  1.00 10.75 ? 2902 LEU A N   1 
ATOM   987  C CA  . LEU A 1 114 ? 2.808   -2.061  -9.968  1.00 11.19 ? 2902 LEU A CA  1 
ATOM   988  C C   . LEU A 1 114 ? 3.656   -2.392  -11.211 1.00 11.51 ? 2902 LEU A C   1 
ATOM   989  O O   . LEU A 1 114 ? 4.281   -1.506  -11.811 1.00 11.25 ? 2902 LEU A O   1 
ATOM   990  C CB  . LEU A 1 114 ? 3.568   -2.425  -8.681  1.00 11.41 ? 2902 LEU A CB  1 
ATOM   991  C CG  . LEU A 1 114 ? 4.961   -1.782  -8.509  1.00 11.42 ? 2902 LEU A CG  1 
ATOM   992  C CD1 . LEU A 1 114 ? 4.856   -0.263  -8.442  1.00 11.52 ? 2902 LEU A CD1 1 
ATOM   993  C CD2 . LEU A 1 114 ? 5.660   -2.342  -7.279  1.00 11.59 ? 2902 LEU A CD2 1 
ATOM   994  N N   . LYS A 1 115 ? 3.700   -3.676  -11.574 1.00 11.75 ? 2903 LYS A N   1 
ATOM   995  C CA  . LYS A 1 115 ? 4.356   -4.089  -12.822 1.00 12.45 ? 2903 LYS A CA  1 
ATOM   996  C C   . LYS A 1 115 ? 3.760   -3.382  -14.045 1.00 12.15 ? 2903 LYS A C   1 
ATOM   997  O O   . LYS A 1 115 ? 4.492   -2.950  -14.930 1.00 12.11 ? 2903 LYS A O   1 
ATOM   998  C CB  . LYS A 1 115 ? 4.276   -5.595  -13.018 1.00 13.81 ? 2903 LYS A CB  1 
ATOM   999  C CG  . LYS A 1 115 ? 5.159   -6.401  -12.091 1.00 15.07 ? 2903 LYS A CG  1 
ATOM   1000 C CD  . LYS A 1 115 ? 4.888   -7.877  -12.301 1.00 16.52 ? 2903 LYS A CD  1 
ATOM   1001 C CE  . LYS A 1 115 ? 5.774   -8.767  -11.459 1.00 17.48 ? 2903 LYS A CE  1 
ATOM   1002 N NZ  . LYS A 1 115 ? 5.553   -10.185 -11.852 1.00 18.65 ? 2903 LYS A NZ  1 
ATOM   1003 N N   . GLY A 1 116 ? 2.436   -3.276  -14.087 1.00 11.85 ? 2904 GLY A N   1 
ATOM   1004 C CA  . GLY A 1 116 ? 1.751   -2.519  -15.145 1.00 12.31 ? 2904 GLY A CA  1 
ATOM   1005 C C   . GLY A 1 116 ? 2.175   -1.054  -15.198 1.00 12.66 ? 2904 GLY A C   1 
ATOM   1006 O O   . GLY A 1 116 ? 2.462   -0.519  -16.275 1.00 13.23 ? 2904 GLY A O   1 
ATOM   1007 N N   . PHE A 1 117 ? 2.211   -0.401  -14.030 1.00 12.36 ? 2905 PHE A N   1 
ATOM   1008 C CA  . PHE A 1 117 ? 2.662   0.992   -13.923 1.00 12.73 ? 2905 PHE A CA  1 
ATOM   1009 C C   . PHE A 1 117 ? 4.115   1.179   -14.409 1.00 12.90 ? 2905 PHE A C   1 
ATOM   1010 O O   . PHE A 1 117 ? 4.407   2.103   -15.175 1.00 12.90 ? 2905 PHE A O   1 
ATOM   1011 C CB  . PHE A 1 117 ? 2.508   1.506   -12.481 1.00 12.99 ? 2905 PHE A CB  1 
ATOM   1012 C CG  . PHE A 1 117 ? 3.073   2.885   -12.266 1.00 13.70 ? 2905 PHE A CG  1 
ATOM   1013 C CD1 . PHE A 1 117 ? 2.391   4.001   -12.714 1.00 14.19 ? 2905 PHE A CD1 1 
ATOM   1014 C CD2 . PHE A 1 117 ? 4.316   3.061   -11.666 1.00 14.28 ? 2905 PHE A CD2 1 
ATOM   1015 C CE1 . PHE A 1 117 ? 2.919   5.277   -12.536 1.00 14.92 ? 2905 PHE A CE1 1 
ATOM   1016 C CE2 . PHE A 1 117 ? 4.852   4.331   -11.489 1.00 15.03 ? 2905 PHE A CE2 1 
ATOM   1017 C CZ  . PHE A 1 117 ? 4.149   5.442   -11.929 1.00 14.96 ? 2905 PHE A CZ  1 
ATOM   1018 N N   . LYS A 1 118 ? 5.012   0.311   -13.957 1.00 13.22 ? 2906 LYS A N   1 
ATOM   1019 C CA  . LYS A 1 118 ? 6.421   0.406   -14.358 1.00 14.36 ? 2906 LYS A CA  1 
ATOM   1020 C C   . LYS A 1 118 ? 6.599   0.281   -15.877 1.00 15.30 ? 2906 LYS A C   1 
ATOM   1021 O O   . LYS A 1 118 ? 7.397   1.008   -16.467 1.00 16.32 ? 2906 LYS A O   1 
ATOM   1022 C CB  . LYS A 1 118 ? 7.276   -0.626  -13.621 1.00 14.42 ? 2906 LYS A CB  1 
ATOM   1023 C CG  . LYS A 1 118 ? 7.457   -0.339  -12.133 1.00 14.35 ? 2906 LYS A CG  1 
ATOM   1024 C CD  . LYS A 1 118 ? 8.286   -1.427  -11.477 1.00 14.84 ? 2906 LYS A CD  1 
ATOM   1025 C CE  . LYS A 1 118 ? 8.533   -1.169  -9.999  1.00 14.89 ? 2906 LYS A CE  1 
ATOM   1026 N NZ  . LYS A 1 118 ? 9.320   -2.254  -9.349  1.00 15.64 ? 2906 LYS A NZ  1 
ATOM   1027 N N   . ALA A 1 119 ? 5.844   -0.626  -16.492 1.00 15.97 ? 2907 ALA A N   1 
ATOM   1028 C CA  . ALA A 1 119 ? 5.874   -0.812  -17.949 1.00 17.33 ? 2907 ALA A CA  1 
ATOM   1029 C C   . ALA A 1 119 ? 5.430   0.446   -18.703 1.00 18.86 ? 2907 ALA A C   1 
ATOM   1030 O O   . ALA A 1 119 ? 6.056   0.828   -19.692 1.00 19.55 ? 2907 ALA A O   1 
ATOM   1031 C CB  . ALA A 1 119 ? 5.017   -2.006  -18.344 1.00 17.36 ? 2907 ALA A CB  1 
ATOM   1032 N N   . SER A 1 120 ? 4.363   1.085   -18.223 1.00 20.64 ? 2908 SER A N   1 
ATOM   1033 C CA  . SER A 1 120 ? 3.829   2.308   -18.835 1.00 22.42 ? 2908 SER A CA  1 
ATOM   1034 C C   . SER A 1 120 ? 4.766   3.526   -18.732 1.00 23.17 ? 2908 SER A C   1 
ATOM   1035 O O   . SER A 1 120 ? 4.688   4.423   -19.578 1.00 23.90 ? 2908 SER A O   1 
ATOM   1036 C CB  . SER A 1 120 ? 2.463   2.668   -18.225 1.00 22.96 ? 2908 SER A CB  1 
ATOM   1037 O OG  . SER A 1 120 ? 2.592   3.186   -16.907 1.00 25.42 ? 2908 SER A OG  1 
ATOM   1038 N N   . ARG A 1 121 ? 5.609   3.570   -17.693 1.00 23.27 ? 2909 ARG A N   1 
ATOM   1039 C CA  . ARG A 1 121 ? 6.615   4.637   -17.541 1.00 25.06 ? 2909 ARG A CA  1 
ATOM   1040 C C   . ARG A 1 121 ? 7.645   4.572   -18.662 1.00 29.28 ? 2909 ARG A C   1 
ATOM   1041 O O   . ARG A 1 121 ? 7.941   5.583   -19.289 1.00 30.50 ? 2909 ARG A O   1 
ATOM   1042 C CB  . ARG A 1 121 ? 7.416   4.512   -16.239 1.00 23.36 ? 2909 ARG A CB  1 
ATOM   1043 C CG  . ARG A 1 121 ? 6.728   4.830   -14.931 1.00 21.87 ? 2909 ARG A CG  1 
ATOM   1044 C CD  . ARG A 1 121 ? 7.769   4.898   -13.812 1.00 19.99 ? 2909 ARG A CD  1 
ATOM   1045 N NE  . ARG A 1 121 ? 8.213   6.257   -13.475 1.00 18.44 ? 2909 ARG A NE  1 
ATOM   1046 C CZ  . ARG A 1 121 ? 9.153   6.541   -12.564 1.00 16.97 ? 2909 ARG A CZ  1 
ATOM   1047 N NH1 . ARG A 1 121 ? 9.798   5.572   -11.922 1.00 16.49 ? 2909 ARG A NH1 1 
ATOM   1048 N NH2 . ARG A 1 121 ? 9.459   7.805   -12.293 1.00 16.70 ? 2909 ARG A NH2 1 
ATOM   1049 N N   . SER A 1 122 ? 8.205   3.378   -18.869 1.00 34.65 ? 2910 SER A N   1 
ATOM   1050 C CA  . SER A 1 122 ? 9.369   3.181   -19.743 1.00 38.79 ? 2910 SER A CA  1 
ATOM   1051 C C   . SER A 1 122 ? 9.035   3.187   -21.238 1.00 42.98 ? 2910 SER A C   1 
ATOM   1052 O O   . SER A 1 122 ? 9.870   3.594   -22.051 1.00 45.68 ? 2910 SER A O   1 
ATOM   1053 C CB  . SER A 1 122 ? 10.099  1.883   -19.370 1.00 39.40 ? 2910 SER A CB  1 
ATOM   1054 O OG  . SER A 1 122 ? 9.231   0.765   -19.412 1.00 39.38 ? 2910 SER A OG  1 
ATOM   1055 N N   . HIS A 1 123 ? 7.833   2.729   -21.595 1.00 46.56 ? 2911 HIS A N   1 
ATOM   1056 C CA  . HIS A 1 123 ? 7.360   2.739   -22.986 1.00 48.73 ? 2911 HIS A CA  1 
ATOM   1057 C C   . HIS A 1 123 ? 5.931   3.272   -23.072 1.00 49.56 ? 2911 HIS A C   1 
ATOM   1058 O O   . HIS A 1 123 ? 5.701   4.478   -23.000 1.00 50.05 ? 2911 HIS A O   1 
ATOM   1059 C CB  . HIS A 1 123 ? 7.455   1.336   -23.605 1.00 49.85 ? 2911 HIS A CB  1 
ATOM   1060 C CG  . HIS A 1 123 ? 6.604   0.304   -22.925 1.00 51.03 ? 2911 HIS A CG  1 
ATOM   1061 N ND1 . HIS A 1 123 ? 5.249   0.195   -23.146 1.00 52.11 ? 2911 HIS A ND1 1 
ATOM   1062 C CD2 . HIS A 1 123 ? 6.922   -0.675  -22.044 1.00 52.05 ? 2911 HIS A CD2 1 
ATOM   1063 C CE1 . HIS A 1 123 ? 4.766   -0.798  -22.422 1.00 51.63 ? 2911 HIS A CE1 1 
ATOM   1064 N NE2 . HIS A 1 123 ? 5.760   -1.345  -21.746 1.00 51.80 ? 2911 HIS A NE2 1 
HETATM 1065 S S   . DMS B 2 .   ? -15.114 -1.901  -2.253  1.00 55.13 ? 3001 DMS A S   1 
HETATM 1066 O O   . DMS B 2 .   ? -16.253 -1.139  -1.693  1.00 55.32 ? 3001 DMS A O   1 
HETATM 1067 C C1  . DMS B 2 .   ? -13.791 -1.878  -1.167  1.00 54.09 ? 3001 DMS A C1  1 
HETATM 1068 C C2  . DMS B 2 .   ? -15.486 -3.569  -2.282  1.00 55.26 ? 3001 DMS A C2  1 
HETATM 1069 C C   . TRS C 3 .   ? -9.929  -3.282  -11.282 1.00 51.74 ? 3002 TRS A C   1 
HETATM 1070 C C1  . TRS C 3 .   ? -10.510 -1.912  -11.667 1.00 50.68 ? 3002 TRS A C1  1 
HETATM 1071 C C2  . TRS C 3 .   ? -8.572  -3.042  -10.675 1.00 50.87 ? 3002 TRS A C2  1 
HETATM 1072 C C3  . TRS C 3 .   ? -9.773  -4.229  -12.472 1.00 52.78 ? 3002 TRS A C3  1 
HETATM 1073 N N   . TRS C 3 .   ? -10.750 -3.957  -10.219 1.00 52.60 ? 3002 TRS A N   1 
HETATM 1074 O O1  . TRS C 3 .   ? -10.089 -0.856  -10.785 1.00 45.92 ? 3002 TRS A O1  1 
HETATM 1075 O O2  . TRS C 3 .   ? -8.841  -2.697  -9.318  1.00 51.68 ? 3002 TRS A O2  1 
HETATM 1076 O O3  . TRS C 3 .   ? -9.656  -5.591  -12.033 1.00 52.82 ? 3002 TRS A O3  1 
HETATM 1077 N N1  . RUV D 4 .   ? -6.575  -4.634  11.694  0.74 18.91 ? 3003 RUV A N1  1 
HETATM 1078 N N3  . RUV D 4 .   ? -10.325 -8.590  17.311  0.74 27.23 ? 3003 RUV A N3  1 
HETATM 1079 C C4  . RUV D 4 .   ? -8.130  -4.896  13.530  0.74 21.03 ? 3003 RUV A C4  1 
HETATM 1080 C C5  . RUV D 4 .   ? -8.615  -5.595  14.619  0.74 21.78 ? 3003 RUV A C5  1 
HETATM 1081 C C6  . RUV D 4 .   ? -8.038  -6.802  15.006  0.74 22.64 ? 3003 RUV A C6  1 
HETATM 1082 C C7  . RUV D 4 .   ? -6.951  -7.283  14.285  0.74 21.91 ? 3003 RUV A C7  1 
HETATM 1083 C C8  . RUV D 4 .   ? -6.460  -6.592  13.196  0.74 20.85 ? 3003 RUV A C8  1 
HETATM 1084 C C10 . RUV D 4 .   ? -10.219 -9.940  17.394  0.74 27.59 ? 3003 RUV A C10 1 
HETATM 1085 C C1  . RUV D 4 .   ? -5.402  -4.142  9.632   0.74 17.56 ? 3003 RUV A C1  1 
HETATM 1086 C C11 . RUV D 4 .   ? -10.961 -8.156  18.426  0.74 27.92 ? 3003 RUV A C11 1 
HETATM 1087 C C2  . RUV D 4 .   ? -5.411  -4.757  11.005  0.74 18.14 ? 3003 RUV A C2  1 
HETATM 1088 C C3  . RUV D 4 .   ? -7.039  -5.383  12.807  0.74 20.25 ? 3003 RUV A C3  1 
HETATM 1089 C C9  . RUV D 4 .   ? -8.515  -7.590  16.177  0.74 24.39 ? 3003 RUV A C9  1 
HETATM 1090 N N2  . RUV D 4 .   ? -9.836  -7.803  16.280  0.74 26.04 ? 3003 RUV A N2  1 
HETATM 1091 N N4  . RUV D 4 .   ? -10.779 -10.333 18.508  0.74 27.97 ? 3003 RUV A N4  1 
HETATM 1092 N N5  . RUV D 4 .   ? -11.255 -9.192  19.168  0.74 27.96 ? 3003 RUV A N5  1 
HETATM 1093 O O1  . RUV D 4 .   ? -4.418  -5.324  11.448  0.74 17.23 ? 3003 RUV A O1  1 
HETATM 1094 O O2  . RUV D 4 .   ? -7.726  -8.034  16.999  0.74 25.44 ? 3003 RUV A O2  1 
HETATM 1095 O O   . HOH E 5 .   ? -10.133 -3.318  -7.630  1.00 18.49 ? 3101 HOH A O   1 
HETATM 1096 O O   . HOH E 5 .   ? -8.629  8.406   7.746   1.00 30.24 ? 3102 HOH A O   1 
HETATM 1097 O O   . HOH E 5 .   ? -7.809  7.618   -4.124  1.00 23.47 ? 3103 HOH A O   1 
HETATM 1098 O O   . HOH E 5 .   ? 2.133   -12.953 12.719  1.00 18.21 ? 3104 HOH A O   1 
HETATM 1099 O O   . HOH E 5 .   ? 4.322   -13.053 10.138  1.00 48.28 ? 3105 HOH A O   1 
HETATM 1100 O O   . HOH E 5 .   ? 4.517   -11.849 14.457  1.00 21.74 ? 3106 HOH A O   1 
HETATM 1101 O O   . HOH E 5 .   ? 10.995  6.754   -9.362  1.00 11.55 ? 3107 HOH A O   1 
HETATM 1102 O O   . HOH E 5 .   ? 4.338   2.357   20.626  1.00 41.37 ? 3108 HOH A O   1 
HETATM 1103 O O   . HOH E 5 .   ? 6.023   6.229   14.640  1.00 20.54 ? 3109 HOH A O   1 
HETATM 1104 O O   . HOH E 5 .   ? -0.727  14.524  -11.814 1.00 25.34 ? 3110 HOH A O   1 
HETATM 1105 O O   . HOH E 5 .   ? 7.190   -4.842  17.880  1.00 20.79 ? 3111 HOH A O   1 
HETATM 1106 O O   . HOH E 5 .   ? 9.170   -7.153  3.954   1.00 35.02 ? 3112 HOH A O   1 
HETATM 1107 O O   . HOH E 5 .   ? -5.686  -5.783  21.889  1.00 52.43 ? 3113 HOH A O   1 
HETATM 1108 O O   . HOH E 5 .   ? 8.071   -9.178  18.640  1.00 15.64 ? 3114 HOH A O   1 
HETATM 1109 O O   . HOH E 5 .   ? 13.754  7.759   -2.579  1.00 47.57 ? 3115 HOH A O   1 
HETATM 1110 O O   . HOH E 5 .   ? -3.646  17.115  -8.514  1.00 40.18 ? 3116 HOH A O   1 
HETATM 1111 O O   . HOH E 5 .   ? -1.943  -4.440  10.691  0.74 10.27 ? 3117 HOH A O   1 
HETATM 1112 O O   . HOH E 5 .   ? 12.995  14.188  -6.879  1.00 44.07 ? 3118 HOH A O   1 
HETATM 1113 O O   . HOH E 5 .   ? -5.892  -10.766 14.893  1.00 30.11 ? 3119 HOH A O   1 
HETATM 1114 O O   . HOH E 5 .   ? 1.140   7.341   -15.668 1.00 37.62 ? 3120 HOH A O   1 
HETATM 1115 O O   . HOH E 5 .   ? 11.560  12.459  -13.834 1.00 28.84 ? 3121 HOH A O   1 
HETATM 1116 O O   . HOH E 5 .   ? 2.375   3.147   17.242  1.00 19.61 ? 3122 HOH A O   1 
HETATM 1117 O O   . HOH E 5 .   ? -3.231  -0.887  8.015   0.74 13.09 ? 3123 HOH A O   1 
HETATM 1118 O O   . HOH E 5 .   ? -7.297  11.032  -11.645 1.00 46.47 ? 3124 HOH A O   1 
HETATM 1119 O O   . HOH E 5 .   ? -3.377  0.330   20.621  1.00 29.49 ? 3125 HOH A O   1 
HETATM 1120 O O   . HOH E 5 .   ? 7.212   7.414   4.008   1.00 14.97 ? 3126 HOH A O   1 
HETATM 1121 O O   . HOH E 5 .   ? -0.738  -0.339  9.972   1.00 13.00 ? 3127 HOH A O   1 
HETATM 1122 O O   . HOH E 5 .   ? -9.672  4.667   12.112  1.00 28.51 ? 3128 HOH A O   1 
HETATM 1123 O O   . HOH E 5 .   ? -8.095  8.572   -13.754 1.00 22.64 ? 3129 HOH A O   1 
HETATM 1124 O O   . HOH E 5 .   ? 15.824  6.962   -4.067  1.00 31.61 ? 3130 HOH A O   1 
HETATM 1125 O O   . HOH E 5 .   ? -12.780 -5.584  -9.425  1.00 34.10 ? 3131 HOH A O   1 
HETATM 1126 O O   . HOH E 5 .   ? 11.920  -2.226  -10.943 1.00 26.39 ? 3132 HOH A O   1 
HETATM 1127 O O   . HOH E 5 .   ? 4.534   -4.705  -1.644  1.00 18.59 ? 3133 HOH A O   1 
HETATM 1128 O O   . HOH E 5 .   ? -12.988 2.108   -1.024  1.00 17.84 ? 3134 HOH A O   1 
HETATM 1129 O O   . HOH E 5 .   ? 15.074  -0.754  -2.946  1.00 36.46 ? 3135 HOH A O   1 
HETATM 1130 O O   . HOH E 5 .   ? 17.966  11.159  -9.045  1.00 24.75 ? 3136 HOH A O   1 
HETATM 1131 O O   . HOH E 5 .   ? -10.771 9.194   1.814   1.00 36.79 ? 3137 HOH A O   1 
HETATM 1132 O O   . HOH E 5 .   ? -11.410 4.731   22.525  1.00 77.54 ? 3138 HOH A O   1 
HETATM 1133 O O   . HOH E 5 .   ? 6.591   10.965  -17.282 1.00 31.88 ? 3139 HOH A O   1 
HETATM 1134 O O   . HOH E 5 .   ? 6.516   -7.293  1.287   1.00 33.51 ? 3140 HOH A O   1 
HETATM 1135 O O   . HOH E 5 .   ? 1.024   -12.346 -1.737  1.00 22.68 ? 3141 HOH A O   1 
HETATM 1136 O O   . HOH E 5 .   ? 0.807   -9.445  17.732  1.00 30.48 ? 3142 HOH A O   1 
HETATM 1137 O O   . HOH E 5 .   ? 8.281   14.010  -7.690  1.00 32.39 ? 3143 HOH A O   1 
HETATM 1138 O O   . HOH E 5 .   ? 3.952   7.533   -16.083 1.00 32.35 ? 3144 HOH A O   1 
HETATM 1139 O O   . HOH E 5 .   ? 14.067  -5.471  -9.001  1.00 52.20 ? 3145 HOH A O   1 
HETATM 1140 O O   . HOH E 5 .   ? -2.088  4.403   9.965   1.00 12.50 ? 3146 HOH A O   1 
HETATM 1141 O O   . HOH E 5 .   ? 3.916   5.620   10.265  1.00 13.71 ? 3147 HOH A O   1 
HETATM 1142 O O   . HOH E 5 .   ? 5.574   -10.014 6.066   1.00 23.27 ? 3148 HOH A O   1 
HETATM 1143 O O   . HOH E 5 .   ? 7.504   3.659   4.638   1.00 25.94 ? 3149 HOH A O   1 
HETATM 1144 O O   . HOH E 5 .   ? -5.804  -0.354  8.704   1.00 11.89 ? 3150 HOH A O   1 
HETATM 1145 O O   . HOH E 5 .   ? 1.579   19.271  -8.759  1.00 35.92 ? 3151 HOH A O   1 
HETATM 1146 O O   . HOH E 5 .   ? -2.027  -3.325  8.117   0.74 11.36 ? 3152 HOH A O   1 
HETATM 1147 O O   . HOH E 5 .   ? 9.742   1.811   -15.190 1.00 22.81 ? 3153 HOH A O   1 
HETATM 1148 O O   . HOH E 5 .   ? 4.185   0.236   -25.724 1.00 72.31 ? 3154 HOH A O   1 
HETATM 1149 O O   . HOH E 5 .   ? -5.528  10.761  5.739   1.00 23.78 ? 3155 HOH A O   1 
HETATM 1150 O O   . HOH E 5 .   ? 7.026   -4.016  -15.420 1.00 20.24 ? 3156 HOH A O   1 
HETATM 1151 O O   . HOH E 5 .   ? 4.470   17.462  -0.191  1.00 24.70 ? 3157 HOH A O   1 
HETATM 1152 O O   . HOH E 5 .   ? 7.772   -2.825  5.757   1.00 19.42 ? 3158 HOH A O   1 
HETATM 1153 O O   . HOH E 5 .   ? 9.348   -1.796  -6.584  1.00 20.40 ? 3159 HOH A O   1 
HETATM 1154 O O   . HOH E 5 .   ? 9.590   11.017  4.900   1.00 25.52 ? 3160 HOH A O   1 
HETATM 1155 O O   . HOH E 5 .   ? 8.333   -0.702  3.931   1.00 15.81 ? 3161 HOH A O   1 
HETATM 1156 O O   . HOH E 5 .   ? -5.498  9.222   -12.494 1.00 32.89 ? 3162 HOH A O   1 
HETATM 1157 O O   . HOH E 5 .   ? -4.902  -16.681 6.785   1.00 31.86 ? 3163 HOH A O   1 
HETATM 1158 O O   . HOH E 5 .   ? 8.403   5.939   2.040   1.00 26.05 ? 3164 HOH A O   1 
HETATM 1159 O O   . HOH E 5 .   ? -1.293  -0.858  -13.588 1.00 16.14 ? 3165 HOH A O   1 
HETATM 1160 O O   . HOH E 5 .   ? -2.568  9.512   9.170   1.00 13.85 ? 3166 HOH A O   1 
HETATM 1161 O O   . HOH E 5 .   ? 6.024   -8.680  8.566   1.00 13.55 ? 3167 HOH A O   1 
HETATM 1162 O O   . HOH E 5 .   ? 15.203  -6.411  -6.740  1.00 52.49 ? 3168 HOH A O   1 
HETATM 1163 O O   . HOH E 5 .   ? 2.562   -19.346 11.553  1.00 25.44 ? 3169 HOH A O   1 
HETATM 1164 O O   . HOH E 5 .   ? 0.480   14.672  5.580   1.00 19.12 ? 3170 HOH A O   1 
HETATM 1165 O O   . HOH E 5 .   ? -6.275  0.142   -12.789 1.00 15.18 ? 3171 HOH A O   1 
HETATM 1166 O O   . HOH E 5 .   ? -14.146 -4.980  -6.372  1.00 34.97 ? 3172 HOH A O   1 
HETATM 1167 O O   . HOH E 5 .   ? -1.290  3.261   -13.234 1.00 45.26 ? 3173 HOH A O   1 
HETATM 1168 O O   . HOH E 5 .   ? -15.481 -1.597  -5.152  1.00 17.98 ? 3174 HOH A O   1 
HETATM 1169 O O   . HOH E 5 .   ? 1.287   -1.358  -18.722 1.00 20.26 ? 3175 HOH A O   1 
HETATM 1170 O O   . HOH E 5 .   ? 1.428   -10.946 -8.029  1.00 15.23 ? 3176 HOH A O   1 
HETATM 1171 O O   . HOH E 5 .   ? 7.684   -4.525  -9.866  1.00 26.97 ? 3177 HOH A O   1 
HETATM 1172 O O   . HOH E 5 .   ? -2.156  17.306  5.042   1.00 26.67 ? 3178 HOH A O   1 
HETATM 1173 O O   . HOH E 5 .   ? -8.771  4.560   1.743   1.00 14.27 ? 3179 HOH A O   1 
HETATM 1174 O O   . HOH E 5 .   ? -8.106  11.470  -4.595  1.00 24.83 ? 3180 HOH A O   1 
HETATM 1175 O O   . HOH E 5 .   ? -0.296  18.957  -4.255  1.00 16.13 ? 3181 HOH A O   1 
HETATM 1176 O O   . HOH E 5 .   ? 6.456   6.632   6.027   1.00 30.16 ? 3182 HOH A O   1 
HETATM 1177 O O   . HOH E 5 .   ? 10.571  0.264   -1.972  1.00 14.90 ? 3183 HOH A O   1 
HETATM 1178 O O   . HOH E 5 .   ? -8.601  -3.055  10.404  0.74 11.91 ? 3184 HOH A O   1 
HETATM 1179 O O   . HOH E 5 .   ? 9.006   9.371   -15.488 1.00 26.90 ? 3185 HOH A O   1 
HETATM 1180 O O   . HOH E 5 .   ? -10.213 0.270   7.428   1.00 17.08 ? 3186 HOH A O   1 
HETATM 1181 O O   . HOH E 5 .   ? -3.664  18.776  -1.501  1.00 12.92 ? 3187 HOH A O   1 
HETATM 1182 O O   . HOH E 5 .   ? 6.486   -10.709 -14.539 1.00 27.00 ? 3188 HOH A O   1 
HETATM 1183 O O   . HOH E 5 .   ? 14.110  11.294  -2.964  1.00 32.05 ? 3189 HOH A O   1 
HETATM 1184 O O   . HOH E 5 .   ? 1.393   -17.111 12.816  1.00 25.09 ? 3190 HOH A O   1 
HETATM 1185 O O   . HOH E 5 .   ? 6.436   -2.624  8.310   1.00 22.27 ? 3191 HOH A O   1 
HETATM 1186 O O   . HOH E 5 .   ? -9.860  0.714   10.269  1.00 22.60 ? 3192 HOH A O   1 
HETATM 1187 O O   . HOH E 5 .   ? 14.528  7.758   -16.464 1.00 37.91 ? 3193 HOH A O   1 
HETATM 1188 O O   . HOH E 5 .   ? -1.444  11.742  7.669   1.00 16.55 ? 3194 HOH A O   1 
HETATM 1189 O O   . HOH E 5 .   ? -12.127 -7.004  -5.930  1.00 21.31 ? 3195 HOH A O   1 
HETATM 1190 O O   . HOH E 5 .   ? -7.358  -10.145 -6.959  1.00 17.90 ? 3196 HOH A O   1 
HETATM 1191 O O   . HOH E 5 .   ? 9.205   11.975  0.594   1.00 27.78 ? 3197 HOH A O   1 
HETATM 1192 O O   . HOH E 5 .   ? 9.994   2.657   -12.457 1.00 21.84 ? 3198 HOH A O   1 
HETATM 1193 O O   . HOH E 5 .   ? 6.646   13.334  -18.568 1.00 49.47 ? 3199 HOH A O   1 
HETATM 1194 O O   . HOH E 5 .   ? 1.052   11.977  6.381   1.00 16.01 ? 3200 HOH A O   1 
HETATM 1195 O O   . HOH E 5 .   ? -6.791  -16.554 14.010  1.00 41.16 ? 3201 HOH A O   1 
HETATM 1196 O O   . HOH E 5 .   ? -9.686  -1.052  12.316  0.74 16.45 ? 3202 HOH A O   1 
HETATM 1197 O O   . HOH E 5 .   ? 18.446  -0.475  -13.793 1.00 28.32 ? 3203 HOH A O   1 
HETATM 1198 O O   . HOH E 5 .   ? 6.045   16.919  -14.327 1.00 30.63 ? 3204 HOH A O   1 
HETATM 1199 O O   . HOH E 5 .   ? -0.011  3.882   -15.515 1.00 26.59 ? 3205 HOH A O   1 
HETATM 1200 O O   . HOH E 5 .   ? 4.500   14.579  -16.930 1.00 23.64 ? 3206 HOH A O   1 
HETATM 1201 O O   . HOH E 5 .   ? 17.496  -5.052  -6.495  1.00 39.96 ? 3207 HOH A O   1 
HETATM 1202 O O   . HOH E 5 .   ? -7.828  -7.946  -11.256 1.00 22.32 ? 3208 HOH A O   1 
HETATM 1203 O O   . HOH E 5 .   ? -3.102  1.833   10.648  1.00 15.04 ? 3209 HOH A O   1 
HETATM 1204 O O   . HOH E 5 .   ? 6.803   15.354  -5.719  1.00 29.18 ? 3210 HOH A O   1 
HETATM 1205 O O   . HOH E 5 .   ? 9.474   15.852  -11.076 1.00 43.14 ? 3211 HOH A O   1 
HETATM 1206 O O   . HOH E 5 .   ? 5.338   15.809  -9.852  1.00 36.23 ? 3212 HOH A O   1 
HETATM 1207 O O   . HOH E 5 .   ? 3.825   -9.513  17.019  1.00 30.13 ? 3213 HOH A O   1 
HETATM 1208 O O   . HOH E 5 .   ? -2.869  6.080   -15.369 1.00 34.64 ? 3214 HOH A O   1 
HETATM 1209 O O   . HOH E 5 .   ? -5.808  8.263   -5.792  1.00 22.15 ? 3215 HOH A O   1 
HETATM 1210 O O   . HOH E 5 .   ? 2.583   -10.629 -12.856 1.00 7.83  ? 3216 HOH A O   1 
HETATM 1211 O O   . HOH E 5 .   ? 10.720  -3.656  -3.826  1.00 33.20 ? 3217 HOH A O   1 
HETATM 1212 O O   . HOH E 5 .   ? -5.978  8.378   7.394   1.00 20.77 ? 3218 HOH A O   1 
HETATM 1213 O O   . HOH E 5 .   ? -17.476 -5.778  -0.642  1.00 35.89 ? 3219 HOH A O   1 
HETATM 1214 O O   . HOH E 5 .   ? -10.362 -6.101  -7.848  1.00 16.80 ? 3220 HOH A O   1 
HETATM 1215 O O   . HOH E 5 .   ? 8.718   -4.183  -1.736  1.00 25.33 ? 3221 HOH A O   1 
HETATM 1216 O O   . HOH E 5 .   ? -6.401  5.519   15.011  1.00 24.82 ? 3222 HOH A O   1 
HETATM 1217 O O   . HOH E 5 .   ? 18.533  -0.903  -5.979  1.00 29.97 ? 3223 HOH A O   1 
HETATM 1218 O O   . HOH E 5 .   ? -0.865  1.370   -17.360 1.00 29.22 ? 3224 HOH A O   1 
HETATM 1219 O O   . HOH E 5 .   ? 9.373   -1.637  -0.337  1.00 18.73 ? 3225 HOH A O   1 
HETATM 1220 O O   . HOH E 5 .   ? 1.366   -13.932 15.004  1.00 38.90 ? 3226 HOH A O   1 
HETATM 1221 O O   . HOH E 5 .   ? 12.659  0.720   -0.113  1.00 34.87 ? 3227 HOH A O   1 
HETATM 1222 O O   . HOH E 5 .   ? 2.888   -10.510 -3.412  1.00 24.23 ? 3228 HOH A O   1 
HETATM 1223 O O   . HOH E 5 .   ? 11.942  4.384   0.266   1.00 38.08 ? 3229 HOH A O   1 
HETATM 1224 O O   . HOH E 5 .   ? -1.139  -19.561 13.668  1.00 28.00 ? 3230 HOH A O   1 
HETATM 1225 O O   . HOH E 5 .   ? -7.153  -22.197 10.788  1.00 45.60 ? 3231 HOH A O   1 
HETATM 1226 O O   . HOH E 5 .   ? -14.185 7.273   6.655   1.00 40.66 ? 3232 HOH A O   1 
HETATM 1227 O O   . HOH E 5 .   ? -9.016  -8.653  -8.629  1.00 19.35 ? 3233 HOH A O   1 
HETATM 1228 O O   . HOH E 5 .   ? -13.819 -2.083  8.258   1.00 30.36 ? 3234 HOH A O   1 
HETATM 1229 O O   . HOH E 5 .   ? 8.089   -0.713  9.593   1.00 32.65 ? 3235 HOH A O   1 
HETATM 1230 O O   . HOH E 5 .   ? -13.573 2.695   -3.825  1.00 17.59 ? 3236 HOH A O   1 
HETATM 1231 O O   . HOH E 5 .   ? -3.176  0.714   -12.165 1.00 29.79 ? 3237 HOH A O   1 
HETATM 1232 O O   . HOH E 5 .   ? -5.371  6.886   -20.530 1.00 25.95 ? 3238 HOH A O   1 
HETATM 1233 O O   . HOH E 5 .   ? 8.983   -2.838  -16.883 1.00 27.24 ? 3239 HOH A O   1 
HETATM 1234 O O   . HOH E 5 .   ? -13.801 3.205   4.887   1.00 30.94 ? 3240 HOH A O   1 
HETATM 1235 O O   . HOH E 5 .   ? 9.334   1.568   5.234   1.00 31.23 ? 3241 HOH A O   1 
HETATM 1236 O O   . HOH E 5 .   ? 10.601  15.303  -7.128  1.00 37.05 ? 3242 HOH A O   1 
HETATM 1237 O O   . HOH E 5 .   ? 6.475   -4.997  -3.684  1.00 28.17 ? 3243 HOH A O   1 
HETATM 1238 O O   . HOH E 5 .   ? -12.788 1.587   6.852   1.00 29.20 ? 3244 HOH A O   1 
HETATM 1239 O O   . HOH E 5 .   ? -19.566 -4.555  0.813   1.00 25.13 ? 3245 HOH A O   1 
HETATM 1240 O O   . HOH E 5 .   ? 13.931  5.947   -0.632  1.00 37.21 ? 3246 HOH A O   1 
HETATM 1241 O O   . HOH E 5 .   ? 5.618   17.296  -7.286  1.00 49.27 ? 3247 HOH A O   1 
HETATM 1242 O O   . HOH E 5 .   ? 11.019  15.258  -13.237 1.00 30.78 ? 3248 HOH A O   1 
HETATM 1243 O O   . HOH E 5 .   ? 1.606   14.656  3.066   1.00 12.92 ? 3249 HOH A O   1 
HETATM 1244 O O   . HOH E 5 .   ? 8.584   -4.908  -12.926 1.00 31.45 ? 3250 HOH A O   1 
HETATM 1245 O O   . HOH E 5 .   ? 10.321  -1.389  2.196   1.00 28.53 ? 3251 HOH A O   1 
HETATM 1246 O O   . HOH E 5 .   ? -11.098 -4.240  10.135  1.00 21.45 ? 3252 HOH A O   1 
HETATM 1247 O O   . HOH E 5 .   ? 1.312   10.727  -23.456 1.00 40.67 ? 3253 HOH A O   1 
HETATM 1248 O O   . HOH E 5 .   ? 6.907   -5.834  -6.481  1.00 32.14 ? 3254 HOH A O   1 
# 
